data_2ABX
# 
_entry.id   2ABX 
# 
_audit_conform.dict_name       mmcif_pdbx.dic 
_audit_conform.dict_version    5.397 
_audit_conform.dict_location   http://mmcif.pdb.org/dictionaries/ascii/mmcif_pdbx.dic 
# 
loop_
_database_2.database_id 
_database_2.database_code 
_database_2.pdbx_database_accession 
_database_2.pdbx_DOI 
PDB   2ABX         pdb_00002abx 10.2210/pdb2abx/pdb 
WWPDB D_1000177731 ?            ?                   
# 
loop_
_pdbx_audit_revision_history.ordinal 
_pdbx_audit_revision_history.data_content_type 
_pdbx_audit_revision_history.major_revision 
_pdbx_audit_revision_history.minor_revision 
_pdbx_audit_revision_history.revision_date 
1 'Structure model' 1 0 1986-05-07 
2 'Structure model' 1 1 2008-03-24 
3 'Structure model' 1 2 2011-07-13 
4 'Structure model' 1 3 2024-06-05 
5 'Structure model' 1 4 2024-10-09 
# 
_pdbx_audit_revision_details.ordinal             1 
_pdbx_audit_revision_details.revision_ordinal    1 
_pdbx_audit_revision_details.data_content_type   'Structure model' 
_pdbx_audit_revision_details.provider            repository 
_pdbx_audit_revision_details.type                'Initial release' 
_pdbx_audit_revision_details.description         ? 
_pdbx_audit_revision_details.details             ? 
# 
loop_
_pdbx_audit_revision_group.ordinal 
_pdbx_audit_revision_group.revision_ordinal 
_pdbx_audit_revision_group.data_content_type 
_pdbx_audit_revision_group.group 
1 2 'Structure model' 'Version format compliance' 
2 3 'Structure model' 'Version format compliance' 
3 4 'Structure model' 'Data collection'           
4 4 'Structure model' 'Database references'       
5 4 'Structure model' Other                       
6 5 'Structure model' 'Structure summary'         
# 
loop_
_pdbx_audit_revision_category.ordinal 
_pdbx_audit_revision_category.revision_ordinal 
_pdbx_audit_revision_category.data_content_type 
_pdbx_audit_revision_category.category 
1 4 'Structure model' chem_comp_atom            
2 4 'Structure model' chem_comp_bond            
3 4 'Structure model' database_2                
4 4 'Structure model' pdbx_database_status      
5 4 'Structure model' struct_ref_seq_dif        
6 5 'Structure model' pdbx_entry_details        
7 5 'Structure model' pdbx_modification_feature 
# 
loop_
_pdbx_audit_revision_item.ordinal 
_pdbx_audit_revision_item.revision_ordinal 
_pdbx_audit_revision_item.data_content_type 
_pdbx_audit_revision_item.item 
1 4 'Structure model' '_database_2.pdbx_DOI'                
2 4 'Structure model' '_database_2.pdbx_database_accession' 
3 4 'Structure model' '_pdbx_database_status.process_site'  
4 4 'Structure model' '_struct_ref_seq_dif.details'         
# 
_pdbx_database_PDB_obs_spr.id               SPRSDE 
_pdbx_database_PDB_obs_spr.date             1986-05-07 
_pdbx_database_PDB_obs_spr.pdb_id           2ABX 
_pdbx_database_PDB_obs_spr.replace_pdb_id   1ABX 
_pdbx_database_PDB_obs_spr.details          ? 
# 
_pdbx_database_status.status_code                     REL 
_pdbx_database_status.entry_id                        2ABX 
_pdbx_database_status.recvd_initial_deposition_date   1986-02-19 
_pdbx_database_status.deposit_site                    ? 
_pdbx_database_status.process_site                    BNL 
_pdbx_database_status.SG_entry                        . 
_pdbx_database_status.pdb_format_compatible           Y 
_pdbx_database_status.status_code_mr                  ? 
_pdbx_database_status.status_code_sf                  ? 
_pdbx_database_status.status_code_cs                  ? 
_pdbx_database_status.status_code_nmr_data            ? 
_pdbx_database_status.methods_development_category    ? 
# 
loop_
_audit_author.name 
_audit_author.pdbx_ordinal 
'Love, R.'   1 
'Stroud, R.' 2 
# 
loop_
_citation.id 
_citation.title 
_citation.journal_abbrev 
_citation.journal_volume 
_citation.page_first 
_citation.page_last 
_citation.year 
_citation.journal_id_ASTM 
_citation.country 
_citation.journal_id_ISSN 
_citation.journal_id_CSD 
_citation.book_publisher 
_citation.pdbx_database_id_PubMed 
_citation.pdbx_database_id_DOI 
primary 
;The crystal structure of alpha-bungarotoxin at 2.5 A resolution: relation to solution structure and binding to acetylcholine receptor.
;
'Protein Eng.'             1  37  46 1986 PRENE9 UK 0269-2139 0859 ? 3507686 10.1093/protein/1.1.37 
1       
;Alpha-Bungarotoxin Structure Revealed by a Rapid Method for Averaging Electron Density of Non-Crystallographically Translationally Related Molecules
;
'Acta Crystallogr.,Sect.A' 38 186 ?  1982 ACACEQ DK 0108-7673 0621 ? ?       ?                      
# 
loop_
_citation_author.citation_id 
_citation_author.name 
_citation_author.ordinal 
_citation_author.identifier_ORCID 
primary 'Love, R.A.'   1 ? 
primary 'Stroud, R.M.' 2 ? 
1       'Agard, D.A.'  3 ? 
1       'Stroud, R.M.' 4 ? 
# 
loop_
_entity.id 
_entity.type 
_entity.src_method 
_entity.pdbx_description 
_entity.formula_weight 
_entity.pdbx_number_of_molecules 
_entity.pdbx_ec 
_entity.pdbx_mutation 
_entity.pdbx_fragment 
_entity.details 
1 polymer man ALPHA-BUNGAROTOXIN 8005.281 2  ? ? ? ? 
2 water   nat water              18.015   16 ? ? ? ? 
# 
_entity_poly.entity_id                      1 
_entity_poly.type                           'polypeptide(L)' 
_entity_poly.nstd_linkage                   no 
_entity_poly.nstd_monomer                   no 
_entity_poly.pdbx_seq_one_letter_code       IVCHTTATIPSSAVTCPPGENLCYRKMWCDAFCSSRGKVVELGCAATCPSKKPYEEVTCCSTDKCNHPPKRQPG 
_entity_poly.pdbx_seq_one_letter_code_can   IVCHTTATIPSSAVTCPPGENLCYRKMWCDAFCSSRGKVVELGCAATCPSKKPYEEVTCCSTDKCNHPPKRQPG 
_entity_poly.pdbx_strand_id                 A,B 
_entity_poly.pdbx_target_identifier         ? 
# 
_pdbx_entity_nonpoly.entity_id   2 
_pdbx_entity_nonpoly.name        water 
_pdbx_entity_nonpoly.comp_id     HOH 
# 
loop_
_entity_poly_seq.entity_id 
_entity_poly_seq.num 
_entity_poly_seq.mon_id 
_entity_poly_seq.hetero 
1 1  ILE n 
1 2  VAL n 
1 3  CYS n 
1 4  HIS n 
1 5  THR n 
1 6  THR n 
1 7  ALA n 
1 8  THR n 
1 9  ILE n 
1 10 PRO n 
1 11 SER n 
1 12 SER n 
1 13 ALA n 
1 14 VAL n 
1 15 THR n 
1 16 CYS n 
1 17 PRO n 
1 18 PRO n 
1 19 GLY n 
1 20 GLU n 
1 21 ASN n 
1 22 LEU n 
1 23 CYS n 
1 24 TYR n 
1 25 ARG n 
1 26 LYS n 
1 27 MET n 
1 28 TRP n 
1 29 CYS n 
1 30 ASP n 
1 31 ALA n 
1 32 PHE n 
1 33 CYS n 
1 34 SER n 
1 35 SER n 
1 36 ARG n 
1 37 GLY n 
1 38 LYS n 
1 39 VAL n 
1 40 VAL n 
1 41 GLU n 
1 42 LEU n 
1 43 GLY n 
1 44 CYS n 
1 45 ALA n 
1 46 ALA n 
1 47 THR n 
1 48 CYS n 
1 49 PRO n 
1 50 SER n 
1 51 LYS n 
1 52 LYS n 
1 53 PRO n 
1 54 TYR n 
1 55 GLU n 
1 56 GLU n 
1 57 VAL n 
1 58 THR n 
1 59 CYS n 
1 60 CYS n 
1 61 SER n 
1 62 THR n 
1 63 ASP n 
1 64 LYS n 
1 65 CYS n 
1 66 ASN n 
1 67 HIS n 
1 68 PRO n 
1 69 PRO n 
1 70 LYS n 
1 71 ARG n 
1 72 GLN n 
1 73 PRO n 
1 74 GLY n 
# 
_entity_src_gen.entity_id                          1 
_entity_src_gen.pdbx_src_id                        1 
_entity_src_gen.pdbx_alt_source_flag               sample 
_entity_src_gen.pdbx_seq_type                      ? 
_entity_src_gen.pdbx_beg_seq_num                   ? 
_entity_src_gen.pdbx_end_seq_num                   ? 
_entity_src_gen.gene_src_common_name               'many-banded krait' 
_entity_src_gen.gene_src_genus                     Bungarus 
_entity_src_gen.pdbx_gene_src_gene                 ? 
_entity_src_gen.gene_src_species                   ? 
_entity_src_gen.gene_src_strain                    ? 
_entity_src_gen.gene_src_tissue                    VENOM 
_entity_src_gen.gene_src_tissue_fraction           ? 
_entity_src_gen.gene_src_details                   ? 
_entity_src_gen.pdbx_gene_src_fragment             ? 
_entity_src_gen.pdbx_gene_src_scientific_name      'Bungarus multicinctus' 
_entity_src_gen.pdbx_gene_src_ncbi_taxonomy_id     8616 
_entity_src_gen.pdbx_gene_src_variant              ? 
_entity_src_gen.pdbx_gene_src_cell_line            ? 
_entity_src_gen.pdbx_gene_src_atcc                 ? 
_entity_src_gen.pdbx_gene_src_organ                ? 
_entity_src_gen.pdbx_gene_src_organelle            ? 
_entity_src_gen.pdbx_gene_src_cell                 ? 
_entity_src_gen.pdbx_gene_src_cellular_location    ? 
_entity_src_gen.host_org_common_name               ? 
_entity_src_gen.pdbx_host_org_scientific_name      ? 
_entity_src_gen.pdbx_host_org_ncbi_taxonomy_id     ? 
_entity_src_gen.host_org_genus                     ? 
_entity_src_gen.pdbx_host_org_gene                 ? 
_entity_src_gen.pdbx_host_org_organ                ? 
_entity_src_gen.host_org_species                   ? 
_entity_src_gen.pdbx_host_org_tissue               ? 
_entity_src_gen.pdbx_host_org_tissue_fraction      ? 
_entity_src_gen.pdbx_host_org_strain               ? 
_entity_src_gen.pdbx_host_org_variant              ? 
_entity_src_gen.pdbx_host_org_cell_line            ? 
_entity_src_gen.pdbx_host_org_atcc                 ? 
_entity_src_gen.pdbx_host_org_culture_collection   ? 
_entity_src_gen.pdbx_host_org_cell                 ? 
_entity_src_gen.pdbx_host_org_organelle            ? 
_entity_src_gen.pdbx_host_org_cellular_location    ? 
_entity_src_gen.pdbx_host_org_vector_type          ? 
_entity_src_gen.pdbx_host_org_vector               ? 
_entity_src_gen.host_org_details                   ? 
_entity_src_gen.expression_system_id               ? 
_entity_src_gen.plasmid_name                       ? 
_entity_src_gen.plasmid_details                    ? 
_entity_src_gen.pdbx_description                   ? 
# 
loop_
_chem_comp.id 
_chem_comp.type 
_chem_comp.mon_nstd_flag 
_chem_comp.name 
_chem_comp.pdbx_synonyms 
_chem_comp.formula 
_chem_comp.formula_weight 
ALA 'L-peptide linking' y ALANINE         ? 'C3 H7 N O2'     89.093  
ARG 'L-peptide linking' y ARGININE        ? 'C6 H15 N4 O2 1' 175.209 
ASN 'L-peptide linking' y ASPARAGINE      ? 'C4 H8 N2 O3'    132.118 
ASP 'L-peptide linking' y 'ASPARTIC ACID' ? 'C4 H7 N O4'     133.103 
CYS 'L-peptide linking' y CYSTEINE        ? 'C3 H7 N O2 S'   121.158 
GLN 'L-peptide linking' y GLUTAMINE       ? 'C5 H10 N2 O3'   146.144 
GLU 'L-peptide linking' y 'GLUTAMIC ACID' ? 'C5 H9 N O4'     147.129 
GLY 'peptide linking'   y GLYCINE         ? 'C2 H5 N O2'     75.067  
HIS 'L-peptide linking' y HISTIDINE       ? 'C6 H10 N3 O2 1' 156.162 
HOH non-polymer         . WATER           ? 'H2 O'           18.015  
ILE 'L-peptide linking' y ISOLEUCINE      ? 'C6 H13 N O2'    131.173 
LEU 'L-peptide linking' y LEUCINE         ? 'C6 H13 N O2'    131.173 
LYS 'L-peptide linking' y LYSINE          ? 'C6 H15 N2 O2 1' 147.195 
MET 'L-peptide linking' y METHIONINE      ? 'C5 H11 N O2 S'  149.211 
PHE 'L-peptide linking' y PHENYLALANINE   ? 'C9 H11 N O2'    165.189 
PRO 'L-peptide linking' y PROLINE         ? 'C5 H9 N O2'     115.130 
SER 'L-peptide linking' y SERINE          ? 'C3 H7 N O3'     105.093 
THR 'L-peptide linking' y THREONINE       ? 'C4 H9 N O3'     119.119 
TRP 'L-peptide linking' y TRYPTOPHAN      ? 'C11 H12 N2 O2'  204.225 
TYR 'L-peptide linking' y TYROSINE        ? 'C9 H11 N O3'    181.189 
VAL 'L-peptide linking' y VALINE          ? 'C5 H11 N O2'    117.146 
# 
loop_
_pdbx_poly_seq_scheme.asym_id 
_pdbx_poly_seq_scheme.entity_id 
_pdbx_poly_seq_scheme.seq_id 
_pdbx_poly_seq_scheme.mon_id 
_pdbx_poly_seq_scheme.ndb_seq_num 
_pdbx_poly_seq_scheme.pdb_seq_num 
_pdbx_poly_seq_scheme.auth_seq_num 
_pdbx_poly_seq_scheme.pdb_mon_id 
_pdbx_poly_seq_scheme.auth_mon_id 
_pdbx_poly_seq_scheme.pdb_strand_id 
_pdbx_poly_seq_scheme.pdb_ins_code 
_pdbx_poly_seq_scheme.hetero 
A 1 1  ILE 1  1  1  ILE ILE A . n 
A 1 2  VAL 2  2  2  VAL VAL A . n 
A 1 3  CYS 3  3  3  CYS CYS A . n 
A 1 4  HIS 4  4  4  HIS HIS A . n 
A 1 5  THR 5  5  5  THR THR A . n 
A 1 6  THR 6  6  6  THR THR A . n 
A 1 7  ALA 7  7  7  ALA ALA A . n 
A 1 8  THR 8  8  8  THR THR A . n 
A 1 9  ILE 9  9  9  ILE ILE A . n 
A 1 10 PRO 10 10 10 PRO PRO A . n 
A 1 11 SER 11 11 11 SER SER A . n 
A 1 12 SER 12 12 12 SER SER A . n 
A 1 13 ALA 13 13 13 ALA ALA A . n 
A 1 14 VAL 14 14 14 VAL VAL A . n 
A 1 15 THR 15 15 15 THR THR A . n 
A 1 16 CYS 16 16 16 CYS CYS A . n 
A 1 17 PRO 17 17 17 PRO PRO A . n 
A 1 18 PRO 18 18 18 PRO PRO A . n 
A 1 19 GLY 19 19 19 GLY GLY A . n 
A 1 20 GLU 20 20 20 GLU GLU A . n 
A 1 21 ASN 21 21 21 ASN ASN A . n 
A 1 22 LEU 22 22 22 LEU LEU A . n 
A 1 23 CYS 23 23 23 CYS CYS A . n 
A 1 24 TYR 24 24 24 TYR TYR A . n 
A 1 25 ARG 25 25 25 ARG ARG A . n 
A 1 26 LYS 26 26 26 LYS LYS A . n 
A 1 27 MET 27 27 27 MET MET A . n 
A 1 28 TRP 28 28 28 TRP TRP A . n 
A 1 29 CYS 29 29 29 CYS CYS A . n 
A 1 30 ASP 30 30 30 ASP ASP A . n 
A 1 31 ALA 31 31 31 ALA ALA A . n 
A 1 32 PHE 32 32 32 PHE PHE A . n 
A 1 33 CYS 33 33 33 CYS CYS A . n 
A 1 34 SER 34 34 34 SER SER A . n 
A 1 35 SER 35 35 35 SER SER A . n 
A 1 36 ARG 36 36 36 ARG ARG A . n 
A 1 37 GLY 37 37 37 GLY GLY A . n 
A 1 38 LYS 38 38 38 LYS LYS A . n 
A 1 39 VAL 39 39 39 VAL VAL A . n 
A 1 40 VAL 40 40 40 VAL VAL A . n 
A 1 41 GLU 41 41 41 GLU GLU A . n 
A 1 42 LEU 42 42 42 LEU LEU A . n 
A 1 43 GLY 43 43 43 GLY GLY A . n 
A 1 44 CYS 44 44 44 CYS CYS A . n 
A 1 45 ALA 45 45 45 ALA ALA A . n 
A 1 46 ALA 46 46 46 ALA ALA A . n 
A 1 47 THR 47 47 47 THR THR A . n 
A 1 48 CYS 48 48 48 CYS CYS A . n 
A 1 49 PRO 49 49 49 PRO PRO A . n 
A 1 50 SER 50 50 50 SER SER A . n 
A 1 51 LYS 51 51 51 LYS LYS A . n 
A 1 52 LYS 52 52 52 LYS LYS A . n 
A 1 53 PRO 53 53 53 PRO PRO A . n 
A 1 54 TYR 54 54 54 TYR TYR A . n 
A 1 55 GLU 55 55 55 GLU GLU A . n 
A 1 56 GLU 56 56 56 GLU GLU A . n 
A 1 57 VAL 57 57 57 VAL VAL A . n 
A 1 58 THR 58 58 58 THR THR A . n 
A 1 59 CYS 59 59 59 CYS CYS A . n 
A 1 60 CYS 60 60 60 CYS CYS A . n 
A 1 61 SER 61 61 61 SER SER A . n 
A 1 62 THR 62 62 62 THR THR A . n 
A 1 63 ASP 63 63 63 ASP ASP A . n 
A 1 64 LYS 64 64 64 LYS LYS A . n 
A 1 65 CYS 65 65 65 CYS CYS A . n 
A 1 66 ASN 66 66 66 ASN ASN A . n 
A 1 67 HIS 67 67 67 HIS HIS A . n 
A 1 68 PRO 68 68 68 PRO PRO A . n 
A 1 69 PRO 69 69 69 PRO PRO A . n 
A 1 70 LYS 70 70 70 LYS LYS A . n 
A 1 71 ARG 71 71 71 ARG ARG A . n 
A 1 72 GLN 72 72 72 GLN GLN A . n 
A 1 73 PRO 73 73 73 PRO PRO A . n 
A 1 74 GLY 74 74 74 GLY GLY A . n 
B 1 1  ILE 1  1  1  ILE ILE B . n 
B 1 2  VAL 2  2  2  VAL VAL B . n 
B 1 3  CYS 3  3  3  CYS CYS B . n 
B 1 4  HIS 4  4  4  HIS HIS B . n 
B 1 5  THR 5  5  5  THR THR B . n 
B 1 6  THR 6  6  6  THR THR B . n 
B 1 7  ALA 7  7  7  ALA ALA B . n 
B 1 8  THR 8  8  8  THR THR B . n 
B 1 9  ILE 9  9  9  ILE ILE B . n 
B 1 10 PRO 10 10 10 PRO PRO B . n 
B 1 11 SER 11 11 11 SER SER B . n 
B 1 12 SER 12 12 12 SER SER B . n 
B 1 13 ALA 13 13 13 ALA ALA B . n 
B 1 14 VAL 14 14 14 VAL VAL B . n 
B 1 15 THR 15 15 15 THR THR B . n 
B 1 16 CYS 16 16 16 CYS CYS B . n 
B 1 17 PRO 17 17 17 PRO PRO B . n 
B 1 18 PRO 18 18 18 PRO PRO B . n 
B 1 19 GLY 19 19 19 GLY GLY B . n 
B 1 20 GLU 20 20 20 GLU GLU B . n 
B 1 21 ASN 21 21 21 ASN ASN B . n 
B 1 22 LEU 22 22 22 LEU LEU B . n 
B 1 23 CYS 23 23 23 CYS CYS B . n 
B 1 24 TYR 24 24 24 TYR TYR B . n 
B 1 25 ARG 25 25 25 ARG ARG B . n 
B 1 26 LYS 26 26 26 LYS LYS B . n 
B 1 27 MET 27 27 27 MET MET B . n 
B 1 28 TRP 28 28 28 TRP TRP B . n 
B 1 29 CYS 29 29 29 CYS CYS B . n 
B 1 30 ASP 30 30 30 ASP ASP B . n 
B 1 31 ALA 31 31 31 ALA ALA B . n 
B 1 32 PHE 32 32 32 PHE PHE B . n 
B 1 33 CYS 33 33 33 CYS CYS B . n 
B 1 34 SER 34 34 34 SER SER B . n 
B 1 35 SER 35 35 35 SER SER B . n 
B 1 36 ARG 36 36 36 ARG ARG B . n 
B 1 37 GLY 37 37 37 GLY GLY B . n 
B 1 38 LYS 38 38 38 LYS LYS B . n 
B 1 39 VAL 39 39 39 VAL VAL B . n 
B 1 40 VAL 40 40 40 VAL VAL B . n 
B 1 41 GLU 41 41 41 GLU GLU B . n 
B 1 42 LEU 42 42 42 LEU LEU B . n 
B 1 43 GLY 43 43 43 GLY GLY B . n 
B 1 44 CYS 44 44 44 CYS CYS B . n 
B 1 45 ALA 45 45 45 ALA ALA B . n 
B 1 46 ALA 46 46 46 ALA ALA B . n 
B 1 47 THR 47 47 47 THR THR B . n 
B 1 48 CYS 48 48 48 CYS CYS B . n 
B 1 49 PRO 49 49 49 PRO PRO B . n 
B 1 50 SER 50 50 50 SER SER B . n 
B 1 51 LYS 51 51 51 LYS LYS B . n 
B 1 52 LYS 52 52 52 LYS LYS B . n 
B 1 53 PRO 53 53 53 PRO PRO B . n 
B 1 54 TYR 54 54 54 TYR TYR B . n 
B 1 55 GLU 55 55 55 GLU GLU B . n 
B 1 56 GLU 56 56 56 GLU GLU B . n 
B 1 57 VAL 57 57 57 VAL VAL B . n 
B 1 58 THR 58 58 58 THR THR B . n 
B 1 59 CYS 59 59 59 CYS CYS B . n 
B 1 60 CYS 60 60 60 CYS CYS B . n 
B 1 61 SER 61 61 61 SER SER B . n 
B 1 62 THR 62 62 62 THR THR B . n 
B 1 63 ASP 63 63 63 ASP ASP B . n 
B 1 64 LYS 64 64 64 LYS LYS B . n 
B 1 65 CYS 65 65 65 CYS CYS B . n 
B 1 66 ASN 66 66 66 ASN ASN B . n 
B 1 67 HIS 67 67 67 HIS HIS B . n 
B 1 68 PRO 68 68 68 PRO PRO B . n 
B 1 69 PRO 69 69 69 PRO PRO B . n 
B 1 70 LYS 70 70 70 LYS LYS B . n 
B 1 71 ARG 71 71 71 ARG ARG B . n 
B 1 72 GLN 72 72 72 GLN GLN B . n 
B 1 73 PRO 73 73 73 PRO PRO B . n 
B 1 74 GLY 74 74 74 GLY GLY B . n 
# 
loop_
_pdbx_nonpoly_scheme.asym_id 
_pdbx_nonpoly_scheme.entity_id 
_pdbx_nonpoly_scheme.mon_id 
_pdbx_nonpoly_scheme.ndb_seq_num 
_pdbx_nonpoly_scheme.pdb_seq_num 
_pdbx_nonpoly_scheme.auth_seq_num 
_pdbx_nonpoly_scheme.pdb_mon_id 
_pdbx_nonpoly_scheme.auth_mon_id 
_pdbx_nonpoly_scheme.pdb_strand_id 
_pdbx_nonpoly_scheme.pdb_ins_code 
C 2 HOH 1  200 200 HOH HOH A . 
C 2 HOH 2  201 201 HOH HOH A . 
C 2 HOH 3  202 202 HOH HOH A . 
C 2 HOH 4  205 205 HOH HOH A . 
C 2 HOH 5  209 209 HOH HOH A . 
C 2 HOH 6  211 211 HOH HOH A . 
C 2 HOH 7  214 214 HOH HOH A . 
C 2 HOH 8  215 215 HOH HOH A . 
C 2 HOH 9  217 217 HOH HOH A . 
C 2 HOH 10 500 500 HOH HOH A . 
D 2 HOH 1  207 207 HOH HOH B . 
D 2 HOH 2  208 208 HOH HOH B . 
D 2 HOH 3  210 210 HOH HOH B . 
D 2 HOH 4  212 212 HOH HOH B . 
D 2 HOH 5  213 213 HOH HOH B . 
D 2 HOH 6  218 218 HOH HOH B . 
# 
_software.name             PROLSQ 
_software.classification   refinement 
_software.version          . 
_software.citation_id      ? 
_software.pdbx_ordinal     1 
# 
_cell.entry_id           2ABX 
_cell.length_a           67.800 
_cell.length_b           78.400 
_cell.length_c           22.400 
_cell.angle_alpha        90.00 
_cell.angle_beta         90.00 
_cell.angle_gamma        90.00 
_cell.Z_PDB              8 
_cell.pdbx_unique_axis   ? 
# 
_symmetry.entry_id                         2ABX 
_symmetry.space_group_name_H-M             'P 21 21 21' 
_symmetry.pdbx_full_space_group_name_H-M   ? 
_symmetry.cell_setting                     ? 
_symmetry.Int_Tables_number                19 
# 
_exptl.entry_id          2ABX 
_exptl.method            'X-RAY DIFFRACTION' 
_exptl.crystals_number   ? 
# 
_exptl_crystal.id                    1 
_exptl_crystal.density_meas          ? 
_exptl_crystal.density_Matthews      1.86 
_exptl_crystal.density_percent_sol   33.78 
_exptl_crystal.description           ? 
# 
_refine.entry_id                                 2ABX 
_refine.ls_number_reflns_obs                     ? 
_refine.ls_number_reflns_all                     ? 
_refine.pdbx_ls_sigma_I                          ? 
_refine.pdbx_ls_sigma_F                          ? 
_refine.pdbx_data_cutoff_high_absF               ? 
_refine.pdbx_data_cutoff_low_absF                ? 
_refine.pdbx_data_cutoff_high_rms_absF           ? 
_refine.ls_d_res_low                             ? 
_refine.ls_d_res_high                            2.5 
_refine.ls_percent_reflns_obs                    ? 
_refine.ls_R_factor_obs                          0.24 
_refine.ls_R_factor_all                          ? 
_refine.ls_R_factor_R_work                       ? 
_refine.ls_R_factor_R_free                       ? 
_refine.ls_R_factor_R_free_error                 ? 
_refine.ls_R_factor_R_free_error_details         ? 
_refine.ls_percent_reflns_R_free                 ? 
_refine.ls_number_reflns_R_free                  ? 
_refine.ls_number_parameters                     ? 
_refine.ls_number_restraints                     ? 
_refine.occupancy_min                            ? 
_refine.occupancy_max                            ? 
_refine.B_iso_mean                               ? 
_refine.aniso_B[1][1]                            ? 
_refine.aniso_B[2][2]                            ? 
_refine.aniso_B[3][3]                            ? 
_refine.aniso_B[1][2]                            ? 
_refine.aniso_B[1][3]                            ? 
_refine.aniso_B[2][3]                            ? 
_refine.solvent_model_details                    ? 
_refine.solvent_model_param_ksol                 ? 
_refine.solvent_model_param_bsol                 ? 
_refine.pdbx_ls_cross_valid_method               ? 
_refine.details                                  ? 
_refine.pdbx_starting_model                      ? 
_refine.pdbx_method_to_determine_struct          ? 
_refine.pdbx_isotropic_thermal_model             ? 
_refine.pdbx_stereochemistry_target_values       ? 
_refine.pdbx_stereochem_target_val_spec_case     ? 
_refine.pdbx_R_Free_selection_details            ? 
_refine.pdbx_overall_ESU_R                       ? 
_refine.pdbx_overall_ESU_R_Free                  ? 
_refine.overall_SU_ML                            ? 
_refine.overall_SU_B                             ? 
_refine.pdbx_refine_id                           'X-RAY DIFFRACTION' 
_refine.pdbx_diffrn_id                           1 
_refine.pdbx_TLS_residual_ADP_flag               ? 
_refine.correlation_coeff_Fo_to_Fc               ? 
_refine.correlation_coeff_Fo_to_Fc_free          ? 
_refine.pdbx_solvent_vdw_probe_radii             ? 
_refine.pdbx_solvent_ion_probe_radii             ? 
_refine.pdbx_solvent_shrinkage_radii             ? 
_refine.pdbx_overall_phase_error                 ? 
_refine.overall_SU_R_Cruickshank_DPI             ? 
_refine.pdbx_overall_SU_R_free_Cruickshank_DPI   ? 
_refine.pdbx_overall_SU_R_Blow_DPI               ? 
_refine.pdbx_overall_SU_R_free_Blow_DPI          ? 
# 
_refine_hist.pdbx_refine_id                   'X-RAY DIFFRACTION' 
_refine_hist.cycle_id                         LAST 
_refine_hist.pdbx_number_atoms_protein        1102 
_refine_hist.pdbx_number_atoms_nucleic_acid   0 
_refine_hist.pdbx_number_atoms_ligand         0 
_refine_hist.number_atoms_solvent             16 
_refine_hist.number_atoms_total               1118 
_refine_hist.d_res_high                       2.5 
_refine_hist.d_res_low                        . 
# 
loop_
_refine_ls_restr.type 
_refine_ls_restr.dev_ideal 
_refine_ls_restr.dev_ideal_target 
_refine_ls_restr.weight 
_refine_ls_restr.number 
_refine_ls_restr.pdbx_refine_id 
_refine_ls_restr.pdbx_restraint_function 
p_bond_d            0.032 ? ? ? 'X-RAY DIFFRACTION' ? 
p_angle_d           ?     ? ? ? 'X-RAY DIFFRACTION' ? 
p_angle_deg         5.8   ? ? ? 'X-RAY DIFFRACTION' ? 
p_planar_d          ?     ? ? ? 'X-RAY DIFFRACTION' ? 
p_hb_or_metal_coord ?     ? ? ? 'X-RAY DIFFRACTION' ? 
p_mcbond_it         ?     ? ? ? 'X-RAY DIFFRACTION' ? 
p_mcangle_it        ?     ? ? ? 'X-RAY DIFFRACTION' ? 
p_scbond_it         ?     ? ? ? 'X-RAY DIFFRACTION' ? 
p_scangle_it        ?     ? ? ? 'X-RAY DIFFRACTION' ? 
p_plane_restr       ?     ? ? ? 'X-RAY DIFFRACTION' ? 
p_chiral_restr      ?     ? ? ? 'X-RAY DIFFRACTION' ? 
p_singtor_nbd       ?     ? ? ? 'X-RAY DIFFRACTION' ? 
p_multtor_nbd       ?     ? ? ? 'X-RAY DIFFRACTION' ? 
p_xhyhbond_nbd      ?     ? ? ? 'X-RAY DIFFRACTION' ? 
p_xyhbond_nbd       ?     ? ? ? 'X-RAY DIFFRACTION' ? 
p_planar_tor        ?     ? ? ? 'X-RAY DIFFRACTION' ? 
p_staggered_tor     ?     ? ? ? 'X-RAY DIFFRACTION' ? 
p_orthonormal_tor   ?     ? ? ? 'X-RAY DIFFRACTION' ? 
p_transverse_tor    ?     ? ? ? 'X-RAY DIFFRACTION' ? 
p_special_tor       ?     ? ? ? 'X-RAY DIFFRACTION' ? 
# 
_struct_ncs_oper.id             1 
_struct_ncs_oper.code           given 
_struct_ncs_oper.details        ? 
_struct_ncs_oper.matrix[1][1]   -0.06568635 
_struct_ncs_oper.matrix[1][2]   -0.93871306 
_struct_ncs_oper.matrix[1][3]   0.33838305 
_struct_ncs_oper.matrix[2][1]   -0.93871306 
_struct_ncs_oper.matrix[2][2]   -0.05686680 
_struct_ncs_oper.matrix[2][3]   -0.33997639 
_struct_ncs_oper.matrix[3][1]   0.33838305 
_struct_ncs_oper.matrix[3][2]   -0.33997639 
_struct_ncs_oper.matrix[3][3]   -0.87744684 
_struct_ncs_oper.vector[1]      0.00714 
_struct_ncs_oper.vector[2]      -0.10912 
_struct_ncs_oper.vector[3]      -0.32244 
# 
_struct.entry_id                  2ABX 
_struct.title                     
;THE CRYSTAL STRUCTURE OF ALPHA-BUNGAROTOXIN AT 2.5 ANGSTROMS RESOLUTION. RELATION TO SOLUTION STRUCTURE AND BINDING TO ACETYLCHOLINE RECEPTOR
;
_struct.pdbx_model_details        ? 
_struct.pdbx_CASP_flag            ? 
_struct.pdbx_model_type_details   ? 
# 
_struct_keywords.entry_id        2ABX 
_struct_keywords.pdbx_keywords   'POSTSYNAPTIC NEUROTOXIN' 
_struct_keywords.text            'POSTSYNAPTIC NEUROTOXIN' 
# 
loop_
_struct_asym.id 
_struct_asym.pdbx_blank_PDB_chainid_flag 
_struct_asym.pdbx_modified 
_struct_asym.entity_id 
_struct_asym.details 
A N N 1 ? 
B N N 1 ? 
C N N 2 ? 
D N N 2 ? 
# 
_struct_ref.id                         1 
_struct_ref.db_name                    UNP 
_struct_ref.db_code                    NXL1A_BUNMU 
_struct_ref.entity_id                  1 
_struct_ref.pdbx_db_accession          P60615 
_struct_ref.pdbx_align_begin           1 
_struct_ref.pdbx_seq_one_letter_code   IVCHTTATSPISAVTCPPGENLCYRKMWCDAFCSSRGKVVELGCAATCPSKKPYEEVTCCSTDKCNPHPKQRPG 
_struct_ref.pdbx_db_isoform            ? 
# 
loop_
_struct_ref_seq.align_id 
_struct_ref_seq.ref_id 
_struct_ref_seq.pdbx_PDB_id_code 
_struct_ref_seq.pdbx_strand_id 
_struct_ref_seq.seq_align_beg 
_struct_ref_seq.pdbx_seq_align_beg_ins_code 
_struct_ref_seq.seq_align_end 
_struct_ref_seq.pdbx_seq_align_end_ins_code 
_struct_ref_seq.pdbx_db_accession 
_struct_ref_seq.db_align_beg 
_struct_ref_seq.pdbx_db_align_beg_ins_code 
_struct_ref_seq.db_align_end 
_struct_ref_seq.pdbx_db_align_end_ins_code 
_struct_ref_seq.pdbx_auth_seq_align_beg 
_struct_ref_seq.pdbx_auth_seq_align_end 
1 1 2ABX A 1 ? 74 ? P60615 1 ? 74 ? 1 74 
2 1 2ABX B 1 ? 74 ? P60615 1 ? 74 ? 1 74 
# 
loop_
_struct_ref_seq_dif.align_id 
_struct_ref_seq_dif.pdbx_pdb_id_code 
_struct_ref_seq_dif.mon_id 
_struct_ref_seq_dif.pdbx_pdb_strand_id 
_struct_ref_seq_dif.seq_num 
_struct_ref_seq_dif.pdbx_pdb_ins_code 
_struct_ref_seq_dif.pdbx_seq_db_name 
_struct_ref_seq_dif.pdbx_seq_db_accession_code 
_struct_ref_seq_dif.db_mon_id 
_struct_ref_seq_dif.pdbx_seq_db_seq_num 
_struct_ref_seq_dif.details 
_struct_ref_seq_dif.pdbx_auth_seq_num 
_struct_ref_seq_dif.pdbx_ordinal 
1 2ABX ILE A 9  ? UNP P60615 SER 9  conflict 9  1  
1 2ABX SER A 11 ? UNP P60615 ILE 11 conflict 11 2  
1 2ABX HIS A 67 ? UNP P60615 PRO 67 conflict 67 3  
1 2ABX PRO A 68 ? UNP P60615 HIS 68 conflict 68 4  
1 2ABX ARG A 71 ? UNP P60615 GLN 71 conflict 71 5  
1 2ABX GLN A 72 ? UNP P60615 ARG 72 conflict 72 6  
2 2ABX ILE B 9  ? UNP P60615 SER 9  conflict 9  7  
2 2ABX SER B 11 ? UNP P60615 ILE 11 conflict 11 8  
2 2ABX HIS B 67 ? UNP P60615 PRO 67 conflict 67 9  
2 2ABX PRO B 68 ? UNP P60615 HIS 68 conflict 68 10 
2 2ABX ARG B 71 ? UNP P60615 GLN 71 conflict 71 11 
2 2ABX GLN B 72 ? UNP P60615 ARG 72 conflict 72 12 
# 
_pdbx_struct_assembly.id                   1 
_pdbx_struct_assembly.details              author_defined_assembly 
_pdbx_struct_assembly.method_details       ? 
_pdbx_struct_assembly.oligomeric_details   dimeric 
_pdbx_struct_assembly.oligomeric_count     2 
# 
_pdbx_struct_assembly_gen.assembly_id       1 
_pdbx_struct_assembly_gen.oper_expression   1 
_pdbx_struct_assembly_gen.asym_id_list      A,B,C,D 
# 
_pdbx_struct_oper_list.id                   1 
_pdbx_struct_oper_list.type                 'identity operation' 
_pdbx_struct_oper_list.name                 1_555 
_pdbx_struct_oper_list.symmetry_operation   x,y,z 
_pdbx_struct_oper_list.matrix[1][1]         1.0000000000 
_pdbx_struct_oper_list.matrix[1][2]         0.0000000000 
_pdbx_struct_oper_list.matrix[1][3]         0.0000000000 
_pdbx_struct_oper_list.vector[1]            0.0000000000 
_pdbx_struct_oper_list.matrix[2][1]         0.0000000000 
_pdbx_struct_oper_list.matrix[2][2]         1.0000000000 
_pdbx_struct_oper_list.matrix[2][3]         0.0000000000 
_pdbx_struct_oper_list.vector[2]            0.0000000000 
_pdbx_struct_oper_list.matrix[3][1]         0.0000000000 
_pdbx_struct_oper_list.matrix[3][2]         0.0000000000 
_pdbx_struct_oper_list.matrix[3][3]         1.0000000000 
_pdbx_struct_oper_list.vector[3]            0.0000000000 
# 
_struct_biol.id   1 
# 
loop_
_struct_conn.id 
_struct_conn.conn_type_id 
_struct_conn.pdbx_leaving_atom_flag 
_struct_conn.pdbx_PDB_id 
_struct_conn.ptnr1_label_asym_id 
_struct_conn.ptnr1_label_comp_id 
_struct_conn.ptnr1_label_seq_id 
_struct_conn.ptnr1_label_atom_id 
_struct_conn.pdbx_ptnr1_label_alt_id 
_struct_conn.pdbx_ptnr1_PDB_ins_code 
_struct_conn.pdbx_ptnr1_standard_comp_id 
_struct_conn.ptnr1_symmetry 
_struct_conn.ptnr2_label_asym_id 
_struct_conn.ptnr2_label_comp_id 
_struct_conn.ptnr2_label_seq_id 
_struct_conn.ptnr2_label_atom_id 
_struct_conn.pdbx_ptnr2_label_alt_id 
_struct_conn.pdbx_ptnr2_PDB_ins_code 
_struct_conn.ptnr1_auth_asym_id 
_struct_conn.ptnr1_auth_comp_id 
_struct_conn.ptnr1_auth_seq_id 
_struct_conn.ptnr2_auth_asym_id 
_struct_conn.ptnr2_auth_comp_id 
_struct_conn.ptnr2_auth_seq_id 
_struct_conn.ptnr2_symmetry 
_struct_conn.pdbx_ptnr3_label_atom_id 
_struct_conn.pdbx_ptnr3_label_seq_id 
_struct_conn.pdbx_ptnr3_label_comp_id 
_struct_conn.pdbx_ptnr3_label_asym_id 
_struct_conn.pdbx_ptnr3_label_alt_id 
_struct_conn.pdbx_ptnr3_PDB_ins_code 
_struct_conn.details 
_struct_conn.pdbx_dist_value 
_struct_conn.pdbx_value_order 
_struct_conn.pdbx_role 
disulf1  disulf ? ? A CYS 3  SG ? ? ? 1_555 A CYS 23 SG ? ? A CYS 3  A CYS 23 1_555 ? ? ? ? ? ? ? 2.138 ? ? 
disulf2  disulf ? ? A CYS 16 SG ? ? ? 1_555 A CYS 44 SG ? ? A CYS 16 A CYS 44 1_555 ? ? ? ? ? ? ? 2.032 ? ? 
disulf3  disulf ? ? A CYS 29 SG ? ? ? 1_555 A CYS 33 SG ? ? A CYS 29 A CYS 33 1_555 ? ? ? ? ? ? ? 2.036 ? ? 
disulf4  disulf ? ? A CYS 48 SG ? ? ? 1_555 A CYS 59 SG ? ? A CYS 48 A CYS 59 1_555 ? ? ? ? ? ? ? 2.126 ? ? 
disulf5  disulf ? ? A CYS 60 SG ? ? ? 1_555 A CYS 65 SG ? ? A CYS 60 A CYS 65 1_555 ? ? ? ? ? ? ? 2.313 ? ? 
disulf6  disulf ? ? B CYS 3  SG ? ? ? 1_555 B CYS 23 SG ? ? B CYS 3  B CYS 23 1_555 ? ? ? ? ? ? ? 1.986 ? ? 
disulf7  disulf ? ? B CYS 16 SG ? ? ? 1_555 B CYS 44 SG ? ? B CYS 16 B CYS 44 1_555 ? ? ? ? ? ? ? 1.908 ? ? 
disulf8  disulf ? ? B CYS 29 SG ? ? ? 1_555 B CYS 33 SG ? ? B CYS 29 B CYS 33 1_555 ? ? ? ? ? ? ? 2.246 ? ? 
disulf9  disulf ? ? B CYS 48 SG ? ? ? 1_555 B CYS 59 SG ? ? B CYS 48 B CYS 59 1_555 ? ? ? ? ? ? ? 1.921 ? ? 
disulf10 disulf ? ? B CYS 60 SG ? ? ? 1_555 B CYS 65 SG ? ? B CYS 60 B CYS 65 1_555 ? ? ? ? ? ? ? 2.083 ? ? 
# 
_struct_conn_type.id          disulf 
_struct_conn_type.criteria    ? 
_struct_conn_type.reference   ? 
# 
loop_
_pdbx_modification_feature.ordinal 
_pdbx_modification_feature.label_comp_id 
_pdbx_modification_feature.label_asym_id 
_pdbx_modification_feature.label_seq_id 
_pdbx_modification_feature.label_alt_id 
_pdbx_modification_feature.modified_residue_label_comp_id 
_pdbx_modification_feature.modified_residue_label_asym_id 
_pdbx_modification_feature.modified_residue_label_seq_id 
_pdbx_modification_feature.modified_residue_label_alt_id 
_pdbx_modification_feature.auth_comp_id 
_pdbx_modification_feature.auth_asym_id 
_pdbx_modification_feature.auth_seq_id 
_pdbx_modification_feature.PDB_ins_code 
_pdbx_modification_feature.symmetry 
_pdbx_modification_feature.modified_residue_auth_comp_id 
_pdbx_modification_feature.modified_residue_auth_asym_id 
_pdbx_modification_feature.modified_residue_auth_seq_id 
_pdbx_modification_feature.modified_residue_PDB_ins_code 
_pdbx_modification_feature.modified_residue_symmetry 
_pdbx_modification_feature.comp_id_linking_atom 
_pdbx_modification_feature.modified_residue_id_linking_atom 
_pdbx_modification_feature.modified_residue_id 
_pdbx_modification_feature.ref_pcm_id 
_pdbx_modification_feature.ref_comp_id 
_pdbx_modification_feature.type 
_pdbx_modification_feature.category 
1  CYS A 3  ? CYS A 23 ? CYS A 3  ? 1_555 CYS A 23 ? 1_555 SG SG . . . None 'Disulfide bridge' 
2  CYS A 16 ? CYS A 44 ? CYS A 16 ? 1_555 CYS A 44 ? 1_555 SG SG . . . None 'Disulfide bridge' 
3  CYS A 29 ? CYS A 33 ? CYS A 29 ? 1_555 CYS A 33 ? 1_555 SG SG . . . None 'Disulfide bridge' 
4  CYS A 48 ? CYS A 59 ? CYS A 48 ? 1_555 CYS A 59 ? 1_555 SG SG . . . None 'Disulfide bridge' 
5  CYS A 60 ? CYS A 65 ? CYS A 60 ? 1_555 CYS A 65 ? 1_555 SG SG . . . None 'Disulfide bridge' 
6  CYS B 3  ? CYS B 23 ? CYS B 3  ? 1_555 CYS B 23 ? 1_555 SG SG . . . None 'Disulfide bridge' 
7  CYS B 16 ? CYS B 44 ? CYS B 16 ? 1_555 CYS B 44 ? 1_555 SG SG . . . None 'Disulfide bridge' 
8  CYS B 29 ? CYS B 33 ? CYS B 29 ? 1_555 CYS B 33 ? 1_555 SG SG . . . None 'Disulfide bridge' 
9  CYS B 48 ? CYS B 59 ? CYS B 48 ? 1_555 CYS B 59 ? 1_555 SG SG . . . None 'Disulfide bridge' 
10 CYS B 60 ? CYS B 65 ? CYS B 60 ? 1_555 CYS B 65 ? 1_555 SG SG . . . None 'Disulfide bridge' 
# 
loop_
_struct_sheet.id 
_struct_sheet.type 
_struct_sheet.number_strands 
_struct_sheet.details 
A ? 2 ? 
B ? 2 ? 
C ? 3 ? 
# 
loop_
_struct_sheet_order.sheet_id 
_struct_sheet_order.range_id_1 
_struct_sheet_order.range_id_2 
_struct_sheet_order.offset 
_struct_sheet_order.sense 
A 1 2 ? anti-parallel 
B 1 2 ? anti-parallel 
C 1 2 ? anti-parallel 
C 2 3 ? anti-parallel 
# 
loop_
_struct_sheet_range.sheet_id 
_struct_sheet_range.id 
_struct_sheet_range.beg_label_comp_id 
_struct_sheet_range.beg_label_asym_id 
_struct_sheet_range.beg_label_seq_id 
_struct_sheet_range.pdbx_beg_PDB_ins_code 
_struct_sheet_range.end_label_comp_id 
_struct_sheet_range.end_label_asym_id 
_struct_sheet_range.end_label_seq_id 
_struct_sheet_range.pdbx_end_PDB_ins_code 
_struct_sheet_range.beg_auth_comp_id 
_struct_sheet_range.beg_auth_asym_id 
_struct_sheet_range.beg_auth_seq_id 
_struct_sheet_range.end_auth_comp_id 
_struct_sheet_range.end_auth_asym_id 
_struct_sheet_range.end_auth_seq_id 
A 1 ARG A 25 ? LYS A 26 ? ARG A 25 LYS A 26 
A 2 GLU A 41 ? LEU A 42 ? GLU A 41 LEU A 42 
B 1 HIS B 4  ? THR B 5  ? HIS B 4  THR B 5  
B 2 ALA B 13 ? VAL B 14 ? ALA B 13 VAL B 14 
C 1 GLU B 41 ? LEU B 42 ? GLU B 41 LEU B 42 
C 2 TYR B 24 ? LYS B 26 ? TYR B 24 LYS B 26 
C 3 VAL B 57 ? CYS B 59 ? VAL B 57 CYS B 59 
# 
loop_
_pdbx_struct_sheet_hbond.sheet_id 
_pdbx_struct_sheet_hbond.range_id_1 
_pdbx_struct_sheet_hbond.range_id_2 
_pdbx_struct_sheet_hbond.range_1_label_atom_id 
_pdbx_struct_sheet_hbond.range_1_label_comp_id 
_pdbx_struct_sheet_hbond.range_1_label_asym_id 
_pdbx_struct_sheet_hbond.range_1_label_seq_id 
_pdbx_struct_sheet_hbond.range_1_PDB_ins_code 
_pdbx_struct_sheet_hbond.range_1_auth_atom_id 
_pdbx_struct_sheet_hbond.range_1_auth_comp_id 
_pdbx_struct_sheet_hbond.range_1_auth_asym_id 
_pdbx_struct_sheet_hbond.range_1_auth_seq_id 
_pdbx_struct_sheet_hbond.range_2_label_atom_id 
_pdbx_struct_sheet_hbond.range_2_label_comp_id 
_pdbx_struct_sheet_hbond.range_2_label_asym_id 
_pdbx_struct_sheet_hbond.range_2_label_seq_id 
_pdbx_struct_sheet_hbond.range_2_PDB_ins_code 
_pdbx_struct_sheet_hbond.range_2_auth_atom_id 
_pdbx_struct_sheet_hbond.range_2_auth_comp_id 
_pdbx_struct_sheet_hbond.range_2_auth_asym_id 
_pdbx_struct_sheet_hbond.range_2_auth_seq_id 
A 1 2 N LYS A 26 ? N LYS A 26 O GLU A 41 ? O GLU A 41 
B 1 2 O THR B 5  ? O THR B 5  N ALA B 13 ? N ALA B 13 
C 1 2 O GLU B 41 ? O GLU B 41 N LYS B 26 ? N LYS B 26 
C 2 3 N ARG B 25 ? N ARG B 25 O THR B 58 ? O THR B 58 
# 
_pdbx_entry_details.entry_id                   2ABX 
_pdbx_entry_details.compound_details           ? 
_pdbx_entry_details.source_details             ? 
_pdbx_entry_details.nonpolymer_details         ? 
_pdbx_entry_details.sequence_details           ? 
_pdbx_entry_details.has_ligand_of_interest     ? 
_pdbx_entry_details.has_protein_modification   Y 
# 
loop_
_pdbx_validate_close_contact.id 
_pdbx_validate_close_contact.PDB_model_num 
_pdbx_validate_close_contact.auth_atom_id_1 
_pdbx_validate_close_contact.auth_asym_id_1 
_pdbx_validate_close_contact.auth_comp_id_1 
_pdbx_validate_close_contact.auth_seq_id_1 
_pdbx_validate_close_contact.PDB_ins_code_1 
_pdbx_validate_close_contact.label_alt_id_1 
_pdbx_validate_close_contact.auth_atom_id_2 
_pdbx_validate_close_contact.auth_asym_id_2 
_pdbx_validate_close_contact.auth_comp_id_2 
_pdbx_validate_close_contact.auth_seq_id_2 
_pdbx_validate_close_contact.PDB_ins_code_2 
_pdbx_validate_close_contact.label_alt_id_2 
_pdbx_validate_close_contact.dist 
1  1 OG1 A THR 5  ? ? OD1 A ASN 66 ? ? 1.89 
2  1 O   B ILE 9  ? ? N   B SER 11 ? ? 1.89 
3  1 CB  A LEU 42 ? ? ND2 A ASN 66 ? ? 1.96 
4  1 O   A CYS 48 ? ? N   A SER 50 ? ? 2.02 
5  1 OG1 B THR 6  ? ? OG  B SER 11 ? ? 2.06 
6  1 O   B ALA 7  ? ? CG2 B VAL 14 ? ? 2.08 
7  1 O   A CYS 29 ? ? SG  A CYS 33 ? ? 2.14 
8  1 O   A LEU 42 ? ? ND2 A ASN 66 ? ? 2.14 
9  1 O   A CYS 3  ? ? CG2 A THR 15 ? ? 2.15 
10 1 O   A THR 47 ? ? N   A PRO 49 ? ? 2.18 
11 1 ND1 A HIS 4  ? ? O   A ALA 13 ? ? 2.18 
# 
loop_
_pdbx_validate_symm_contact.id 
_pdbx_validate_symm_contact.PDB_model_num 
_pdbx_validate_symm_contact.auth_atom_id_1 
_pdbx_validate_symm_contact.auth_asym_id_1 
_pdbx_validate_symm_contact.auth_comp_id_1 
_pdbx_validate_symm_contact.auth_seq_id_1 
_pdbx_validate_symm_contact.PDB_ins_code_1 
_pdbx_validate_symm_contact.label_alt_id_1 
_pdbx_validate_symm_contact.site_symmetry_1 
_pdbx_validate_symm_contact.auth_atom_id_2 
_pdbx_validate_symm_contact.auth_asym_id_2 
_pdbx_validate_symm_contact.auth_comp_id_2 
_pdbx_validate_symm_contact.auth_seq_id_2 
_pdbx_validate_symm_contact.PDB_ins_code_2 
_pdbx_validate_symm_contact.label_alt_id_2 
_pdbx_validate_symm_contact.site_symmetry_2 
_pdbx_validate_symm_contact.dist 
1 1 O   A GLU 20 ? ? 1_555 CA  B PRO 17  ? ? 4_467 1.29 
2 1 OG  B SER 11 ? ? 1_555 O   A HOH 211 ? ? 3_655 1.51 
3 1 NZ  B LYS 51 ? ? 1_555 O   B PRO 69  ? ? 1_556 1.65 
4 1 O   A VAL 40 ? ? 1_555 CG  A PRO 73  ? ? 1_556 1.93 
5 1 O   A GLU 20 ? ? 1_555 CB  B PRO 17  ? ? 4_467 2.00 
6 1 O   A THR 8  ? ? 1_555 CG2 B ILE 9   ? ? 3_646 2.01 
7 1 OG1 B THR 6  ? ? 1_555 O   A HOH 211 ? ? 3_655 2.01 
8 1 CZ  A PHE 32 ? ? 1_555 CE2 B PHE 32  ? ? 3_646 2.11 
9 1 O   A PRO 73 ? ? 1_555 O   A HOH 209 ? ? 1_554 2.16 
# 
loop_
_pdbx_validate_rmsd_bond.id 
_pdbx_validate_rmsd_bond.PDB_model_num 
_pdbx_validate_rmsd_bond.auth_atom_id_1 
_pdbx_validate_rmsd_bond.auth_asym_id_1 
_pdbx_validate_rmsd_bond.auth_comp_id_1 
_pdbx_validate_rmsd_bond.auth_seq_id_1 
_pdbx_validate_rmsd_bond.PDB_ins_code_1 
_pdbx_validate_rmsd_bond.label_alt_id_1 
_pdbx_validate_rmsd_bond.auth_atom_id_2 
_pdbx_validate_rmsd_bond.auth_asym_id_2 
_pdbx_validate_rmsd_bond.auth_comp_id_2 
_pdbx_validate_rmsd_bond.auth_seq_id_2 
_pdbx_validate_rmsd_bond.PDB_ins_code_2 
_pdbx_validate_rmsd_bond.label_alt_id_2 
_pdbx_validate_rmsd_bond.bond_value 
_pdbx_validate_rmsd_bond.bond_target_value 
_pdbx_validate_rmsd_bond.bond_deviation 
_pdbx_validate_rmsd_bond.bond_standard_deviation 
_pdbx_validate_rmsd_bond.linker_flag 
1 1 CB A CYS 48 ? ? SG  A CYS 48 ? ? 1.688 1.812 -0.124 0.016 N 
2 1 CD A GLU 56 ? ? OE2 A GLU 56 ? ? 1.345 1.252 0.093  0.011 N 
3 1 CB A CYS 59 ? ? SG  A CYS 59 ? ? 1.582 1.812 -0.230 0.016 N 
4 1 CD B GLU 41 ? ? OE2 B GLU 41 ? ? 1.322 1.252 0.070  0.011 N 
5 1 CD B GLU 55 ? ? OE2 B GLU 55 ? ? 1.330 1.252 0.078  0.011 N 
# 
loop_
_pdbx_validate_rmsd_angle.id 
_pdbx_validate_rmsd_angle.PDB_model_num 
_pdbx_validate_rmsd_angle.auth_atom_id_1 
_pdbx_validate_rmsd_angle.auth_asym_id_1 
_pdbx_validate_rmsd_angle.auth_comp_id_1 
_pdbx_validate_rmsd_angle.auth_seq_id_1 
_pdbx_validate_rmsd_angle.PDB_ins_code_1 
_pdbx_validate_rmsd_angle.label_alt_id_1 
_pdbx_validate_rmsd_angle.auth_atom_id_2 
_pdbx_validate_rmsd_angle.auth_asym_id_2 
_pdbx_validate_rmsd_angle.auth_comp_id_2 
_pdbx_validate_rmsd_angle.auth_seq_id_2 
_pdbx_validate_rmsd_angle.PDB_ins_code_2 
_pdbx_validate_rmsd_angle.label_alt_id_2 
_pdbx_validate_rmsd_angle.auth_atom_id_3 
_pdbx_validate_rmsd_angle.auth_asym_id_3 
_pdbx_validate_rmsd_angle.auth_comp_id_3 
_pdbx_validate_rmsd_angle.auth_seq_id_3 
_pdbx_validate_rmsd_angle.PDB_ins_code_3 
_pdbx_validate_rmsd_angle.label_alt_id_3 
_pdbx_validate_rmsd_angle.angle_value 
_pdbx_validate_rmsd_angle.angle_target_value 
_pdbx_validate_rmsd_angle.angle_deviation 
_pdbx_validate_rmsd_angle.angle_standard_deviation 
_pdbx_validate_rmsd_angle.linker_flag 
1  1 CB  A ILE 1  ? ? CA  A ILE 1  ? ? C   A ILE 1  ? ? 125.03 111.60 13.43  2.00 N 
2  1 O   A VAL 2  ? ? C   A VAL 2  ? ? N   A CYS 3  ? ? 134.76 122.70 12.06  1.60 Y 
3  1 N   A CYS 3  ? ? CA  A CYS 3  ? ? CB  A CYS 3  ? ? 98.92  110.60 -11.68 1.80 N 
4  1 O   A THR 8  ? ? C   A THR 8  ? ? N   A ILE 9  ? ? 132.35 122.70 9.65   1.60 Y 
5  1 N   A SER 11 ? ? CA  A SER 11 ? ? CB  A SER 11 ? ? 98.74  110.50 -11.76 1.50 N 
6  1 N   A ALA 13 ? ? CA  A ALA 13 ? ? CB  A ALA 13 ? ? 101.15 110.10 -8.95  1.40 N 
7  1 N   A THR 15 ? ? CA  A THR 15 ? ? CB  A THR 15 ? ? 121.98 110.30 11.68  1.90 N 
8  1 CB  A PRO 18 ? ? CA  A PRO 18 ? ? C   A PRO 18 ? ? 90.83  111.70 -20.87 2.10 N 
9  1 CA  A ASN 21 ? ? C   A ASN 21 ? ? N   A LEU 22 ? ? 103.55 117.20 -13.65 2.20 Y 
10 1 O   A ASN 21 ? ? C   A ASN 21 ? ? N   A LEU 22 ? ? 136.78 122.70 14.08  1.60 Y 
11 1 CB  A TYR 24 ? ? CG  A TYR 24 ? ? CD1 A TYR 24 ? ? 125.61 121.00 4.61   0.60 N 
12 1 CD  A ARG 25 ? ? NE  A ARG 25 ? ? CZ  A ARG 25 ? ? 138.11 123.60 14.51  1.40 N 
13 1 NE  A ARG 25 ? ? CZ  A ARG 25 ? ? NH1 A ARG 25 ? ? 129.77 120.30 9.47   0.50 N 
14 1 NE  A ARG 25 ? ? CZ  A ARG 25 ? ? NH2 A ARG 25 ? ? 115.98 120.30 -4.32  0.50 N 
15 1 CA  A CYS 29 ? ? CB  A CYS 29 ? ? SG  A CYS 29 ? ? 96.50  114.00 -17.50 1.80 N 
16 1 N   A CYS 29 ? ? CA  A CYS 29 ? ? C   A CYS 29 ? ? 131.76 111.00 20.76  2.70 N 
17 1 CB  A ASP 30 ? ? CG  A ASP 30 ? ? OD1 A ASP 30 ? ? 128.01 118.30 9.71   0.90 N 
18 1 N   A ALA 31 ? ? CA  A ALA 31 ? ? CB  A ALA 31 ? ? 118.90 110.10 8.80   1.40 N 
19 1 O   A ALA 31 ? ? C   A ALA 31 ? ? N   A PHE 32 ? ? 139.68 122.70 16.98  1.60 Y 
20 1 CB  A CYS 33 ? ? CA  A CYS 33 ? ? C   A CYS 33 ? ? 134.75 111.50 23.25  1.20 N 
21 1 CA  A CYS 33 ? ? C   A CYS 33 ? ? O   A CYS 33 ? ? 133.91 120.10 13.81  2.10 N 
22 1 N   A SER 34 ? ? CA  A SER 34 ? ? CB  A SER 34 ? ? 119.60 110.50 9.10   1.50 N 
23 1 CD  A ARG 36 ? ? NE  A ARG 36 ? ? CZ  A ARG 36 ? ? 139.81 123.60 16.21  1.40 N 
24 1 NH1 A ARG 36 ? ? CZ  A ARG 36 ? ? NH2 A ARG 36 ? ? 110.93 119.40 -8.47  1.10 N 
25 1 NE  A ARG 36 ? ? CZ  A ARG 36 ? ? NH2 A ARG 36 ? ? 128.43 120.30 8.13   0.50 N 
26 1 CB  A VAL 39 ? ? CA  A VAL 39 ? ? C   A VAL 39 ? ? 124.08 111.40 12.68  1.90 N 
27 1 CG  A GLU 41 ? ? CD  A GLU 41 ? ? OE2 A GLU 41 ? ? 103.86 118.30 -14.44 2.00 N 
28 1 CA  A CYS 44 ? ? CB  A CYS 44 ? ? SG  A CYS 44 ? ? 126.08 114.20 11.88  1.10 N 
29 1 CA  A CYS 48 ? ? CB  A CYS 48 ? ? SG  A CYS 48 ? ? 129.11 114.20 14.91  1.10 N 
30 1 C   A LYS 52 ? ? N   A PRO 53 ? ? CA  A PRO 53 ? ? 131.53 119.30 12.23  1.50 Y 
31 1 N   A TYR 54 ? ? CA  A TYR 54 ? ? CB  A TYR 54 ? ? 122.31 110.60 11.71  1.80 N 
32 1 CA  A TYR 54 ? ? CB  A TYR 54 ? ? CG  A TYR 54 ? ? 142.36 113.40 28.96  1.90 N 
33 1 CD1 A TYR 54 ? ? CG  A TYR 54 ? ? CD2 A TYR 54 ? ? 110.84 117.90 -7.06  1.10 N 
34 1 CB  A TYR 54 ? ? CG  A TYR 54 ? ? CD1 A TYR 54 ? ? 128.29 121.00 7.29   0.60 N 
35 1 CG  A TYR 54 ? ? CD2 A TYR 54 ? ? CE2 A TYR 54 ? ? 126.34 121.30 5.04   0.80 N 
36 1 N   A GLU 55 ? ? CA  A GLU 55 ? ? CB  A GLU 55 ? ? 122.83 110.60 12.23  1.80 N 
37 1 C   A GLU 55 ? ? N   A GLU 56 ? ? CA  A GLU 56 ? ? 142.12 121.70 20.42  2.50 Y 
38 1 N   A THR 58 ? ? CA  A THR 58 ? ? CB  A THR 58 ? ? 123.21 110.30 12.91  1.90 N 
39 1 CA  A CYS 59 ? ? CB  A CYS 59 ? ? SG  A CYS 59 ? ? 149.73 114.20 35.53  1.10 N 
40 1 N   A ASP 63 ? ? CA  A ASP 63 ? ? CB  A ASP 63 ? ? 121.50 110.60 10.90  1.80 N 
41 1 CB  A ASP 63 ? ? CG  A ASP 63 ? ? OD1 A ASP 63 ? ? 125.20 118.30 6.90   0.90 N 
42 1 O   A ASP 63 ? ? C   A ASP 63 ? ? N   A LYS 64 ? ? 136.93 122.70 14.23  1.60 Y 
43 1 N   A CYS 65 ? ? CA  A CYS 65 ? ? C   A CYS 65 ? ? 127.98 111.00 16.98  2.70 N 
44 1 N   A ASN 66 ? ? CA  A ASN 66 ? ? C   A ASN 66 ? ? 132.20 111.00 21.20  2.70 N 
45 1 C   A PRO 68 ? ? N   A PRO 69 ? ? CA  A PRO 69 ? ? 133.36 119.30 14.06  1.50 Y 
46 1 CA  A PRO 69 ? ? N   A PRO 69 ? ? CD  A PRO 69 ? ? 102.79 111.70 -8.91  1.40 N 
47 1 N   A LYS 70 ? ? CA  A LYS 70 ? ? CB  A LYS 70 ? ? 124.16 110.60 13.56  1.80 N 
48 1 CA  A LYS 70 ? ? C   A LYS 70 ? ? O   A LYS 70 ? ? 106.72 120.10 -13.38 2.10 N 
49 1 CA  A LYS 70 ? ? C   A LYS 70 ? ? N   A ARG 71 ? ? 131.34 117.20 14.14  2.20 Y 
50 1 C   A GLN 72 ? ? N   A PRO 73 ? ? CA  A PRO 73 ? ? 131.03 119.30 11.73  1.50 Y 
51 1 CA  B VAL 2  ? ? CB  B VAL 2  ? ? CG1 B VAL 2  ? ? 120.30 110.90 9.40   1.50 N 
52 1 C   B VAL 2  ? ? N   B CYS 3  ? ? CA  B CYS 3  ? ? 143.96 121.70 22.26  2.50 Y 
53 1 N   B CYS 3  ? ? CA  B CYS 3  ? ? CB  B CYS 3  ? ? 96.32  110.60 -14.28 1.80 N 
54 1 CA  B CYS 3  ? ? CB  B CYS 3  ? ? SG  B CYS 3  ? ? 100.65 114.00 -13.35 1.80 N 
55 1 C   B THR 8  ? ? N   B ILE 9  ? ? CA  B ILE 9  ? ? 136.74 121.70 15.04  2.50 Y 
56 1 CB  B PRO 10 ? ? CA  B PRO 10 ? ? C   B PRO 10 ? ? 129.08 111.70 17.38  2.10 N 
57 1 C   B SER 12 ? ? N   B ALA 13 ? ? CA  B ALA 13 ? ? 142.25 121.70 20.55  2.50 Y 
58 1 C   B CYS 16 ? ? N   B PRO 17 ? ? CA  B PRO 17 ? ? 134.93 119.30 15.63  1.50 Y 
59 1 CA  B PRO 17 ? ? N   B PRO 17 ? ? CD  B PRO 17 ? ? 100.03 111.70 -11.67 1.40 N 
60 1 N   B PRO 17 ? ? CA  B PRO 17 ? ? C   B PRO 17 ? ? 94.40  112.10 -17.70 2.60 N 
61 1 CA  B GLU 20 ? ? CB  B GLU 20 ? ? CG  B GLU 20 ? ? 127.70 113.40 14.30  2.20 N 
62 1 C   B ASN 21 ? ? N   B LEU 22 ? ? CA  B LEU 22 ? ? 143.09 121.70 21.39  2.50 Y 
63 1 NE  B ARG 25 ? ? CZ  B ARG 25 ? ? NH1 B ARG 25 ? ? 117.13 120.30 -3.17  0.50 N 
64 1 NE  B ARG 25 ? ? CZ  B ARG 25 ? ? NH2 B ARG 25 ? ? 129.80 120.30 9.50   0.50 N 
65 1 CA  B MET 27 ? ? CB  B MET 27 ? ? CG  B MET 27 ? ? 126.66 113.30 13.36  1.70 N 
66 1 CB  B CYS 33 ? ? CA  B CYS 33 ? ? C   B CYS 33 ? ? 121.84 111.50 10.34  1.20 N 
67 1 CA  B CYS 33 ? ? C   B CYS 33 ? ? N   B SER 34 ? ? 101.90 117.20 -15.30 2.20 Y 
68 1 O   B CYS 33 ? ? C   B CYS 33 ? ? N   B SER 34 ? ? 136.39 122.70 13.69  1.60 Y 
69 1 NE  B ARG 36 ? ? CZ  B ARG 36 ? ? NH1 B ARG 36 ? ? 126.22 120.30 5.92   0.50 N 
70 1 NE  B ARG 36 ? ? CZ  B ARG 36 ? ? NH2 B ARG 36 ? ? 117.28 120.30 -3.02  0.50 N 
71 1 O   B VAL 39 ? ? C   B VAL 39 ? ? N   B VAL 40 ? ? 137.37 122.70 14.67  1.60 Y 
72 1 C   B VAL 39 ? ? N   B VAL 40 ? ? CA  B VAL 40 ? ? 137.16 121.70 15.46  2.50 Y 
73 1 CA  B VAL 40 ? ? C   B VAL 40 ? ? O   B VAL 40 ? ? 133.11 120.10 13.01  2.10 N 
74 1 OE1 B GLU 41 ? ? CD  B GLU 41 ? ? OE2 B GLU 41 ? ? 131.48 123.30 8.18   1.20 N 
75 1 CG  B GLU 41 ? ? CD  B GLU 41 ? ? OE2 B GLU 41 ? ? 106.11 118.30 -12.19 2.00 N 
76 1 O   B ALA 46 ? ? C   B ALA 46 ? ? N   B THR 47 ? ? 132.95 122.70 10.25  1.60 Y 
77 1 O   B PRO 49 ? ? C   B PRO 49 ? ? N   B SER 50 ? ? 132.38 122.70 9.68   1.60 Y 
78 1 C   B LYS 52 ? ? N   B PRO 53 ? ? CA  B PRO 53 ? ? 129.26 119.30 9.96   1.50 Y 
79 1 N   B PRO 53 ? ? CA  B PRO 53 ? ? C   B PRO 53 ? ? 136.66 112.10 24.56  2.60 N 
80 1 CG  B TYR 54 ? ? CD1 B TYR 54 ? ? CE1 B TYR 54 ? ? 126.11 121.30 4.81   0.80 N 
81 1 N   B GLU 55 ? ? CA  B GLU 55 ? ? CB  B GLU 55 ? ? 121.57 110.60 10.97  1.80 N 
82 1 CA  B GLU 55 ? ? CB  B GLU 55 ? ? CG  B GLU 55 ? ? 150.72 113.40 37.32  2.20 N 
83 1 CB  B VAL 57 ? ? CA  B VAL 57 ? ? C   B VAL 57 ? ? 140.04 111.40 28.64  1.90 N 
84 1 CA  B VAL 57 ? ? CB  B VAL 57 ? ? CG2 B VAL 57 ? ? 124.51 110.90 13.61  1.50 N 
85 1 N   B CYS 59 ? ? CA  B CYS 59 ? ? CB  B CYS 59 ? ? 120.27 110.80 9.47   1.50 N 
86 1 CA  B CYS 59 ? ? CB  B CYS 59 ? ? SG  B CYS 59 ? ? 134.51 114.20 20.31  1.10 N 
87 1 O   B CYS 59 ? ? C   B CYS 59 ? ? N   B CYS 60 ? ? 132.44 122.70 9.74   1.60 Y 
88 1 CB  B ASP 63 ? ? CG  B ASP 63 ? ? OD2 B ASP 63 ? ? 111.34 118.30 -6.96  0.90 N 
89 1 N   B ASN 66 ? ? CA  B ASN 66 ? ? CB  B ASN 66 ? ? 96.41  110.60 -14.19 1.80 N 
90 1 NE  B ARG 71 ? ? CZ  B ARG 71 ? ? NH1 B ARG 71 ? ? 123.99 120.30 3.69   0.50 N 
91 1 NE  B ARG 71 ? ? CZ  B ARG 71 ? ? NH2 B ARG 71 ? ? 115.72 120.30 -4.58  0.50 N 
92 1 C   B GLN 72 ? ? N   B PRO 73 ? ? CA  B PRO 73 ? ? 129.48 119.30 10.18  1.50 Y 
# 
loop_
_pdbx_validate_torsion.id 
_pdbx_validate_torsion.PDB_model_num 
_pdbx_validate_torsion.auth_comp_id 
_pdbx_validate_torsion.auth_asym_id 
_pdbx_validate_torsion.auth_seq_id 
_pdbx_validate_torsion.PDB_ins_code 
_pdbx_validate_torsion.label_alt_id 
_pdbx_validate_torsion.phi 
_pdbx_validate_torsion.psi 
1   1 VAL A 2  ? ? -151.73 -107.32 
2   1 THR A 5  ? ? -163.81 -150.98 
3   1 THR A 6  ? ? -57.89  -156.37 
4   1 ALA A 7  ? ? 107.75  82.02   
5   1 THR A 8  ? ? 61.66   77.99   
6   1 ILE A 9  ? ? 70.38   -137.39 
7   1 PRO A 10 ? ? -49.83  -19.45  
8   1 SER A 11 ? ? 75.12   140.92  
9   1 SER A 12 ? ? -159.68 27.98   
10  1 ALA A 13 ? ? 70.14   -22.33  
11  1 VAL A 14 ? ? 30.74   -80.50  
12  1 THR A 15 ? ? 79.97   58.67   
13  1 CYS A 16 ? ? 14.05   -142.35 
14  1 PRO A 17 ? ? -67.21  -135.94 
15  1 PRO A 18 ? ? -100.44 -129.03 
16  1 GLU A 20 ? ? 130.63  91.61   
17  1 ASN A 21 ? ? 114.60  153.71  
18  1 LEU A 22 ? ? 50.99   175.93  
19  1 MET A 27 ? ? 114.75  170.62  
20  1 TRP A 28 ? ? 163.21  -66.41  
21  1 CYS A 29 ? ? -90.76  45.03   
22  1 ASP A 30 ? ? 35.09   -88.71  
23  1 ALA A 31 ? ? 162.39  10.69   
24  1 SER A 34 ? ? -93.55  32.40   
25  1 SER A 35 ? ? 112.36  -171.33 
26  1 ARG A 36 ? ? 39.01   -142.03 
27  1 LYS A 38 ? ? -157.50 60.02   
28  1 LEU A 42 ? ? 151.11  55.32   
29  1 CYS A 44 ? ? 154.22  150.21  
30  1 ALA A 45 ? ? 172.34  40.82   
31  1 ALA A 46 ? ? 109.00  -112.60 
32  1 CYS A 48 ? ? 13.29   55.24   
33  1 PRO A 49 ? ? -21.51  -27.77  
34  1 SER A 50 ? ? 115.79  -86.07  
35  1 LYS A 51 ? ? 141.97  -140.80 
36  1 LYS A 52 ? ? -126.44 -161.11 
37  1 TYR A 54 ? ? -29.90  175.48  
38  1 GLU A 55 ? ? -56.34  -127.06 
39  1 GLU A 56 ? ? -36.81  120.26  
40  1 THR A 58 ? ? 152.27  -162.56 
41  1 CYS A 59 ? ? -162.58 82.15   
42  1 CYS A 60 ? ? -62.26  -136.10 
43  1 SER A 61 ? ? 127.31  30.72   
44  1 ASP A 63 ? ? 157.31  -83.59  
45  1 LYS A 64 ? ? -112.01 -146.44 
46  1 CYS A 65 ? ? 165.65  -24.37  
47  1 HIS A 67 ? ? -20.36  130.43  
48  1 PRO A 69 ? ? -16.97  -178.87 
49  1 LYS A 70 ? ? 42.42   -115.75 
50  1 ARG A 71 ? ? 79.17   -177.40 
51  1 PRO A 73 ? ? -15.67  51.83   
52  1 CYS B 3  ? ? -6.20   117.69  
53  1 THR B 5  ? ? -167.52 -144.83 
54  1 ALA B 7  ? ? 167.94  60.22   
55  1 THR B 8  ? ? 91.03   130.82  
56  1 ILE B 9  ? ? 21.29   -159.11 
57  1 PRO B 10 ? ? -20.86  83.01   
58  1 SER B 12 ? ? -160.48 68.16   
59  1 ALA B 13 ? ? 59.03   -45.38  
60  1 VAL B 14 ? ? 74.25   -59.94  
61  1 CYS B 16 ? ? 53.45   -159.35 
62  1 PRO B 17 ? ? -122.52 -156.30 
63  1 GLU B 20 ? ? 102.92  119.86  
64  1 ASN B 21 ? ? 82.71   141.76  
65  1 LEU B 22 ? ? 61.75   137.85  
66  1 MET B 27 ? ? 77.25   148.73  
67  1 TRP B 28 ? ? -140.23 -55.44  
68  1 ASP B 30 ? ? -26.66  -39.29  
69  1 ALA B 31 ? ? 136.56  -3.92   
70  1 SER B 34 ? ? -170.47 45.95   
71  1 SER B 35 ? ? 58.85   109.63  
72  1 ARG B 36 ? ? -170.75 -112.76 
73  1 VAL B 39 ? ? -170.16 92.35   
74  1 GLU B 41 ? ? -163.73 118.02  
75  1 CYS B 44 ? ? 151.42  131.87  
76  1 ALA B 45 ? ? -169.63 70.30   
77  1 ALA B 46 ? ? 101.48  -174.77 
78  1 THR B 47 ? ? -54.33  67.56   
79  1 CYS B 48 ? ? 11.64   69.19   
80  1 PRO B 49 ? ? -37.42  -36.73  
81  1 SER B 50 ? ? 94.02   -95.31  
82  1 LYS B 51 ? ? 128.98  -164.64 
83  1 LYS B 52 ? ? -144.52 -99.49  
84  1 PRO B 53 ? ? -3.56   -62.00  
85  1 TYR B 54 ? ? -106.64 -138.41 
86  1 GLU B 55 ? ? -84.68  -140.45 
87  1 GLU B 56 ? ? -36.41  148.29  
88  1 VAL B 57 ? ? -143.50 -159.42 
89  1 THR B 58 ? ? 166.43  137.48  
90  1 CYS B 60 ? ? -48.69  -145.05 
91  1 SER B 61 ? ? 119.60  52.30   
92  1 ASP B 63 ? ? 151.74  -102.10 
93  1 LYS B 64 ? ? -95.34  -130.62 
94  1 CYS B 65 ? ? 165.94  -67.89  
95  1 ASN B 66 ? ? -99.84  50.72   
96  1 PRO B 68 ? ? -52.54  95.99   
97  1 PRO B 69 ? ? -19.92  -66.41  
98  1 ARG B 71 ? ? -149.17 -117.90 
99  1 GLN B 72 ? ? 155.67  113.23  
100 1 PRO B 73 ? ? -21.88  -55.76  
# 
loop_
_pdbx_validate_planes.id 
_pdbx_validate_planes.PDB_model_num 
_pdbx_validate_planes.auth_comp_id 
_pdbx_validate_planes.auth_asym_id 
_pdbx_validate_planes.auth_seq_id 
_pdbx_validate_planes.PDB_ins_code 
_pdbx_validate_planes.label_alt_id 
_pdbx_validate_planes.rmsd 
_pdbx_validate_planes.type 
1 1 ARG A 71 ? ? 0.079 'SIDE CHAIN' 
2 1 ARG B 36 ? ? 0.150 'SIDE CHAIN' 
3 1 ARG B 71 ? ? 0.276 'SIDE CHAIN' 
# 
loop_
_chem_comp_atom.comp_id 
_chem_comp_atom.atom_id 
_chem_comp_atom.type_symbol 
_chem_comp_atom.pdbx_aromatic_flag 
_chem_comp_atom.pdbx_stereo_config 
_chem_comp_atom.pdbx_ordinal 
ALA N    N N N 1   
ALA CA   C N S 2   
ALA C    C N N 3   
ALA O    O N N 4   
ALA CB   C N N 5   
ALA OXT  O N N 6   
ALA H    H N N 7   
ALA H2   H N N 8   
ALA HA   H N N 9   
ALA HB1  H N N 10  
ALA HB2  H N N 11  
ALA HB3  H N N 12  
ALA HXT  H N N 13  
ARG N    N N N 14  
ARG CA   C N S 15  
ARG C    C N N 16  
ARG O    O N N 17  
ARG CB   C N N 18  
ARG CG   C N N 19  
ARG CD   C N N 20  
ARG NE   N N N 21  
ARG CZ   C N N 22  
ARG NH1  N N N 23  
ARG NH2  N N N 24  
ARG OXT  O N N 25  
ARG H    H N N 26  
ARG H2   H N N 27  
ARG HA   H N N 28  
ARG HB2  H N N 29  
ARG HB3  H N N 30  
ARG HG2  H N N 31  
ARG HG3  H N N 32  
ARG HD2  H N N 33  
ARG HD3  H N N 34  
ARG HE   H N N 35  
ARG HH11 H N N 36  
ARG HH12 H N N 37  
ARG HH21 H N N 38  
ARG HH22 H N N 39  
ARG HXT  H N N 40  
ASN N    N N N 41  
ASN CA   C N S 42  
ASN C    C N N 43  
ASN O    O N N 44  
ASN CB   C N N 45  
ASN CG   C N N 46  
ASN OD1  O N N 47  
ASN ND2  N N N 48  
ASN OXT  O N N 49  
ASN H    H N N 50  
ASN H2   H N N 51  
ASN HA   H N N 52  
ASN HB2  H N N 53  
ASN HB3  H N N 54  
ASN HD21 H N N 55  
ASN HD22 H N N 56  
ASN HXT  H N N 57  
ASP N    N N N 58  
ASP CA   C N S 59  
ASP C    C N N 60  
ASP O    O N N 61  
ASP CB   C N N 62  
ASP CG   C N N 63  
ASP OD1  O N N 64  
ASP OD2  O N N 65  
ASP OXT  O N N 66  
ASP H    H N N 67  
ASP H2   H N N 68  
ASP HA   H N N 69  
ASP HB2  H N N 70  
ASP HB3  H N N 71  
ASP HD2  H N N 72  
ASP HXT  H N N 73  
CYS N    N N N 74  
CYS CA   C N R 75  
CYS C    C N N 76  
CYS O    O N N 77  
CYS CB   C N N 78  
CYS SG   S N N 79  
CYS OXT  O N N 80  
CYS H    H N N 81  
CYS H2   H N N 82  
CYS HA   H N N 83  
CYS HB2  H N N 84  
CYS HB3  H N N 85  
CYS HG   H N N 86  
CYS HXT  H N N 87  
GLN N    N N N 88  
GLN CA   C N S 89  
GLN C    C N N 90  
GLN O    O N N 91  
GLN CB   C N N 92  
GLN CG   C N N 93  
GLN CD   C N N 94  
GLN OE1  O N N 95  
GLN NE2  N N N 96  
GLN OXT  O N N 97  
GLN H    H N N 98  
GLN H2   H N N 99  
GLN HA   H N N 100 
GLN HB2  H N N 101 
GLN HB3  H N N 102 
GLN HG2  H N N 103 
GLN HG3  H N N 104 
GLN HE21 H N N 105 
GLN HE22 H N N 106 
GLN HXT  H N N 107 
GLU N    N N N 108 
GLU CA   C N S 109 
GLU C    C N N 110 
GLU O    O N N 111 
GLU CB   C N N 112 
GLU CG   C N N 113 
GLU CD   C N N 114 
GLU OE1  O N N 115 
GLU OE2  O N N 116 
GLU OXT  O N N 117 
GLU H    H N N 118 
GLU H2   H N N 119 
GLU HA   H N N 120 
GLU HB2  H N N 121 
GLU HB3  H N N 122 
GLU HG2  H N N 123 
GLU HG3  H N N 124 
GLU HE2  H N N 125 
GLU HXT  H N N 126 
GLY N    N N N 127 
GLY CA   C N N 128 
GLY C    C N N 129 
GLY O    O N N 130 
GLY OXT  O N N 131 
GLY H    H N N 132 
GLY H2   H N N 133 
GLY HA2  H N N 134 
GLY HA3  H N N 135 
GLY HXT  H N N 136 
HIS N    N N N 137 
HIS CA   C N S 138 
HIS C    C N N 139 
HIS O    O N N 140 
HIS CB   C N N 141 
HIS CG   C Y N 142 
HIS ND1  N Y N 143 
HIS CD2  C Y N 144 
HIS CE1  C Y N 145 
HIS NE2  N Y N 146 
HIS OXT  O N N 147 
HIS H    H N N 148 
HIS H2   H N N 149 
HIS HA   H N N 150 
HIS HB2  H N N 151 
HIS HB3  H N N 152 
HIS HD1  H N N 153 
HIS HD2  H N N 154 
HIS HE1  H N N 155 
HIS HE2  H N N 156 
HIS HXT  H N N 157 
HOH O    O N N 158 
HOH H1   H N N 159 
HOH H2   H N N 160 
ILE N    N N N 161 
ILE CA   C N S 162 
ILE C    C N N 163 
ILE O    O N N 164 
ILE CB   C N S 165 
ILE CG1  C N N 166 
ILE CG2  C N N 167 
ILE CD1  C N N 168 
ILE OXT  O N N 169 
ILE H    H N N 170 
ILE H2   H N N 171 
ILE HA   H N N 172 
ILE HB   H N N 173 
ILE HG12 H N N 174 
ILE HG13 H N N 175 
ILE HG21 H N N 176 
ILE HG22 H N N 177 
ILE HG23 H N N 178 
ILE HD11 H N N 179 
ILE HD12 H N N 180 
ILE HD13 H N N 181 
ILE HXT  H N N 182 
LEU N    N N N 183 
LEU CA   C N S 184 
LEU C    C N N 185 
LEU O    O N N 186 
LEU CB   C N N 187 
LEU CG   C N N 188 
LEU CD1  C N N 189 
LEU CD2  C N N 190 
LEU OXT  O N N 191 
LEU H    H N N 192 
LEU H2   H N N 193 
LEU HA   H N N 194 
LEU HB2  H N N 195 
LEU HB3  H N N 196 
LEU HG   H N N 197 
LEU HD11 H N N 198 
LEU HD12 H N N 199 
LEU HD13 H N N 200 
LEU HD21 H N N 201 
LEU HD22 H N N 202 
LEU HD23 H N N 203 
LEU HXT  H N N 204 
LYS N    N N N 205 
LYS CA   C N S 206 
LYS C    C N N 207 
LYS O    O N N 208 
LYS CB   C N N 209 
LYS CG   C N N 210 
LYS CD   C N N 211 
LYS CE   C N N 212 
LYS NZ   N N N 213 
LYS OXT  O N N 214 
LYS H    H N N 215 
LYS H2   H N N 216 
LYS HA   H N N 217 
LYS HB2  H N N 218 
LYS HB3  H N N 219 
LYS HG2  H N N 220 
LYS HG3  H N N 221 
LYS HD2  H N N 222 
LYS HD3  H N N 223 
LYS HE2  H N N 224 
LYS HE3  H N N 225 
LYS HZ1  H N N 226 
LYS HZ2  H N N 227 
LYS HZ3  H N N 228 
LYS HXT  H N N 229 
MET N    N N N 230 
MET CA   C N S 231 
MET C    C N N 232 
MET O    O N N 233 
MET CB   C N N 234 
MET CG   C N N 235 
MET SD   S N N 236 
MET CE   C N N 237 
MET OXT  O N N 238 
MET H    H N N 239 
MET H2   H N N 240 
MET HA   H N N 241 
MET HB2  H N N 242 
MET HB3  H N N 243 
MET HG2  H N N 244 
MET HG3  H N N 245 
MET HE1  H N N 246 
MET HE2  H N N 247 
MET HE3  H N N 248 
MET HXT  H N N 249 
PHE N    N N N 250 
PHE CA   C N S 251 
PHE C    C N N 252 
PHE O    O N N 253 
PHE CB   C N N 254 
PHE CG   C Y N 255 
PHE CD1  C Y N 256 
PHE CD2  C Y N 257 
PHE CE1  C Y N 258 
PHE CE2  C Y N 259 
PHE CZ   C Y N 260 
PHE OXT  O N N 261 
PHE H    H N N 262 
PHE H2   H N N 263 
PHE HA   H N N 264 
PHE HB2  H N N 265 
PHE HB3  H N N 266 
PHE HD1  H N N 267 
PHE HD2  H N N 268 
PHE HE1  H N N 269 
PHE HE2  H N N 270 
PHE HZ   H N N 271 
PHE HXT  H N N 272 
PRO N    N N N 273 
PRO CA   C N S 274 
PRO C    C N N 275 
PRO O    O N N 276 
PRO CB   C N N 277 
PRO CG   C N N 278 
PRO CD   C N N 279 
PRO OXT  O N N 280 
PRO H    H N N 281 
PRO HA   H N N 282 
PRO HB2  H N N 283 
PRO HB3  H N N 284 
PRO HG2  H N N 285 
PRO HG3  H N N 286 
PRO HD2  H N N 287 
PRO HD3  H N N 288 
PRO HXT  H N N 289 
SER N    N N N 290 
SER CA   C N S 291 
SER C    C N N 292 
SER O    O N N 293 
SER CB   C N N 294 
SER OG   O N N 295 
SER OXT  O N N 296 
SER H    H N N 297 
SER H2   H N N 298 
SER HA   H N N 299 
SER HB2  H N N 300 
SER HB3  H N N 301 
SER HG   H N N 302 
SER HXT  H N N 303 
THR N    N N N 304 
THR CA   C N S 305 
THR C    C N N 306 
THR O    O N N 307 
THR CB   C N R 308 
THR OG1  O N N 309 
THR CG2  C N N 310 
THR OXT  O N N 311 
THR H    H N N 312 
THR H2   H N N 313 
THR HA   H N N 314 
THR HB   H N N 315 
THR HG1  H N N 316 
THR HG21 H N N 317 
THR HG22 H N N 318 
THR HG23 H N N 319 
THR HXT  H N N 320 
TRP N    N N N 321 
TRP CA   C N S 322 
TRP C    C N N 323 
TRP O    O N N 324 
TRP CB   C N N 325 
TRP CG   C Y N 326 
TRP CD1  C Y N 327 
TRP CD2  C Y N 328 
TRP NE1  N Y N 329 
TRP CE2  C Y N 330 
TRP CE3  C Y N 331 
TRP CZ2  C Y N 332 
TRP CZ3  C Y N 333 
TRP CH2  C Y N 334 
TRP OXT  O N N 335 
TRP H    H N N 336 
TRP H2   H N N 337 
TRP HA   H N N 338 
TRP HB2  H N N 339 
TRP HB3  H N N 340 
TRP HD1  H N N 341 
TRP HE1  H N N 342 
TRP HE3  H N N 343 
TRP HZ2  H N N 344 
TRP HZ3  H N N 345 
TRP HH2  H N N 346 
TRP HXT  H N N 347 
TYR N    N N N 348 
TYR CA   C N S 349 
TYR C    C N N 350 
TYR O    O N N 351 
TYR CB   C N N 352 
TYR CG   C Y N 353 
TYR CD1  C Y N 354 
TYR CD2  C Y N 355 
TYR CE1  C Y N 356 
TYR CE2  C Y N 357 
TYR CZ   C Y N 358 
TYR OH   O N N 359 
TYR OXT  O N N 360 
TYR H    H N N 361 
TYR H2   H N N 362 
TYR HA   H N N 363 
TYR HB2  H N N 364 
TYR HB3  H N N 365 
TYR HD1  H N N 366 
TYR HD2  H N N 367 
TYR HE1  H N N 368 
TYR HE2  H N N 369 
TYR HH   H N N 370 
TYR HXT  H N N 371 
VAL N    N N N 372 
VAL CA   C N S 373 
VAL C    C N N 374 
VAL O    O N N 375 
VAL CB   C N N 376 
VAL CG1  C N N 377 
VAL CG2  C N N 378 
VAL OXT  O N N 379 
VAL H    H N N 380 
VAL H2   H N N 381 
VAL HA   H N N 382 
VAL HB   H N N 383 
VAL HG11 H N N 384 
VAL HG12 H N N 385 
VAL HG13 H N N 386 
VAL HG21 H N N 387 
VAL HG22 H N N 388 
VAL HG23 H N N 389 
VAL HXT  H N N 390 
# 
loop_
_chem_comp_bond.comp_id 
_chem_comp_bond.atom_id_1 
_chem_comp_bond.atom_id_2 
_chem_comp_bond.value_order 
_chem_comp_bond.pdbx_aromatic_flag 
_chem_comp_bond.pdbx_stereo_config 
_chem_comp_bond.pdbx_ordinal 
ALA N   CA   sing N N 1   
ALA N   H    sing N N 2   
ALA N   H2   sing N N 3   
ALA CA  C    sing N N 4   
ALA CA  CB   sing N N 5   
ALA CA  HA   sing N N 6   
ALA C   O    doub N N 7   
ALA C   OXT  sing N N 8   
ALA CB  HB1  sing N N 9   
ALA CB  HB2  sing N N 10  
ALA CB  HB3  sing N N 11  
ALA OXT HXT  sing N N 12  
ARG N   CA   sing N N 13  
ARG N   H    sing N N 14  
ARG N   H2   sing N N 15  
ARG CA  C    sing N N 16  
ARG CA  CB   sing N N 17  
ARG CA  HA   sing N N 18  
ARG C   O    doub N N 19  
ARG C   OXT  sing N N 20  
ARG CB  CG   sing N N 21  
ARG CB  HB2  sing N N 22  
ARG CB  HB3  sing N N 23  
ARG CG  CD   sing N N 24  
ARG CG  HG2  sing N N 25  
ARG CG  HG3  sing N N 26  
ARG CD  NE   sing N N 27  
ARG CD  HD2  sing N N 28  
ARG CD  HD3  sing N N 29  
ARG NE  CZ   sing N N 30  
ARG NE  HE   sing N N 31  
ARG CZ  NH1  sing N N 32  
ARG CZ  NH2  doub N N 33  
ARG NH1 HH11 sing N N 34  
ARG NH1 HH12 sing N N 35  
ARG NH2 HH21 sing N N 36  
ARG NH2 HH22 sing N N 37  
ARG OXT HXT  sing N N 38  
ASN N   CA   sing N N 39  
ASN N   H    sing N N 40  
ASN N   H2   sing N N 41  
ASN CA  C    sing N N 42  
ASN CA  CB   sing N N 43  
ASN CA  HA   sing N N 44  
ASN C   O    doub N N 45  
ASN C   OXT  sing N N 46  
ASN CB  CG   sing N N 47  
ASN CB  HB2  sing N N 48  
ASN CB  HB3  sing N N 49  
ASN CG  OD1  doub N N 50  
ASN CG  ND2  sing N N 51  
ASN ND2 HD21 sing N N 52  
ASN ND2 HD22 sing N N 53  
ASN OXT HXT  sing N N 54  
ASP N   CA   sing N N 55  
ASP N   H    sing N N 56  
ASP N   H2   sing N N 57  
ASP CA  C    sing N N 58  
ASP CA  CB   sing N N 59  
ASP CA  HA   sing N N 60  
ASP C   O    doub N N 61  
ASP C   OXT  sing N N 62  
ASP CB  CG   sing N N 63  
ASP CB  HB2  sing N N 64  
ASP CB  HB3  sing N N 65  
ASP CG  OD1  doub N N 66  
ASP CG  OD2  sing N N 67  
ASP OD2 HD2  sing N N 68  
ASP OXT HXT  sing N N 69  
CYS N   CA   sing N N 70  
CYS N   H    sing N N 71  
CYS N   H2   sing N N 72  
CYS CA  C    sing N N 73  
CYS CA  CB   sing N N 74  
CYS CA  HA   sing N N 75  
CYS C   O    doub N N 76  
CYS C   OXT  sing N N 77  
CYS CB  SG   sing N N 78  
CYS CB  HB2  sing N N 79  
CYS CB  HB3  sing N N 80  
CYS SG  HG   sing N N 81  
CYS OXT HXT  sing N N 82  
GLN N   CA   sing N N 83  
GLN N   H    sing N N 84  
GLN N   H2   sing N N 85  
GLN CA  C    sing N N 86  
GLN CA  CB   sing N N 87  
GLN CA  HA   sing N N 88  
GLN C   O    doub N N 89  
GLN C   OXT  sing N N 90  
GLN CB  CG   sing N N 91  
GLN CB  HB2  sing N N 92  
GLN CB  HB3  sing N N 93  
GLN CG  CD   sing N N 94  
GLN CG  HG2  sing N N 95  
GLN CG  HG3  sing N N 96  
GLN CD  OE1  doub N N 97  
GLN CD  NE2  sing N N 98  
GLN NE2 HE21 sing N N 99  
GLN NE2 HE22 sing N N 100 
GLN OXT HXT  sing N N 101 
GLU N   CA   sing N N 102 
GLU N   H    sing N N 103 
GLU N   H2   sing N N 104 
GLU CA  C    sing N N 105 
GLU CA  CB   sing N N 106 
GLU CA  HA   sing N N 107 
GLU C   O    doub N N 108 
GLU C   OXT  sing N N 109 
GLU CB  CG   sing N N 110 
GLU CB  HB2  sing N N 111 
GLU CB  HB3  sing N N 112 
GLU CG  CD   sing N N 113 
GLU CG  HG2  sing N N 114 
GLU CG  HG3  sing N N 115 
GLU CD  OE1  doub N N 116 
GLU CD  OE2  sing N N 117 
GLU OE2 HE2  sing N N 118 
GLU OXT HXT  sing N N 119 
GLY N   CA   sing N N 120 
GLY N   H    sing N N 121 
GLY N   H2   sing N N 122 
GLY CA  C    sing N N 123 
GLY CA  HA2  sing N N 124 
GLY CA  HA3  sing N N 125 
GLY C   O    doub N N 126 
GLY C   OXT  sing N N 127 
GLY OXT HXT  sing N N 128 
HIS N   CA   sing N N 129 
HIS N   H    sing N N 130 
HIS N   H2   sing N N 131 
HIS CA  C    sing N N 132 
HIS CA  CB   sing N N 133 
HIS CA  HA   sing N N 134 
HIS C   O    doub N N 135 
HIS C   OXT  sing N N 136 
HIS CB  CG   sing N N 137 
HIS CB  HB2  sing N N 138 
HIS CB  HB3  sing N N 139 
HIS CG  ND1  sing Y N 140 
HIS CG  CD2  doub Y N 141 
HIS ND1 CE1  doub Y N 142 
HIS ND1 HD1  sing N N 143 
HIS CD2 NE2  sing Y N 144 
HIS CD2 HD2  sing N N 145 
HIS CE1 NE2  sing Y N 146 
HIS CE1 HE1  sing N N 147 
HIS NE2 HE2  sing N N 148 
HIS OXT HXT  sing N N 149 
HOH O   H1   sing N N 150 
HOH O   H2   sing N N 151 
ILE N   CA   sing N N 152 
ILE N   H    sing N N 153 
ILE N   H2   sing N N 154 
ILE CA  C    sing N N 155 
ILE CA  CB   sing N N 156 
ILE CA  HA   sing N N 157 
ILE C   O    doub N N 158 
ILE C   OXT  sing N N 159 
ILE CB  CG1  sing N N 160 
ILE CB  CG2  sing N N 161 
ILE CB  HB   sing N N 162 
ILE CG1 CD1  sing N N 163 
ILE CG1 HG12 sing N N 164 
ILE CG1 HG13 sing N N 165 
ILE CG2 HG21 sing N N 166 
ILE CG2 HG22 sing N N 167 
ILE CG2 HG23 sing N N 168 
ILE CD1 HD11 sing N N 169 
ILE CD1 HD12 sing N N 170 
ILE CD1 HD13 sing N N 171 
ILE OXT HXT  sing N N 172 
LEU N   CA   sing N N 173 
LEU N   H    sing N N 174 
LEU N   H2   sing N N 175 
LEU CA  C    sing N N 176 
LEU CA  CB   sing N N 177 
LEU CA  HA   sing N N 178 
LEU C   O    doub N N 179 
LEU C   OXT  sing N N 180 
LEU CB  CG   sing N N 181 
LEU CB  HB2  sing N N 182 
LEU CB  HB3  sing N N 183 
LEU CG  CD1  sing N N 184 
LEU CG  CD2  sing N N 185 
LEU CG  HG   sing N N 186 
LEU CD1 HD11 sing N N 187 
LEU CD1 HD12 sing N N 188 
LEU CD1 HD13 sing N N 189 
LEU CD2 HD21 sing N N 190 
LEU CD2 HD22 sing N N 191 
LEU CD2 HD23 sing N N 192 
LEU OXT HXT  sing N N 193 
LYS N   CA   sing N N 194 
LYS N   H    sing N N 195 
LYS N   H2   sing N N 196 
LYS CA  C    sing N N 197 
LYS CA  CB   sing N N 198 
LYS CA  HA   sing N N 199 
LYS C   O    doub N N 200 
LYS C   OXT  sing N N 201 
LYS CB  CG   sing N N 202 
LYS CB  HB2  sing N N 203 
LYS CB  HB3  sing N N 204 
LYS CG  CD   sing N N 205 
LYS CG  HG2  sing N N 206 
LYS CG  HG3  sing N N 207 
LYS CD  CE   sing N N 208 
LYS CD  HD2  sing N N 209 
LYS CD  HD3  sing N N 210 
LYS CE  NZ   sing N N 211 
LYS CE  HE2  sing N N 212 
LYS CE  HE3  sing N N 213 
LYS NZ  HZ1  sing N N 214 
LYS NZ  HZ2  sing N N 215 
LYS NZ  HZ3  sing N N 216 
LYS OXT HXT  sing N N 217 
MET N   CA   sing N N 218 
MET N   H    sing N N 219 
MET N   H2   sing N N 220 
MET CA  C    sing N N 221 
MET CA  CB   sing N N 222 
MET CA  HA   sing N N 223 
MET C   O    doub N N 224 
MET C   OXT  sing N N 225 
MET CB  CG   sing N N 226 
MET CB  HB2  sing N N 227 
MET CB  HB3  sing N N 228 
MET CG  SD   sing N N 229 
MET CG  HG2  sing N N 230 
MET CG  HG3  sing N N 231 
MET SD  CE   sing N N 232 
MET CE  HE1  sing N N 233 
MET CE  HE2  sing N N 234 
MET CE  HE3  sing N N 235 
MET OXT HXT  sing N N 236 
PHE N   CA   sing N N 237 
PHE N   H    sing N N 238 
PHE N   H2   sing N N 239 
PHE CA  C    sing N N 240 
PHE CA  CB   sing N N 241 
PHE CA  HA   sing N N 242 
PHE C   O    doub N N 243 
PHE C   OXT  sing N N 244 
PHE CB  CG   sing N N 245 
PHE CB  HB2  sing N N 246 
PHE CB  HB3  sing N N 247 
PHE CG  CD1  doub Y N 248 
PHE CG  CD2  sing Y N 249 
PHE CD1 CE1  sing Y N 250 
PHE CD1 HD1  sing N N 251 
PHE CD2 CE2  doub Y N 252 
PHE CD2 HD2  sing N N 253 
PHE CE1 CZ   doub Y N 254 
PHE CE1 HE1  sing N N 255 
PHE CE2 CZ   sing Y N 256 
PHE CE2 HE2  sing N N 257 
PHE CZ  HZ   sing N N 258 
PHE OXT HXT  sing N N 259 
PRO N   CA   sing N N 260 
PRO N   CD   sing N N 261 
PRO N   H    sing N N 262 
PRO CA  C    sing N N 263 
PRO CA  CB   sing N N 264 
PRO CA  HA   sing N N 265 
PRO C   O    doub N N 266 
PRO C   OXT  sing N N 267 
PRO CB  CG   sing N N 268 
PRO CB  HB2  sing N N 269 
PRO CB  HB3  sing N N 270 
PRO CG  CD   sing N N 271 
PRO CG  HG2  sing N N 272 
PRO CG  HG3  sing N N 273 
PRO CD  HD2  sing N N 274 
PRO CD  HD3  sing N N 275 
PRO OXT HXT  sing N N 276 
SER N   CA   sing N N 277 
SER N   H    sing N N 278 
SER N   H2   sing N N 279 
SER CA  C    sing N N 280 
SER CA  CB   sing N N 281 
SER CA  HA   sing N N 282 
SER C   O    doub N N 283 
SER C   OXT  sing N N 284 
SER CB  OG   sing N N 285 
SER CB  HB2  sing N N 286 
SER CB  HB3  sing N N 287 
SER OG  HG   sing N N 288 
SER OXT HXT  sing N N 289 
THR N   CA   sing N N 290 
THR N   H    sing N N 291 
THR N   H2   sing N N 292 
THR CA  C    sing N N 293 
THR CA  CB   sing N N 294 
THR CA  HA   sing N N 295 
THR C   O    doub N N 296 
THR C   OXT  sing N N 297 
THR CB  OG1  sing N N 298 
THR CB  CG2  sing N N 299 
THR CB  HB   sing N N 300 
THR OG1 HG1  sing N N 301 
THR CG2 HG21 sing N N 302 
THR CG2 HG22 sing N N 303 
THR CG2 HG23 sing N N 304 
THR OXT HXT  sing N N 305 
TRP N   CA   sing N N 306 
TRP N   H    sing N N 307 
TRP N   H2   sing N N 308 
TRP CA  C    sing N N 309 
TRP CA  CB   sing N N 310 
TRP CA  HA   sing N N 311 
TRP C   O    doub N N 312 
TRP C   OXT  sing N N 313 
TRP CB  CG   sing N N 314 
TRP CB  HB2  sing N N 315 
TRP CB  HB3  sing N N 316 
TRP CG  CD1  doub Y N 317 
TRP CG  CD2  sing Y N 318 
TRP CD1 NE1  sing Y N 319 
TRP CD1 HD1  sing N N 320 
TRP CD2 CE2  doub Y N 321 
TRP CD2 CE3  sing Y N 322 
TRP NE1 CE2  sing Y N 323 
TRP NE1 HE1  sing N N 324 
TRP CE2 CZ2  sing Y N 325 
TRP CE3 CZ3  doub Y N 326 
TRP CE3 HE3  sing N N 327 
TRP CZ2 CH2  doub Y N 328 
TRP CZ2 HZ2  sing N N 329 
TRP CZ3 CH2  sing Y N 330 
TRP CZ3 HZ3  sing N N 331 
TRP CH2 HH2  sing N N 332 
TRP OXT HXT  sing N N 333 
TYR N   CA   sing N N 334 
TYR N   H    sing N N 335 
TYR N   H2   sing N N 336 
TYR CA  C    sing N N 337 
TYR CA  CB   sing N N 338 
TYR CA  HA   sing N N 339 
TYR C   O    doub N N 340 
TYR C   OXT  sing N N 341 
TYR CB  CG   sing N N 342 
TYR CB  HB2  sing N N 343 
TYR CB  HB3  sing N N 344 
TYR CG  CD1  doub Y N 345 
TYR CG  CD2  sing Y N 346 
TYR CD1 CE1  sing Y N 347 
TYR CD1 HD1  sing N N 348 
TYR CD2 CE2  doub Y N 349 
TYR CD2 HD2  sing N N 350 
TYR CE1 CZ   doub Y N 351 
TYR CE1 HE1  sing N N 352 
TYR CE2 CZ   sing Y N 353 
TYR CE2 HE2  sing N N 354 
TYR CZ  OH   sing N N 355 
TYR OH  HH   sing N N 356 
TYR OXT HXT  sing N N 357 
VAL N   CA   sing N N 358 
VAL N   H    sing N N 359 
VAL N   H2   sing N N 360 
VAL CA  C    sing N N 361 
VAL CA  CB   sing N N 362 
VAL CA  HA   sing N N 363 
VAL C   O    doub N N 364 
VAL C   OXT  sing N N 365 
VAL CB  CG1  sing N N 366 
VAL CB  CG2  sing N N 367 
VAL CB  HB   sing N N 368 
VAL CG1 HG11 sing N N 369 
VAL CG1 HG12 sing N N 370 
VAL CG1 HG13 sing N N 371 
VAL CG2 HG21 sing N N 372 
VAL CG2 HG22 sing N N 373 
VAL CG2 HG23 sing N N 374 
VAL OXT HXT  sing N N 375 
# 
_atom_sites.entry_id                    2ABX 
_atom_sites.fract_transf_matrix[1][1]   -0.00384457 
_atom_sites.fract_transf_matrix[1][2]   0.00128535 
_atom_sites.fract_transf_matrix[1][3]   0.01418098 
_atom_sites.fract_transf_matrix[2][1]   -0.00869678 
_atom_sites.fract_transf_matrix[2][2]   -0.00920517 
_atom_sites.fract_transf_matrix[2][3]   -0.00152341 
_atom_sites.fract_transf_matrix[3][1]   0.03051299 
_atom_sites.fract_transf_matrix[3][2]   -0.03065666 
_atom_sites.fract_transf_matrix[3][3]   0.01105098 
_atom_sites.fract_transf_vector[1]      0.534072 
_atom_sites.fract_transf_vector[2]      0.674979 
_atom_sites.fract_transf_vector[3]      0.674879 
# 
loop_
_atom_type.symbol 
C 
N 
O 
S 
# 
loop_
_atom_site.group_PDB 
_atom_site.id 
_atom_site.type_symbol 
_atom_site.label_atom_id 
_atom_site.label_alt_id 
_atom_site.label_comp_id 
_atom_site.label_asym_id 
_atom_site.label_entity_id 
_atom_site.label_seq_id 
_atom_site.pdbx_PDB_ins_code 
_atom_site.Cartn_x 
_atom_site.Cartn_y 
_atom_site.Cartn_z 
_atom_site.occupancy 
_atom_site.B_iso_or_equiv 
_atom_site.pdbx_formal_charge 
_atom_site.auth_seq_id 
_atom_site.auth_comp_id 
_atom_site.auth_asym_id 
_atom_site.auth_atom_id 
_atom_site.pdbx_PDB_model_num 
ATOM   1    N N   . ILE A 1 1  ? 9.749   -0.304  -16.895 1.00 19.92 ? 1   ILE A N   1 
ATOM   2    C CA  . ILE A 1 1  ? 8.560   0.471   -17.395 1.00 19.75 ? 1   ILE A CA  1 
ATOM   3    C C   . ILE A 1 1  ? 7.595   0.599   -16.216 1.00 25.00 ? 1   ILE A C   1 
ATOM   4    O O   . ILE A 1 1  ? 6.903   -0.370  -15.862 1.00 25.00 ? 1   ILE A O   1 
ATOM   5    C CB  . ILE A 1 1  ? 8.180   0.071   -18.753 1.00 14.40 ? 1   ILE A CB  1 
ATOM   6    C CG1 . ILE A 1 1  ? 6.758   0.400   -19.189 1.00 5.00  ? 1   ILE A CG1 1 
ATOM   7    C CG2 . ILE A 1 1  ? 8.352   -1.426  -19.016 1.00 12.12 ? 1   ILE A CG2 1 
ATOM   8    C CD1 . ILE A 1 1  ? 6.595   0.393   -20.711 1.00 5.00  ? 1   ILE A CD1 1 
ATOM   9    N N   . VAL A 1 2  ? 7.648   1.904   -15.638 1.00 25.00 ? 2   VAL A N   1 
ATOM   10   C CA  . VAL A 1 2  ? 6.879   2.243   -14.421 1.00 25.00 ? 2   VAL A CA  1 
ATOM   11   C C   . VAL A 1 2  ? 6.421   3.639   -14.170 1.00 25.00 ? 2   VAL A C   1 
ATOM   12   O O   . VAL A 1 2  ? 5.478   4.115   -14.845 1.00 22.20 ? 2   VAL A O   1 
ATOM   13   C CB  . VAL A 1 2  ? 7.460   1.425   -13.270 1.00 25.00 ? 2   VAL A CB  1 
ATOM   14   C CG1 . VAL A 1 2  ? 6.682   0.364   -12.731 1.00 5.00  ? 2   VAL A CG1 1 
ATOM   15   C CG2 . VAL A 1 2  ? 8.806   0.980   -13.560 1.00 5.00  ? 2   VAL A CG2 1 
ATOM   16   N N   . CYS A 1 3  ? 7.148   4.068   -13.248 1.00 23.31 ? 3   CYS A N   1 
ATOM   17   C CA  . CYS A 1 3  ? 6.921   5.177   -12.433 1.00 15.05 ? 3   CYS A CA  1 
ATOM   18   C C   . CYS A 1 3  ? 7.565   6.533   -12.857 1.00 10.02 ? 3   CYS A C   1 
ATOM   19   O O   . CYS A 1 3  ? 8.656   6.568   -13.447 1.00 5.01  ? 3   CYS A O   1 
ATOM   20   C CB  . CYS A 1 3  ? 7.438   4.641   -11.170 1.00 25.00 ? 3   CYS A CB  1 
ATOM   21   S SG  . CYS A 1 3  ? 9.278   4.836   -11.138 1.00 25.00 ? 3   CYS A SG  1 
ATOM   22   N N   . HIS A 1 4  ? 6.791   7.597   -12.494 1.00 12.51 ? 4   HIS A N   1 
ATOM   23   C CA  . HIS A 1 4  ? 7.094   9.030   -12.782 1.00 17.43 ? 4   HIS A CA  1 
ATOM   24   C C   . HIS A 1 4  ? 6.573   9.976   -11.665 1.00 18.53 ? 4   HIS A C   1 
ATOM   25   O O   . HIS A 1 4  ? 5.459   10.517  -11.756 1.00 12.70 ? 4   HIS A O   1 
ATOM   26   C CB  . HIS A 1 4  ? 6.445   9.443   -14.087 1.00 25.00 ? 4   HIS A CB  1 
ATOM   27   C CG  . HIS A 1 4  ? 7.466   9.680   -15.187 1.00 25.00 ? 4   HIS A CG  1 
ATOM   28   N ND1 . HIS A 1 4  ? 8.675   8.996   -15.225 1.00 25.00 ? 4   HIS A ND1 1 
ATOM   29   C CD2 . HIS A 1 4  ? 7.455   10.508  -16.260 1.00 25.00 ? 4   HIS A CD2 1 
ATOM   30   C CE1 . HIS A 1 4  ? 9.344   9.412   -16.283 1.00 25.00 ? 4   HIS A CE1 1 
ATOM   31   N NE2 . HIS A 1 4  ? 8.629   10.313  -16.910 1.00 25.00 ? 4   HIS A NE2 1 
ATOM   32   N N   . THR A 1 5  ? 7.473   10.078  -10.698 1.00 25.00 ? 5   THR A N   1 
ATOM   33   C CA  . THR A 1 5  ? 7.368   10.860  -9.457  1.00 24.16 ? 5   THR A CA  1 
ATOM   34   C C   . THR A 1 5  ? 8.794   10.978  -8.891  1.00 25.00 ? 5   THR A C   1 
ATOM   35   O O   . THR A 1 5  ? 9.780   10.981  -9.643  1.00 18.39 ? 5   THR A O   1 
ATOM   36   C CB  . THR A 1 5  ? 6.481   10.092  -8.467  1.00 21.65 ? 5   THR A CB  1 
ATOM   37   O OG1 . THR A 1 5  ? 6.919   8.744   -8.369  1.00 5.00  ? 5   THR A OG1 1 
ATOM   38   C CG2 . THR A 1 5  ? 5.008   10.064  -8.879  1.00 5.00  ? 5   THR A CG2 1 
ATOM   39   N N   . THR A 1 6  ? 8.858   11.088  -7.572  1.00 22.95 ? 6   THR A N   1 
ATOM   40   C CA  . THR A 1 6  ? 10.121  11.012  -6.844  1.00 19.75 ? 6   THR A CA  1 
ATOM   41   C C   . THR A 1 6  ? 10.676  9.696   -7.209  1.00 25.00 ? 6   THR A C   1 
ATOM   42   O O   . THR A 1 6  ? 10.290  9.118   -8.227  1.00 21.20 ? 6   THR A O   1 
ATOM   43   C CB  . THR A 1 6  ? 9.856   10.825  -5.369  1.00 12.91 ? 6   THR A CB  1 
ATOM   44   O OG1 . THR A 1 6  ? 8.862   11.740  -4.930  1.00 5.00  ? 6   THR A OG1 1 
ATOM   45   C CG2 . THR A 1 6  ? 11.116  11.070  -4.535  1.00 8.52  ? 6   THR A CG2 1 
ATOM   46   N N   . ALA A 1 7  ? 11.514  9.196   -6.363  1.00 18.86 ? 7   ALA A N   1 
ATOM   47   C CA  . ALA A 1 7  ? 12.174  7.945   -6.658  1.00 12.73 ? 7   ALA A CA  1 
ATOM   48   C C   . ALA A 1 7  ? 13.609  8.298   -6.972  1.00 8.75  ? 7   ALA A C   1 
ATOM   49   O O   . ALA A 1 7  ? 13.991  8.427   -8.144  1.00 14.79 ? 7   ALA A O   1 
ATOM   50   C CB  . ALA A 1 7  ? 11.510  7.295   -7.876  1.00 8.86  ? 7   ALA A CB  1 
ATOM   51   N N   . THR A 1 8  ? 14.362  8.461   -5.932  1.00 14.01 ? 8   THR A N   1 
ATOM   52   C CA  . THR A 1 8  ? 15.760  8.899   -6.011  1.00 18.46 ? 8   THR A CA  1 
ATOM   53   C C   . THR A 1 8  ? 15.863  10.315  -6.646  1.00 21.91 ? 8   THR A C   1 
ATOM   54   O O   . THR A 1 8  ? 16.189  10.473  -7.831  1.00 10.95 ? 8   THR A O   1 
ATOM   55   C CB  . THR A 1 8  ? 16.648  7.892   -6.706  1.00 18.64 ? 8   THR A CB  1 
ATOM   56   O OG1 . THR A 1 8  ? 16.181  6.577   -6.441  1.00 12.31 ? 8   THR A OG1 1 
ATOM   57   C CG2 . THR A 1 8  ? 18.104  7.978   -6.237  1.00 6.10  ? 8   THR A CG2 1 
ATOM   58   N N   . ILE A 1 9  ? 15.541  11.135  -5.731  1.00 25.00 ? 9   ILE A N   1 
ATOM   59   C CA  . ILE A 1 9  ? 15.607  12.579  -5.635  1.00 15.32 ? 9   ILE A CA  1 
ATOM   60   C C   . ILE A 1 9  ? 14.736  13.485  -6.411  1.00 10.16 ? 9   ILE A C   1 
ATOM   61   O O   . ILE A 1 9  ? 13.469  13.391  -6.311  1.00 5.08  ? 9   ILE A O   1 
ATOM   62   C CB  . ILE A 1 9  ? 17.022  13.092  -5.527  1.00 14.81 ? 9   ILE A CB  1 
ATOM   63   C CG1 . ILE A 1 9  ? 18.032  11.977  -5.325  1.00 25.00 ? 9   ILE A CG1 1 
ATOM   64   C CG2 . ILE A 1 9  ? 17.193  14.019  -4.308  1.00 19.43 ? 9   ILE A CG2 1 
ATOM   65   C CD1 . ILE A 1 9  ? 18.693  11.530  -6.629  1.00 25.00 ? 9   ILE A CD1 1 
ATOM   66   N N   . PRO A 1 10 ? 15.328  14.537  -6.931  1.00 9.91  ? 10  PRO A N   1 
ATOM   67   C CA  . PRO A 1 10 ? 14.497  15.621  -7.513  1.00 16.44 ? 10  PRO A CA  1 
ATOM   68   C C   . PRO A 1 10 ? 13.495  14.991  -8.460  1.00 25.00 ? 10  PRO A C   1 
ATOM   69   O O   . PRO A 1 10 ? 12.410  15.540  -8.847  1.00 25.00 ? 10  PRO A O   1 
ATOM   70   C CB  . PRO A 1 10 ? 15.434  16.717  -7.925  1.00 11.15 ? 10  PRO A CB  1 
ATOM   71   C CG  . PRO A 1 10 ? 16.753  16.424  -7.256  1.00 5.00  ? 10  PRO A CG  1 
ATOM   72   C CD  . PRO A 1 10 ? 16.770  14.878  -7.116  1.00 5.00  ? 10  PRO A CD  1 
ATOM   73   N N   . SER A 1 11 ? 13.863  13.739  -8.857  1.00 19.30 ? 11  SER A N   1 
ATOM   74   C CA  . SER A 1 11 ? 12.803  13.161  -9.774  1.00 12.88 ? 11  SER A CA  1 
ATOM   75   C C   . SER A 1 11 ? 12.923  13.824  -11.125 1.00 8.94  ? 11  SER A C   1 
ATOM   76   O O   . SER A 1 11 ? 13.266  15.004  -11.310 1.00 5.39  ? 11  SER A O   1 
ATOM   77   C CB  . SER A 1 11 ? 11.527  13.631  -8.989  1.00 18.94 ? 11  SER A CB  1 
ATOM   78   O OG  . SER A 1 11 ? 11.526  12.838  -7.739  1.00 13.80 ? 11  SER A OG  1 
ATOM   79   N N   . SER A 1 12 ? 12.744  13.037  -12.157 1.00 9.07  ? 12  SER A N   1 
ATOM   80   C CA  . SER A 1 12 ? 12.786  13.307  -13.585 1.00 8.01  ? 12  SER A CA  1 
ATOM   81   C C   . SER A 1 12 ? 12.021  12.189  -14.325 1.00 12.88 ? 12  SER A C   1 
ATOM   82   O O   . SER A 1 12 ? 12.161  11.808  -15.494 1.00 6.44  ? 12  SER A O   1 
ATOM   83   C CB  . SER A 1 12 ? 14.108  13.656  -14.159 1.00 5.00  ? 12  SER A CB  1 
ATOM   84   O OG  . SER A 1 12 ? 14.056  15.002  -14.685 1.00 8.76  ? 12  SER A OG  1 
ATOM   85   N N   . ALA A 1 13 ? 11.092  11.730  -13.462 1.00 17.52 ? 13  ALA A N   1 
ATOM   86   C CA  . ALA A 1 13 ? 10.097  10.717  -13.848 1.00 22.17 ? 13  ALA A CA  1 
ATOM   87   C C   . ALA A 1 13 ? 10.802  9.392   -14.035 1.00 25.00 ? 13  ALA A C   1 
ATOM   88   O O   . ALA A 1 13 ? 10.310  8.248   -13.997 1.00 12.50 ? 13  ALA A O   1 
ATOM   89   C CB  . ALA A 1 13 ? 9.552   11.318  -15.156 1.00 25.00 ? 13  ALA A CB  1 
ATOM   90   N N   . VAL A 1 14 ? 12.083  9.626   -14.274 1.00 25.00 ? 14  VAL A N   1 
ATOM   91   C CA  . VAL A 1 14 ? 13.086  8.557   -14.478 1.00 25.00 ? 14  VAL A CA  1 
ATOM   92   C C   . VAL A 1 14 ? 12.462  7.314   -15.117 1.00 25.00 ? 14  VAL A C   1 
ATOM   93   O O   . VAL A 1 14 ? 12.576  7.138   -16.366 1.00 13.41 ? 14  VAL A O   1 
ATOM   94   C CB  . VAL A 1 14 ? 13.727  8.318   -13.069 1.00 25.00 ? 14  VAL A CB  1 
ATOM   95   C CG1 . VAL A 1 14 ? 14.487  7.031   -12.882 1.00 14.36 ? 14  VAL A CG1 1 
ATOM   96   C CG2 . VAL A 1 14 ? 14.658  9.568   -12.848 1.00 25.00 ? 14  VAL A CG2 1 
ATOM   97   N N   . THR A 1 15 ? 11.828  6.545   -14.260 1.00 22.86 ? 15  THR A N   1 
ATOM   98   C CA  . THR A 1 15 ? 11.322  5.230   -14.388 1.00 24.47 ? 15  THR A CA  1 
ATOM   99   C C   . THR A 1 15 ? 12.522  4.255   -14.211 1.00 25.00 ? 15  THR A C   1 
ATOM   100  O O   . THR A 1 15 ? 12.994  3.431   -15.020 1.00 25.00 ? 15  THR A O   1 
ATOM   101  C CB  . THR A 1 15 ? 10.311  4.869   -15.429 1.00 25.00 ? 15  THR A CB  1 
ATOM   102  O OG1 . THR A 1 15 ? 10.906  4.677   -16.736 1.00 21.40 ? 15  THR A OG1 1 
ATOM   103  C CG2 . THR A 1 15 ? 9.063   5.718   -15.375 1.00 16.76 ? 15  THR A CG2 1 
ATOM   104  N N   . CYS A 1 16 ? 13.034  4.497   -13.017 1.00 17.86 ? 16  CYS A N   1 
ATOM   105  C CA  . CYS A 1 16 ? 14.067  3.792   -12.351 1.00 8.83  ? 16  CYS A CA  1 
ATOM   106  C C   . CYS A 1 16 ? 14.977  2.798   -13.056 1.00 6.92  ? 16  CYS A C   1 
ATOM   107  O O   . CYS A 1 16 ? 15.384  3.016   -14.210 1.00 5.00  ? 16  CYS A O   1 
ATOM   108  C CB  . CYS A 1 16 ? 13.553  3.297   -10.997 1.00 12.77 ? 16  CYS A CB  1 
ATOM   109  S SG  . CYS A 1 16 ? 11.694  2.955   -10.836 1.00 6.19  ? 16  CYS A SG  1 
ATOM   110  N N   . PRO A 1 17 ? 15.291  1.720   -12.310 1.00 6.51  ? 17  PRO A N   1 
ATOM   111  C CA  . PRO A 1 17 ? 16.274  0.724   -12.676 1.00 5.38  ? 17  PRO A CA  1 
ATOM   112  C C   . PRO A 1 17 ? 15.883  -0.093  -13.868 1.00 5.00  ? 17  PRO A C   1 
ATOM   113  O O   . PRO A 1 17 ? 15.384  0.490   -14.881 1.00 23.36 ? 17  PRO A O   1 
ATOM   114  C CB  . PRO A 1 17 ? 16.257  -0.287  -11.561 1.00 5.00  ? 17  PRO A CB  1 
ATOM   115  C CG  . PRO A 1 17 ? 15.220  0.162   -10.551 1.00 5.00  ? 17  PRO A CG  1 
ATOM   116  C CD  . PRO A 1 17 ? 14.624  1.446   -11.028 1.00 8.25  ? 17  PRO A CD  1 
ATOM   117  N N   . PRO A 1 18 ? 16.102  -1.439  -13.762 1.00 7.57  ? 18  PRO A N   1 
ATOM   118  C CA  . PRO A 1 18 ? 15.873  -2.366  -14.818 1.00 10.15 ? 18  PRO A CA  1 
ATOM   119  C C   . PRO A 1 18 ? 14.501  -3.051  -14.526 1.00 16.44 ? 18  PRO A C   1 
ATOM   120  O O   . PRO A 1 18 ? 13.486  -2.341  -14.243 1.00 25.00 ? 18  PRO A O   1 
ATOM   121  C CB  . PRO A 1 18 ? 16.592  -3.606  -14.458 1.00 7.86  ? 18  PRO A CB  1 
ATOM   122  C CG  . PRO A 1 18 ? 16.847  -3.551  -13.025 1.00 12.62 ? 18  PRO A CG  1 
ATOM   123  C CD  . PRO A 1 18 ? 16.647  -2.118  -12.576 1.00 7.02  ? 18  PRO A CD  1 
ATOM   124  N N   . GLY A 1 19 ? 14.542  -4.409  -14.567 1.00 17.14 ? 19  GLY A N   1 
ATOM   125  C CA  . GLY A 1 19 ? 13.414  -5.333  -14.181 1.00 22.38 ? 19  GLY A CA  1 
ATOM   126  C C   . GLY A 1 19 ? 12.273  -5.376  -15.210 1.00 25.00 ? 19  GLY A C   1 
ATOM   127  O O   . GLY A 1 19 ? 12.349  -6.091  -16.222 1.00 25.00 ? 19  GLY A O   1 
ATOM   128  N N   . GLU A 1 20 ? 11.261  -4.590  -14.900 1.00 25.00 ? 20  GLU A N   1 
ATOM   129  C CA  . GLU A 1 20 ? 10.054  -4.475  -15.719 1.00 22.92 ? 20  GLU A CA  1 
ATOM   130  C C   . GLU A 1 20 ? 8.834   -4.638  -14.782 1.00 21.50 ? 20  GLU A C   1 
ATOM   131  O O   . GLU A 1 20 ? 8.371   -5.760  -14.531 1.00 10.75 ? 20  GLU A O   1 
ATOM   132  C CB  . GLU A 1 20 ? 10.129  -5.547  -16.805 1.00 20.18 ? 20  GLU A CB  1 
ATOM   133  C CG  . GLU A 1 20 ? 11.053  -5.201  -18.007 1.00 16.97 ? 20  GLU A CG  1 
ATOM   134  C CD  . GLU A 1 20 ? 12.329  -4.391  -17.697 1.00 10.89 ? 20  GLU A CD  1 
ATOM   135  O OE1 . GLU A 1 20 ? 13.475  -4.982  -17.645 1.00 25.00 ? 20  GLU A OE1 1 
ATOM   136  O OE2 . GLU A 1 20 ? 12.253  -3.120  -17.493 1.00 23.48 ? 20  GLU A OE2 1 
ATOM   137  N N   . ASN A 1 21 ? 8.455   -3.443  -14.350 1.00 16.89 ? 21  ASN A N   1 
ATOM   138  C CA  . ASN A 1 21 ? 7.402   -3.104  -13.375 1.00 15.10 ? 21  ASN A CA  1 
ATOM   139  C C   . ASN A 1 21 ? 8.097   -2.473  -12.142 1.00 12.96 ? 21  ASN A C   1 
ATOM   140  O O   . ASN A 1 21 ? 9.293   -2.736  -11.907 1.00 11.11 ? 21  ASN A O   1 
ATOM   141  C CB  . ASN A 1 21 ? 6.508   -4.341  -12.998 1.00 25.00 ? 21  ASN A CB  1 
ATOM   142  C CG  . ASN A 1 21 ? 6.554   -4.850  -11.514 1.00 25.00 ? 21  ASN A CG  1 
ATOM   143  O OD1 . ASN A 1 21 ? 5.723   -4.454  -10.695 1.00 25.00 ? 21  ASN A OD1 1 
ATOM   144  N ND2 . ASN A 1 21 ? 7.481   -5.712  -11.138 1.00 25.00 ? 21  ASN A ND2 1 
ATOM   145  N N   . LEU A 1 22 ? 7.161   -1.701  -11.620 1.00 17.21 ? 22  LEU A N   1 
ATOM   146  C CA  . LEU A 1 22 ? 7.003   -0.912  -10.373 1.00 12.06 ? 22  LEU A CA  1 
ATOM   147  C C   . LEU A 1 22 ? 8.053   0.099   -9.870  1.00 8.97  ? 22  LEU A C   1 
ATOM   148  O O   . LEU A 1 22 ? 9.127   0.268   -10.468 1.00 12.09 ? 22  LEU A O   1 
ATOM   149  C CB  . LEU A 1 22 ? 6.738   -1.821  -9.188  1.00 9.56  ? 22  LEU A CB  1 
ATOM   150  C CG  . LEU A 1 22 ? 5.396   -1.500  -8.529  1.00 5.00  ? 22  LEU A CG  1 
ATOM   151  C CD1 . LEU A 1 22 ? 4.526   -2.741  -8.325  1.00 5.00  ? 22  LEU A CD1 1 
ATOM   152  C CD2 . LEU A 1 22 ? 5.546   -0.857  -7.149  1.00 5.00  ? 22  LEU A CD2 1 
ATOM   153  N N   . CYS A 1 23 ? 7.539   0.687   -8.771  1.00 7.81  ? 23  CYS A N   1 
ATOM   154  C CA  . CYS A 1 23 ? 8.186   1.701   -7.933  1.00 10.61 ? 23  CYS A CA  1 
ATOM   155  C C   . CYS A 1 23 ? 7.564   1.646   -6.540  1.00 7.81  ? 23  CYS A C   1 
ATOM   156  O O   . CYS A 1 23 ? 6.378   1.422   -6.278  1.00 5.00  ? 23  CYS A O   1 
ATOM   157  C CB  . CYS A 1 23 ? 8.146   3.041   -8.673  1.00 17.81 ? 23  CYS A CB  1 
ATOM   158  S SG  . CYS A 1 23 ? 8.733   2.893   -10.433 1.00 23.05 ? 23  CYS A SG  1 
ATOM   159  N N   . TYR A 1 24 ? 8.414   1.541   -5.536  1.00 16.34 ? 24  TYR A N   1 
ATOM   160  C CA  . TYR A 1 24 ? 8.221   1.324   -4.100  1.00 24.42 ? 24  TYR A CA  1 
ATOM   161  C C   . TYR A 1 24 ? 7.891   2.521   -3.213  1.00 22.83 ? 24  TYR A C   1 
ATOM   162  O O   . TYR A 1 24 ? 8.771   3.309   -2.819  1.00 18.08 ? 24  TYR A O   1 
ATOM   163  C CB  . TYR A 1 24 ? 9.452   0.567   -3.560  1.00 25.00 ? 24  TYR A CB  1 
ATOM   164  C CG  . TYR A 1 24 ? 10.628  1.251   -2.974  1.00 21.20 ? 24  TYR A CG  1 
ATOM   165  C CD1 . TYR A 1 24 ? 10.636  1.974   -1.770  1.00 25.00 ? 24  TYR A CD1 1 
ATOM   166  C CD2 . TYR A 1 24 ? 11.874  1.139   -3.607  1.00 25.00 ? 24  TYR A CD2 1 
ATOM   167  C CE1 . TYR A 1 24 ? 11.794  2.546   -1.264  1.00 25.00 ? 24  TYR A CE1 1 
ATOM   168  C CE2 . TYR A 1 24 ? 13.061  1.755   -3.118  1.00 25.00 ? 24  TYR A CE2 1 
ATOM   169  C CZ  . TYR A 1 24 ? 13.017  2.412   -1.918  1.00 20.33 ? 24  TYR A CZ  1 
ATOM   170  O OH  . TYR A 1 24 ? 14.164  2.949   -1.413  1.00 5.00  ? 24  TYR A OH  1 
ATOM   171  N N   . ARG A 1 25 ? 6.630   2.645   -2.861  1.00 21.12 ? 25  ARG A N   1 
ATOM   172  C CA  . ARG A 1 25 ? 6.100   3.757   -2.023  1.00 14.71 ? 25  ARG A CA  1 
ATOM   173  C C   . ARG A 1 25 ? 6.372   3.345   -0.569  1.00 10.59 ? 25  ARG A C   1 
ATOM   174  O O   . ARG A 1 25 ? 6.301   2.146   -0.357  1.00 16.43 ? 25  ARG A O   1 
ATOM   175  C CB  . ARG A 1 25 ? 4.620   3.989   -2.227  1.00 19.98 ? 25  ARG A CB  1 
ATOM   176  C CG  . ARG A 1 25 ? 3.790   4.913   -1.360  1.00 25.00 ? 25  ARG A CG  1 
ATOM   177  C CD  . ARG A 1 25 ? 3.014   5.978   -2.042  1.00 25.00 ? 25  ARG A CD  1 
ATOM   178  N NE  . ARG A 1 25 ? 2.061   6.689   -1.232  1.00 25.00 ? 25  ARG A NE  1 
ATOM   179  C CZ  . ARG A 1 25 ? 1.561   7.913   -1.142  1.00 25.00 ? 25  ARG A CZ  1 
ATOM   180  N NH1 . ARG A 1 25 ? 1.753   8.943   -1.902  1.00 5.00  ? 25  ARG A NH1 1 
ATOM   181  N NH2 . ARG A 1 25 ? 0.925   8.220   0.041   1.00 15.48 ? 25  ARG A NH2 1 
ATOM   182  N N   . LYS A 1 26 ? 6.719   4.289   0.278   1.00 13.75 ? 26  LYS A N   1 
ATOM   183  C CA  . LYS A 1 26 ? 6.937   4.043   1.688   1.00 9.98  ? 26  LYS A CA  1 
ATOM   184  C C   . LYS A 1 26 ? 7.086   5.254   2.508   1.00 6.27  ? 26  LYS A C   1 
ATOM   185  O O   . LYS A 1 26 ? 8.047   6.049   2.339   1.00 14.40 ? 26  LYS A O   1 
ATOM   186  C CB  . LYS A 1 26 ? 8.113   3.112   2.075   1.00 7.49  ? 26  LYS A CB  1 
ATOM   187  C CG  . LYS A 1 26 ? 7.799   2.657   3.580   1.00 5.00  ? 26  LYS A CG  1 
ATOM   188  C CD  . LYS A 1 26 ? 8.928   1.751   4.044   1.00 5.00  ? 26  LYS A CD  1 
ATOM   189  C CE  . LYS A 1 26 ? 9.044   1.878   5.566   1.00 5.52  ? 26  LYS A CE  1 
ATOM   190  N NZ  . LYS A 1 26 ? 9.831   0.735   6.165   1.00 17.08 ? 26  LYS A NZ  1 
ATOM   191  N N   . MET A 1 27 ? 6.218   5.415   3.510   1.00 7.75  ? 27  MET A N   1 
ATOM   192  C CA  . MET A 1 27 ? 6.433   6.525   4.454   1.00 6.64  ? 27  MET A CA  1 
ATOM   193  C C   . MET A 1 27 ? 5.400   7.617   4.476   1.00 5.00  ? 27  MET A C   1 
ATOM   194  O O   . MET A 1 27 ? 4.645   7.871   3.570   1.00 6.02  ? 27  MET A O   1 
ATOM   195  C CB  . MET A 1 27 ? 7.778   7.303   4.192   1.00 5.00  ? 27  MET A CB  1 
ATOM   196  C CG  . MET A 1 27 ? 8.081   8.292   5.312   1.00 5.00  ? 27  MET A CG  1 
ATOM   197  S SD  . MET A 1 27 ? 9.836   8.005   5.801   1.00 5.00  ? 27  MET A SD  1 
ATOM   198  C CE  . MET A 1 27 ? 10.166  9.459   6.743   1.00 5.00  ? 27  MET A CE  1 
ATOM   199  N N   . TRP A 1 28 ? 5.640   8.446   5.541   1.00 9.84  ? 28  TRP A N   1 
ATOM   200  C CA  . TRP A 1 28 ? 4.751   9.607   5.677   1.00 19.67 ? 28  TRP A CA  1 
ATOM   201  C C   . TRP A 1 28 ? 4.767   10.264  7.025   1.00 25.00 ? 28  TRP A C   1 
ATOM   202  O O   . TRP A 1 28 ? 5.214   11.419  7.240   1.00 19.62 ? 28  TRP A O   1 
ATOM   203  C CB  . TRP A 1 28 ? 3.353   9.223   5.193   1.00 18.96 ? 28  TRP A CB  1 
ATOM   204  C CG  . TRP A 1 28 ? 2.444   10.317  4.754   1.00 25.00 ? 28  TRP A CG  1 
ATOM   205  C CD1 . TRP A 1 28 ? 2.669   11.359  3.880   1.00 25.00 ? 28  TRP A CD1 1 
ATOM   206  C CD2 . TRP A 1 28 ? 1.133   10.562  5.286   1.00 5.00  ? 28  TRP A CD2 1 
ATOM   207  N NE1 . TRP A 1 28 ? 1.580   12.216  3.822   1.00 7.45  ? 28  TRP A NE1 1 
ATOM   208  C CE2 . TRP A 1 28 ? 0.621   11.694  4.638   1.00 5.00  ? 28  TRP A CE2 1 
ATOM   209  C CE3 . TRP A 1 28 ? 0.379   9.829   6.179   1.00 5.00  ? 28  TRP A CE3 1 
ATOM   210  C CZ2 . TRP A 1 28 ? -0.675  12.100  4.825   1.00 6.87  ? 28  TRP A CZ2 1 
ATOM   211  C CZ3 . TRP A 1 28 ? -0.895  10.257  6.393   1.00 21.13 ? 28  TRP A CZ3 1 
ATOM   212  C CH2 . TRP A 1 28 ? -1.429  11.347  5.714   1.00 25.00 ? 28  TRP A CH2 1 
ATOM   213  N N   . CYS A 1 29 ? 4.279   9.553   8.094   1.00 25.00 ? 29  CYS A N   1 
ATOM   214  C CA  . CYS A 1 29 ? 4.194   10.309  9.298   1.00 20.00 ? 29  CYS A CA  1 
ATOM   215  C C   . CYS A 1 29 ? 5.163   10.515  10.412  1.00 25.00 ? 29  CYS A C   1 
ATOM   216  O O   . CYS A 1 29 ? 4.780   10.535  11.648  1.00 12.50 ? 29  CYS A O   1 
ATOM   217  C CB  . CYS A 1 29 ? 2.733   10.458  9.864   1.00 12.50 ? 29  CYS A CB  1 
ATOM   218  S SG  . CYS A 1 29 ? 2.978   12.130  10.643  1.00 18.02 ? 29  CYS A SG  1 
ATOM   219  N N   . ASP A 1 30 ? 6.401   10.770  10.052  1.00 25.00 ? 30  ASP A N   1 
ATOM   220  C CA  . ASP A 1 30 ? 7.600   11.074  10.826  1.00 24.96 ? 30  ASP A CA  1 
ATOM   221  C C   . ASP A 1 30 ? 7.677   10.349  12.138  1.00 25.00 ? 30  ASP A C   1 
ATOM   222  O O   . ASP A 1 30 ? 8.160   9.199   12.402  1.00 12.50 ? 30  ASP A O   1 
ATOM   223  C CB  . ASP A 1 30 ? 7.803   12.565  10.859  1.00 24.85 ? 30  ASP A CB  1 
ATOM   224  C CG  . ASP A 1 30 ? 6.844   13.442  10.130  1.00 24.92 ? 30  ASP A CG  1 
ATOM   225  O OD1 . ASP A 1 30 ? 6.797   13.674  8.927   1.00 11.92 ? 30  ASP A OD1 1 
ATOM   226  O OD2 . ASP A 1 30 ? 5.953   14.060  10.917  1.00 5.00  ? 30  ASP A OD2 1 
ATOM   227  N N   . ALA A 1 31 ? 7.083   11.039  13.109  1.00 25.00 ? 31  ALA A N   1 
ATOM   228  C CA  . ALA A 1 31 ? 6.967   10.410  14.450  1.00 20.00 ? 31  ALA A CA  1 
ATOM   229  C C   . ALA A 1 31 ? 6.677   11.600  15.369  1.00 25.00 ? 31  ALA A C   1 
ATOM   230  O O   . ALA A 1 31 ? 6.746   11.295  16.580  1.00 25.00 ? 31  ALA A O   1 
ATOM   231  C CB  . ALA A 1 31 ? 8.032   9.489   14.902  1.00 12.50 ? 31  ALA A CB  1 
ATOM   232  N N   . PHE A 1 32 ? 6.416   12.649  14.606  1.00 25.00 ? 32  PHE A N   1 
ATOM   233  C CA  . PHE A 1 32 ? 5.966   13.979  14.999  1.00 21.59 ? 32  PHE A CA  1 
ATOM   234  C C   . PHE A 1 32 ? 4.730   14.366  14.099  1.00 25.00 ? 32  PHE A C   1 
ATOM   235  O O   . PHE A 1 32 ? 4.735   15.185  13.183  1.00 12.50 ? 32  PHE A O   1 
ATOM   236  C CB  . PHE A 1 32 ? 6.920   15.133  14.866  1.00 16.56 ? 32  PHE A CB  1 
ATOM   237  C CG  . PHE A 1 32 ? 7.852   15.043  13.685  1.00 6.51  ? 32  PHE A CG  1 
ATOM   238  C CD1 . PHE A 1 32 ? 8.955   14.170  13.805  1.00 25.00 ? 32  PHE A CD1 1 
ATOM   239  C CD2 . PHE A 1 32 ? 7.687   15.838  12.567  1.00 5.00  ? 32  PHE A CD2 1 
ATOM   240  C CE1 . PHE A 1 32 ? 9.899   14.066  12.794  1.00 18.83 ? 32  PHE A CE1 1 
ATOM   241  C CE2 . PHE A 1 32 ? 8.601   15.749  11.518  1.00 15.77 ? 32  PHE A CE2 1 
ATOM   242  C CZ  . PHE A 1 32 ? 9.711   14.870  11.662  1.00 25.00 ? 32  PHE A CZ  1 
ATOM   243  N N   . CYS A 1 33 ? 3.651   13.710  14.517  1.00 25.00 ? 33  CYS A N   1 
ATOM   244  C CA  . CYS A 1 33 ? 2.393   14.052  13.710  1.00 22.77 ? 33  CYS A CA  1 
ATOM   245  C C   . CYS A 1 33 ? 1.856   15.280  14.400  1.00 25.00 ? 33  CYS A C   1 
ATOM   246  O O   . CYS A 1 33 ? 0.777   15.555  14.956  1.00 23.94 ? 33  CYS A O   1 
ATOM   247  C CB  . CYS A 1 33 ? 1.841   12.719  13.373  1.00 16.08 ? 33  CYS A CB  1 
ATOM   248  S SG  . CYS A 1 33 ? 3.196   11.608  12.599  1.00 5.00  ? 33  CYS A SG  1 
ATOM   249  N N   . SER A 1 34 ? 2.865   16.220  14.483  1.00 25.00 ? 34  SER A N   1 
ATOM   250  C CA  . SER A 1 34 ? 2.626   17.546  15.098  1.00 25.00 ? 34  SER A CA  1 
ATOM   251  C C   . SER A 1 34 ? 2.247   18.473  13.887  1.00 25.00 ? 34  SER A C   1 
ATOM   252  O O   . SER A 1 34 ? 2.555   19.650  13.909  1.00 25.00 ? 34  SER A O   1 
ATOM   253  C CB  . SER A 1 34 ? 3.714   18.198  15.893  1.00 25.00 ? 34  SER A CB  1 
ATOM   254  O OG  . SER A 1 34 ? 4.712   18.948  15.129  1.00 5.00  ? 34  SER A OG  1 
ATOM   255  N N   . SER A 1 35 ? 1.602   17.748  12.973  1.00 25.00 ? 35  SER A N   1 
ATOM   256  C CA  . SER A 1 35 ? 1.028   18.302  11.745  1.00 25.00 ? 35  SER A CA  1 
ATOM   257  C C   . SER A 1 35 ? 1.759   17.812  10.516  1.00 25.00 ? 35  SER A C   1 
ATOM   258  O O   . SER A 1 35 ? 2.533   16.851  10.669  1.00 24.44 ? 35  SER A O   1 
ATOM   259  C CB  . SER A 1 35 ? 0.935   19.802  11.932  1.00 25.00 ? 35  SER A CB  1 
ATOM   260  O OG  . SER A 1 35 ? -0.225  20.044  12.785  1.00 25.00 ? 35  SER A OG  1 
ATOM   261  N N   . ARG A 1 36 ? 1.490   18.336  9.356   1.00 25.00 ? 36  ARG A N   1 
ATOM   262  C CA  . ARG A 1 36 ? 2.007   18.029  8.036   1.00 25.00 ? 36  ARG A CA  1 
ATOM   263  C C   . ARG A 1 36 ? 2.210   16.535  7.797   1.00 25.00 ? 36  ARG A C   1 
ATOM   264  O O   . ARG A 1 36 ? 1.344   15.734  8.346   1.00 25.00 ? 36  ARG A O   1 
ATOM   265  C CB  . ARG A 1 36 ? 3.223   18.893  7.664   1.00 25.00 ? 36  ARG A CB  1 
ATOM   266  C CG  . ARG A 1 36 ? 3.034   20.385  8.012   1.00 5.00  ? 36  ARG A CG  1 
ATOM   267  C CD  . ARG A 1 36 ? 4.201   20.777  8.865   1.00 5.00  ? 36  ARG A CD  1 
ATOM   268  N NE  . ARG A 1 36 ? 5.437   20.243  8.365   1.00 13.10 ? 36  ARG A NE  1 
ATOM   269  C CZ  . ARG A 1 36 ? 6.675   20.057  8.749   1.00 5.00  ? 36  ARG A CZ  1 
ATOM   270  N NH1 . ARG A 1 36 ? 7.574   19.461  7.918   1.00 12.30 ? 36  ARG A NH1 1 
ATOM   271  N NH2 . ARG A 1 36 ? 7.192   20.278  9.897   1.00 5.00  ? 36  ARG A NH2 1 
ATOM   272  N N   . GLY A 1 37 ? 3.277   16.173  7.096   1.00 25.00 ? 37  GLY A N   1 
ATOM   273  C CA  . GLY A 1 37 ? 3.644   14.773  6.746   1.00 25.00 ? 37  GLY A CA  1 
ATOM   274  C C   . GLY A 1 37 ? 4.240   14.638  5.360   1.00 25.00 ? 37  GLY A C   1 
ATOM   275  O O   . GLY A 1 37 ? 3.556   14.208  4.389   1.00 19.23 ? 37  GLY A O   1 
ATOM   276  N N   . LYS A 1 38 ? 5.537   14.959  5.283   1.00 25.00 ? 38  LYS A N   1 
ATOM   277  C CA  . LYS A 1 38 ? 6.189   15.114  3.956   1.00 20.60 ? 38  LYS A CA  1 
ATOM   278  C C   . LYS A 1 38 ? 7.706   14.935  4.007   1.00 25.00 ? 38  LYS A C   1 
ATOM   279  O O   . LYS A 1 38 ? 8.582   15.778  3.678   1.00 16.66 ? 38  LYS A O   1 
ATOM   280  C CB  . LYS A 1 38 ? 5.827   16.529  3.428   1.00 13.99 ? 38  LYS A CB  1 
ATOM   281  C CG  . LYS A 1 38 ? 6.299   16.893  2.045   1.00 8.06  ? 38  LYS A CG  1 
ATOM   282  C CD  . LYS A 1 38 ? 6.720   18.377  1.904   1.00 5.00  ? 38  LYS A CD  1 
ATOM   283  C CE  . LYS A 1 38 ? 8.182   18.551  1.585   1.00 5.00  ? 38  LYS A CE  1 
ATOM   284  N NZ  . LYS A 1 38 ? 8.442   19.578  0.562   1.00 5.00  ? 38  LYS A NZ  1 
ATOM   285  N N   . VAL A 1 39 ? 8.096   13.727  4.452   1.00 15.03 ? 39  VAL A N   1 
ATOM   286  C CA  . VAL A 1 39 ? 9.518   13.341  4.284   1.00 19.62 ? 39  VAL A CA  1 
ATOM   287  C C   . VAL A 1 39 ? 9.389   11.899  3.831   1.00 25.00 ? 39  VAL A C   1 
ATOM   288  O O   . VAL A 1 39 ? 9.092   10.974  4.624   1.00 25.00 ? 39  VAL A O   1 
ATOM   289  C CB  . VAL A 1 39 ? 10.477  13.807  5.328   1.00 14.90 ? 39  VAL A CB  1 
ATOM   290  C CG1 . VAL A 1 39 ? 10.132  15.106  6.050   1.00 5.00  ? 39  VAL A CG1 1 
ATOM   291  C CG2 . VAL A 1 39 ? 11.000  12.773  6.318   1.00 5.00  ? 39  VAL A CG2 1 
ATOM   292  N N   . VAL A 1 40 ? 9.322   11.753  2.483   1.00 25.00 ? 40  VAL A N   1 
ATOM   293  C CA  . VAL A 1 40 ? 9.102   10.403  1.986   1.00 19.50 ? 40  VAL A CA  1 
ATOM   294  C C   . VAL A 1 40 ? 10.258  9.707   1.315   1.00 19.68 ? 40  VAL A C   1 
ATOM   295  O O   . VAL A 1 40 ? 11.413  10.065  1.187   1.00 22.67 ? 40  VAL A O   1 
ATOM   296  C CB  . VAL A 1 40 ? 7.759   10.221  1.263   1.00 15.01 ? 40  VAL A CB  1 
ATOM   297  C CG1 . VAL A 1 40 ? 6.524   10.341  2.149   1.00 8.19  ? 40  VAL A CG1 1 
ATOM   298  C CG2 . VAL A 1 40 ? 7.612   10.965  -0.013  1.00 5.00  ? 40  VAL A CG2 1 
ATOM   299  N N   . GLU A 1 41 ? 9.871   8.514   0.939   1.00 25.00 ? 41  GLU A N   1 
ATOM   300  C CA  . GLU A 1 41 ? 10.445  7.428   0.197   1.00 19.44 ? 41  GLU A CA  1 
ATOM   301  C C   . GLU A 1 41 ? 9.360   7.105   -0.879  1.00 25.00 ? 41  GLU A C   1 
ATOM   302  O O   . GLU A 1 41 ? 8.166   7.432   -0.641  1.00 23.13 ? 41  GLU A O   1 
ATOM   303  C CB  . GLU A 1 41 ? 10.639  6.178   1.042   1.00 12.22 ? 41  GLU A CB  1 
ATOM   304  C CG  . GLU A 1 41 ? 11.191  4.973   0.288   1.00 5.00  ? 41  GLU A CG  1 
ATOM   305  C CD  . GLU A 1 41 ? 12.732  4.789   0.622   1.00 25.00 ? 41  GLU A CD  1 
ATOM   306  O OE1 . GLU A 1 41 ? 13.679  4.894   -0.173  1.00 5.00  ? 41  GLU A OE1 1 
ATOM   307  O OE2 . GLU A 1 41 ? 12.744  4.495   1.895   1.00 5.00  ? 41  GLU A OE2 1 
ATOM   308  N N   . LEU A 1 42 ? 9.811   6.501   -1.978  1.00 25.00 ? 42  LEU A N   1 
ATOM   309  C CA  . LEU A 1 42 ? 8.839   6.274   -3.080  1.00 21.62 ? 42  LEU A CA  1 
ATOM   310  C C   . LEU A 1 42 ? 9.589   6.274   -4.404  1.00 25.00 ? 42  LEU A C   1 
ATOM   311  O O   . LEU A 1 42 ? 9.244   6.959   -5.393  1.00 19.78 ? 42  LEU A O   1 
ATOM   312  C CB  . LEU A 1 42 ? 7.906   7.481   -3.073  1.00 16.20 ? 42  LEU A CB  1 
ATOM   313  C CG  . LEU A 1 42 ? 8.478   8.878   -3.136  1.00 16.13 ? 42  LEU A CG  1 
ATOM   314  C CD1 . LEU A 1 42 ? 7.358   9.864   -3.025  1.00 7.55  ? 42  LEU A CD1 1 
ATOM   315  C CD2 . LEU A 1 42 ? 9.653   9.142   -2.189  1.00 5.00  ? 42  LEU A CD2 1 
ATOM   316  N N   . GLY A 1 43 ? 10.585  5.378   -4.410  1.00 24.21 ? 43  GLY A N   1 
ATOM   317  C CA  . GLY A 1 43 ? 11.394  5.288   -5.603  1.00 14.78 ? 43  GLY A CA  1 
ATOM   318  C C   . GLY A 1 43 ? 11.377  3.997   -6.371  1.00 9.78  ? 43  GLY A C   1 
ATOM   319  O O   . GLY A 1 43 ? 10.635  3.819   -7.383  1.00 5.25  ? 43  GLY A O   1 
ATOM   320  N N   . CYS A 1 44 ? 12.310  3.170   -5.978  1.00 15.45 ? 44  CYS A N   1 
ATOM   321  C CA  . CYS A 1 44 ? 12.670  1.978   -6.795  1.00 23.19 ? 44  CYS A CA  1 
ATOM   322  C C   . CYS A 1 44 ? 14.110  1.539   -6.530  1.00 21.65 ? 44  CYS A C   1 
ATOM   323  O O   . CYS A 1 44 ? 15.050  2.307   -6.238  1.00 21.22 ? 44  CYS A O   1 
ATOM   324  C CB  . CYS A 1 44 ? 12.583  2.408   -8.327  1.00 25.00 ? 44  CYS A CB  1 
ATOM   325  S SG  . CYS A 1 44 ? 12.159  1.314   -9.733  1.00 22.34 ? 44  CYS A SG  1 
ATOM   326  N N   . ALA A 1 45 ? 14.333  0.244   -6.679  1.00 14.07 ? 45  ALA A N   1 
ATOM   327  C CA  . ALA A 1 45 ? 15.703  -0.182  -6.290  1.00 6.63  ? 45  ALA A CA  1 
ATOM   328  C C   . ALA A 1 45 ? 15.767  -1.696  -6.326  1.00 5.00  ? 45  ALA A C   1 
ATOM   329  O O   . ALA A 1 45 ? 16.384  -2.329  -5.450  1.00 5.67  ? 45  ALA A O   1 
ATOM   330  C CB  . ALA A 1 45 ? 15.884  0.426   -4.873  1.00 5.00  ? 45  ALA A CB  1 
ATOM   331  N N   . ALA A 1 46 ? 15.128  -2.184  -7.365  1.00 6.91  ? 46  ALA A N   1 
ATOM   332  C CA  . ALA A 1 46 ? 15.026  -3.603  -7.639  1.00 8.81  ? 46  ALA A CA  1 
ATOM   333  C C   . ALA A 1 46 ? 13.608  -4.082  -7.394  1.00 9.72  ? 46  ALA A C   1 
ATOM   334  O O   . ALA A 1 46 ? 12.712  -3.543  -8.085  1.00 10.26 ? 46  ALA A O   1 
ATOM   335  C CB  . ALA A 1 46 ? 16.111  -4.417  -6.960  1.00 13.21 ? 46  ALA A CB  1 
ATOM   336  N N   . THR A 1 47 ? 13.382  -4.908  -6.393  1.00 13.78 ? 47  THR A N   1 
ATOM   337  C CA  . THR A 1 47 ? 12.198  -5.645  -6.063  1.00 17.36 ? 47  THR A CA  1 
ATOM   338  C C   . THR A 1 47 ? 11.467  -5.498  -4.762  1.00 25.00 ? 47  THR A C   1 
ATOM   339  O O   . THR A 1 47 ? 11.252  -6.436  -3.936  1.00 12.50 ? 47  THR A O   1 
ATOM   340  C CB  . THR A 1 47 ? 12.564  -7.186  -6.195  1.00 13.12 ? 47  THR A CB  1 
ATOM   341  O OG1 . THR A 1 47 ? 11.514  -7.754  -5.529  1.00 5.00  ? 47  THR A OG1 1 
ATOM   342  C CG2 . THR A 1 47 ? 13.912  -7.416  -5.459  1.00 25.00 ? 47  THR A CG2 1 
ATOM   343  N N   . CYS A 1 48 ? 10.966  -4.286  -4.560  1.00 17.51 ? 48  CYS A N   1 
ATOM   344  C CA  . CYS A 1 48 ? 10.101  -3.982  -3.385  1.00 10.02 ? 48  CYS A CA  1 
ATOM   345  C C   . CYS A 1 48 ? 10.222  -5.136  -2.412  1.00 7.51  ? 48  CYS A C   1 
ATOM   346  O O   . CYS A 1 48 ? 9.199   -5.735  -2.063  1.00 5.08  ? 48  CYS A O   1 
ATOM   347  C CB  . CYS A 1 48 ? 8.729   -3.941  -4.051  1.00 7.54  ? 48  CYS A CB  1 
ATOM   348  S SG  . CYS A 1 48 ? 7.207   -4.202  -3.370  1.00 25.00 ? 48  CYS A SG  1 
ATOM   349  N N   . PRO A 1 49 ? 11.389  -5.521  -1.966  1.00 14.64 ? 49  PRO A N   1 
ATOM   350  C CA  . PRO A 1 49 ? 11.585  -6.534  -0.887  1.00 24.19 ? 49  PRO A CA  1 
ATOM   351  C C   . PRO A 1 49 ? 10.264  -6.617  -0.047  1.00 25.00 ? 49  PRO A C   1 
ATOM   352  O O   . PRO A 1 49 ? 9.905   -7.591  0.646   1.00 14.82 ? 49  PRO A O   1 
ATOM   353  C CB  . PRO A 1 49 ? 12.595  -5.847  0.072   1.00 25.00 ? 49  PRO A CB  1 
ATOM   354  C CG  . PRO A 1 49 ? 13.076  -4.613  -0.626  1.00 25.00 ? 49  PRO A CG  1 
ATOM   355  C CD  . PRO A 1 49 ? 12.739  -4.887  -2.168  1.00 23.85 ? 49  PRO A CD  1 
ATOM   356  N N   . SER A 1 50 ? 9.661   -5.477  -0.112  1.00 17.40 ? 50  SER A N   1 
ATOM   357  C CA  . SER A 1 50 ? 8.476   -5.016  0.570   1.00 12.83 ? 50  SER A CA  1 
ATOM   358  C C   . SER A 1 50 ? 9.012   -3.860  1.452   1.00 17.35 ? 50  SER A C   1 
ATOM   359  O O   . SER A 1 50 ? 9.110   -2.770  0.823   1.00 8.68  ? 50  SER A O   1 
ATOM   360  C CB  . SER A 1 50 ? 7.623   -6.060  1.155   1.00 15.52 ? 50  SER A CB  1 
ATOM   361  O OG  . SER A 1 50 ? 7.947   -6.543  2.424   1.00 21.10 ? 50  SER A OG  1 
ATOM   362  N N   . LYS A 1 51 ? 9.499   -4.131  2.620   1.00 12.68 ? 51  LYS A N   1 
ATOM   363  C CA  . LYS A 1 51 ? 10.178  -3.241  3.574   1.00 14.99 ? 51  LYS A CA  1 
ATOM   364  C C   . LYS A 1 51 ? 9.838   -3.503  5.022   1.00 22.90 ? 51  LYS A C   1 
ATOM   365  O O   . LYS A 1 51 ? 9.705   -4.688  5.490   1.00 21.45 ? 51  LYS A O   1 
ATOM   366  C CB  . LYS A 1 51 ? 10.146  -1.840  3.105   1.00 11.72 ? 51  LYS A CB  1 
ATOM   367  C CG  . LYS A 1 51 ? 10.740  -1.658  1.675   1.00 13.44 ? 51  LYS A CG  1 
ATOM   368  C CD  . LYS A 1 51 ? 10.602  -0.353  1.066   1.00 25.00 ? 51  LYS A CD  1 
ATOM   369  C CE  . LYS A 1 51 ? 10.240  -0.174  -0.394  1.00 5.00  ? 51  LYS A CE  1 
ATOM   370  N NZ  . LYS A 1 51 ? 8.742   -0.495  -0.509  1.00 8.61  ? 51  LYS A NZ  1 
ATOM   371  N N   . LYS A 1 52 ? 9.674   -2.503  5.879   1.00 15.41 ? 52  LYS A N   1 
ATOM   372  C CA  . LYS A 1 52 ? 9.332   -2.767  7.285   1.00 22.60 ? 52  LYS A CA  1 
ATOM   373  C C   . LYS A 1 52 ? 8.114   -2.082  7.886   1.00 25.00 ? 52  LYS A C   1 
ATOM   374  O O   . LYS A 1 52 ? 7.166   -1.771  7.069   1.00 13.72 ? 52  LYS A O   1 
ATOM   375  C CB  . LYS A 1 52 ? 10.523  -2.967  8.157   1.00 25.00 ? 52  LYS A CB  1 
ATOM   376  C CG  . LYS A 1 52 ? 10.868  -4.425  8.552   1.00 25.00 ? 52  LYS A CG  1 
ATOM   377  C CD  . LYS A 1 52 ? 11.383  -5.203  7.352   1.00 25.00 ? 52  LYS A CD  1 
ATOM   378  C CE  . LYS A 1 52 ? 12.517  -6.089  7.677   1.00 25.00 ? 52  LYS A CE  1 
ATOM   379  N NZ  . LYS A 1 52 ? 12.636  -7.195  6.623   1.00 25.00 ? 52  LYS A NZ  1 
ATOM   380  N N   . PRO A 1 53 ? 8.017   -2.007  9.222   1.00 25.00 ? 53  PRO A N   1 
ATOM   381  C CA  . PRO A 1 53 ? 6.924   -1.596  10.088  1.00 19.88 ? 53  PRO A CA  1 
ATOM   382  C C   . PRO A 1 53 ? 6.648   -0.178  10.476  1.00 23.55 ? 53  PRO A C   1 
ATOM   383  O O   . PRO A 1 53 ? 5.452   0.083   10.855  1.00 11.77 ? 53  PRO A O   1 
ATOM   384  C CB  . PRO A 1 53 ? 7.148   -2.462  11.389  1.00 13.44 ? 53  PRO A CB  1 
ATOM   385  C CG  . PRO A 1 53 ? 8.639   -2.152  11.599  1.00 5.00  ? 53  PRO A CG  1 
ATOM   386  C CD  . PRO A 1 53 ? 9.149   -2.417  10.140  1.00 25.00 ? 53  PRO A CD  1 
ATOM   387  N N   . TYR A 1 54 ? 7.602   0.763   10.476  1.00 25.00 ? 54  TYR A N   1 
ATOM   388  C CA  . TYR A 1 54 ? 7.284   2.219   10.629  1.00 24.81 ? 54  TYR A CA  1 
ATOM   389  C C   . TYR A 1 54 ? 5.900   2.447   10.038  1.00 24.24 ? 54  TYR A C   1 
ATOM   390  O O   . TYR A 1 54 ? 5.167   1.476   9.705   1.00 23.76 ? 54  TYR A O   1 
ATOM   391  C CB  . TYR A 1 54 ? 8.315   3.251   10.591  1.00 25.00 ? 54  TYR A CB  1 
ATOM   392  C CG  . TYR A 1 54 ? 9.075   4.125   9.656   1.00 5.25  ? 54  TYR A CG  1 
ATOM   393  C CD1 . TYR A 1 54 ? 9.365   5.463   9.786   1.00 14.43 ? 54  TYR A CD1 1 
ATOM   394  C CD2 . TYR A 1 54 ? 9.670   3.592   8.489   1.00 20.19 ? 54  TYR A CD2 1 
ATOM   395  C CE1 . TYR A 1 54 ? 10.059  6.240   8.865   1.00 18.88 ? 54  TYR A CE1 1 
ATOM   396  C CE2 . TYR A 1 54 ? 10.373  4.299   7.532   1.00 7.26  ? 54  TYR A CE2 1 
ATOM   397  C CZ  . TYR A 1 54 ? 10.607  5.633   7.720   1.00 24.65 ? 54  TYR A CZ  1 
ATOM   398  O OH  . TYR A 1 54 ? 11.277  6.431   6.799   1.00 5.00  ? 54  TYR A OH  1 
ATOM   399  N N   . GLU A 1 55 ? 5.261   3.641   10.090  1.00 18.00 ? 55  GLU A N   1 
ATOM   400  C CA  . GLU A 1 55 ? 3.842   3.554   9.698   1.00 9.76  ? 55  GLU A CA  1 
ATOM   401  C C   . GLU A 1 55 ? 3.762   2.953   8.306   1.00 7.38  ? 55  GLU A C   1 
ATOM   402  O O   . GLU A 1 55 ? 4.365   1.909   8.038   1.00 5.00  ? 55  GLU A O   1 
ATOM   403  C CB  . GLU A 1 55 ? 2.879   4.677   9.895   1.00 13.52 ? 55  GLU A CB  1 
ATOM   404  C CG  . GLU A 1 55 ? 1.739   4.517   10.908  1.00 5.00  ? 55  GLU A CG  1 
ATOM   405  C CD  . GLU A 1 55 ? 0.944   5.736   11.337  1.00 5.00  ? 55  GLU A CD  1 
ATOM   406  O OE1 . GLU A 1 55 ? 1.022   6.267   12.442  1.00 5.00  ? 55  GLU A OE1 1 
ATOM   407  O OE2 . GLU A 1 55 ? 0.219   6.173   10.347  1.00 5.00  ? 55  GLU A OE2 1 
ATOM   408  N N   . GLU A 1 56 ? 3.094   3.617   7.449   1.00 12.48 ? 56  GLU A N   1 
ATOM   409  C CA  . GLU A 1 56 ? 2.640   3.574   6.114   1.00 22.03 ? 56  GLU A CA  1 
ATOM   410  C C   . GLU A 1 56 ? 3.510   2.978   5.027   1.00 25.00 ? 56  GLU A C   1 
ATOM   411  O O   . GLU A 1 56 ? 4.595   3.561   4.693   1.00 25.00 ? 56  GLU A O   1 
ATOM   412  C CB  . GLU A 1 56 ? 2.290   5.060   5.783   1.00 25.00 ? 56  GLU A CB  1 
ATOM   413  C CG  . GLU A 1 56 ? 1.492   5.860   6.878   1.00 19.84 ? 56  GLU A CG  1 
ATOM   414  C CD  . GLU A 1 56 ? 0.350   6.616   6.220   1.00 25.00 ? 56  GLU A CD  1 
ATOM   415  O OE1 . GLU A 1 56 ? -0.689  7.033   6.749   1.00 21.28 ? 56  GLU A OE1 1 
ATOM   416  O OE2 . GLU A 1 56 ? 0.576   6.632   4.895   1.00 25.00 ? 56  GLU A OE2 1 
ATOM   417  N N   . VAL A 1 57 ? 3.097   1.920   4.296   1.00 17.42 ? 57  VAL A N   1 
ATOM   418  C CA  . VAL A 1 57 ? 3.900   1.409   3.158   1.00 6.78  ? 57  VAL A CA  1 
ATOM   419  C C   . VAL A 1 57 ? 3.117   0.999   1.912   1.00 5.00  ? 57  VAL A C   1 
ATOM   420  O O   . VAL A 1 57 ? 2.017   1.495   1.663   1.00 5.00  ? 57  VAL A O   1 
ATOM   421  C CB  . VAL A 1 57 ? 4.907   0.370   3.661   1.00 7.29  ? 57  VAL A CB  1 
ATOM   422  C CG1 . VAL A 1 57 ? 6.300   0.613   3.085   1.00 5.00  ? 57  VAL A CG1 1 
ATOM   423  C CG2 . VAL A 1 57 ? 4.964   0.256   5.182   1.00 13.38 ? 57  VAL A CG2 1 
ATOM   424  N N   . THR A 1 58 ? 3.735   0.192   1.059   1.00 6.96  ? 58  THR A N   1 
ATOM   425  C CA  . THR A 1 58 ? 3.303   -0.530  -0.074  1.00 12.84 ? 58  THR A CA  1 
ATOM   426  C C   . THR A 1 58 ? 4.321   -0.831  -1.172  1.00 8.94  ? 58  THR A C   1 
ATOM   427  O O   . THR A 1 58 ? 5.545   -0.773  -0.941  1.00 5.00  ? 58  THR A O   1 
ATOM   428  C CB  . THR A 1 58 ? 1.855   -0.507  -0.582  1.00 18.92 ? 58  THR A CB  1 
ATOM   429  O OG1 . THR A 1 58 ? 1.604   -1.671  -1.398  1.00 5.00  ? 58  THR A OG1 1 
ATOM   430  C CG2 . THR A 1 58 ? 1.363   0.700   -1.337  1.00 25.00 ? 58  THR A CG2 1 
ATOM   431  N N   . CYS A 1 59 ? 3.685   -1.156  -2.263  1.00 10.68 ? 59  CYS A N   1 
ATOM   432  C CA  . CYS A 1 59 ? 4.065   -1.660  -3.576  1.00 11.62 ? 59  CYS A CA  1 
ATOM   433  C C   . CYS A 1 59 ? 2.965   -1.490  -4.682  1.00 14.19 ? 59  CYS A C   1 
ATOM   434  O O   . CYS A 1 59 ? 2.320   -2.497  -5.067  1.00 7.09  ? 59  CYS A O   1 
ATOM   435  C CB  . CYS A 1 59 ? 4.291   -3.157  -3.300  1.00 8.36  ? 59  CYS A CB  1 
ATOM   436  S SG  . CYS A 1 59 ? 5.108   -4.486  -3.560  1.00 5.00  ? 59  CYS A SG  1 
ATOM   437  N N   . CYS A 1 60 ? 2.832   -0.305  -5.323  1.00 8.91  ? 60  CYS A N   1 
ATOM   438  C CA  . CYS A 1 60 ? 1.928   0.058   -6.424  1.00 10.98 ? 60  CYS A CA  1 
ATOM   439  C C   . CYS A 1 60 ? 2.215   -0.776  -7.675  1.00 7.99  ? 60  CYS A C   1 
ATOM   440  O O   . CYS A 1 60 ? 2.304   -1.987  -7.367  1.00 18.37 ? 60  CYS A O   1 
ATOM   441  C CB  . CYS A 1 60 ? 1.922   1.540   -6.804  1.00 17.99 ? 60  CYS A CB  1 
ATOM   442  S SG  . CYS A 1 60 ? 0.278   2.358   -6.564  1.00 25.00 ? 60  CYS A SG  1 
ATOM   443  N N   . SER A 1 61 ? 2.261   -0.236  -8.865  1.00 7.50  ? 61  SER A N   1 
ATOM   444  C CA  . SER A 1 61 ? 2.646   -0.864  -10.170 1.00 10.00 ? 61  SER A CA  1 
ATOM   445  C C   . SER A 1 61 ? 1.588   -0.657  -11.246 1.00 7.50  ? 61  SER A C   1 
ATOM   446  O O   . SER A 1 61 ? 1.474   -1.470  -12.189 1.00 5.00  ? 61  SER A O   1 
ATOM   447  C CB  . SER A 1 61 ? 3.065   -2.273  -10.107 1.00 17.50 ? 61  SER A CB  1 
ATOM   448  O OG  . SER A 1 61 ? 2.668   -3.182  -11.192 1.00 9.62  ? 61  SER A OG  1 
ATOM   449  N N   . THR A 1 62 ? 0.884   0.471   -11.146 1.00 13.31 ? 62  THR A N   1 
ATOM   450  C CA  . THR A 1 62 ? -0.357  0.701   -11.879 1.00 19.33 ? 62  THR A CA  1 
ATOM   451  C C   . THR A 1 62 ? -0.311  1.538   -13.113 1.00 13.77 ? 62  THR A C   1 
ATOM   452  O O   . THR A 1 62 ? -1.321  1.704   -13.875 1.00 6.89  ? 62  THR A O   1 
ATOM   453  C CB  . THR A 1 62 ? -1.510  0.984   -10.891 1.00 25.00 ? 62  THR A CB  1 
ATOM   454  O OG1 . THR A 1 62 ? -0.912  1.215   -9.564  1.00 20.47 ? 62  THR A OG1 1 
ATOM   455  C CG2 . THR A 1 62 ? -2.461  -0.201  -10.794 1.00 21.87 ? 62  THR A CG2 1 
ATOM   456  N N   . ASP A 1 63 ? 0.868   1.985   -13.343 1.00 13.71 ? 63  ASP A N   1 
ATOM   457  C CA  . ASP A 1 63 ? 1.488   2.809   -14.362 1.00 22.18 ? 63  ASP A CA  1 
ATOM   458  C C   . ASP A 1 63 ? 2.755   3.355   -13.596 1.00 25.00 ? 63  ASP A C   1 
ATOM   459  O O   . ASP A 1 63 ? 3.718   2.562   -13.717 1.00 25.00 ? 63  ASP A O   1 
ATOM   460  C CB  . ASP A 1 63 ? 0.736   3.867   -15.060 1.00 25.00 ? 63  ASP A CB  1 
ATOM   461  C CG  . ASP A 1 63 ? 1.316   5.203   -15.321 1.00 15.49 ? 63  ASP A CG  1 
ATOM   462  O OD1 . ASP A 1 63 ? 2.011   5.499   -16.299 1.00 9.81  ? 63  ASP A OD1 1 
ATOM   463  O OD2 . ASP A 1 63 ? 0.936   6.131   -14.497 1.00 5.00  ? 63  ASP A OD2 1 
ATOM   464  N N   . LYS A 1 64 ? 2.473   4.380   -12.888 1.00 21.08 ? 64  LYS A N   1 
ATOM   465  C CA  . LYS A 1 64 ? 3.263   5.304   -12.054 1.00 17.26 ? 64  LYS A CA  1 
ATOM   466  C C   . LYS A 1 64 ? 2.875   5.096   -10.595 1.00 22.87 ? 64  LYS A C   1 
ATOM   467  O O   . LYS A 1 64 ? 2.598   3.904   -10.308 1.00 25.00 ? 64  LYS A O   1 
ATOM   468  C CB  . LYS A 1 64 ? 3.140   6.690   -12.534 1.00 12.19 ? 64  LYS A CB  1 
ATOM   469  C CG  . LYS A 1 64 ? 2.308   7.739   -11.880 1.00 9.84  ? 64  LYS A CG  1 
ATOM   470  C CD  . LYS A 1 64 ? 2.985   9.122   -11.902 1.00 5.00  ? 64  LYS A CD  1 
ATOM   471  C CE  . LYS A 1 64 ? 2.751   10.010  -13.052 1.00 5.02  ? 64  LYS A CE  1 
ATOM   472  N NZ  . LYS A 1 64 ? 2.761   9.322   -14.413 1.00 5.00  ? 64  LYS A NZ  1 
ATOM   473  N N   . CYS A 1 65 ? 2.859   6.085   -9.721  1.00 15.37 ? 65  CYS A N   1 
ATOM   474  C CA  . CYS A 1 65 ? 2.336   6.010   -8.390  1.00 10.09 ? 65  CYS A CA  1 
ATOM   475  C C   . CYS A 1 65 ? 2.540   6.958   -7.280  1.00 9.72  ? 65  CYS A C   1 
ATOM   476  O O   . CYS A 1 65 ? 1.526   7.000   -6.473  1.00 18.52 ? 65  CYS A O   1 
ATOM   477  C CB  . CYS A 1 65 ? 2.203   4.562   -7.832  1.00 7.55  ? 65  CYS A CB  1 
ATOM   478  S SG  . CYS A 1 65 ? 0.512   3.933   -8.242  1.00 25.00 ? 65  CYS A SG  1 
ATOM   479  N N   . ASN A 1 66 ? 3.537   7.817   -7.077  1.00 12.29 ? 66  ASN A N   1 
ATOM   480  C CA  . ASN A 1 66 ? 3.724   8.493   -5.793  1.00 14.40 ? 66  ASN A CA  1 
ATOM   481  C C   . ASN A 1 66 ? 3.588   9.897   -5.391  1.00 10.90 ? 66  ASN A C   1 
ATOM   482  O O   . ASN A 1 66 ? 3.320   10.111  -4.136  1.00 12.88 ? 66  ASN A O   1 
ATOM   483  C CB  . ASN A 1 66 ? 4.846   7.719   -5.016  1.00 20.78 ? 66  ASN A CB  1 
ATOM   484  C CG  . ASN A 1 66 ? 6.195   7.665   -5.716  1.00 25.00 ? 66  ASN A CG  1 
ATOM   485  O OD1 . ASN A 1 66 ? 6.281   7.639   -6.978  1.00 9.90  ? 66  ASN A OD1 1 
ATOM   486  N ND2 . ASN A 1 66 ? 7.261   7.615   -4.922  1.00 5.00  ? 66  ASN A ND2 1 
ATOM   487  N N   . HIS A 1 67 ? 3.794   10.967  -6.119  1.00 17.22 ? 67  HIS A N   1 
ATOM   488  C CA  . HIS A 1 67 ? 3.591   12.348  -5.643  1.00 19.78 ? 67  HIS A CA  1 
ATOM   489  C C   . HIS A 1 67 ? 2.640   12.237  -4.417  1.00 12.35 ? 67  HIS A C   1 
ATOM   490  O O   . HIS A 1 67 ? 1.547   11.713  -4.727  1.00 6.18  ? 67  HIS A O   1 
ATOM   491  C CB  . HIS A 1 67 ? 2.724   13.131  -6.669  1.00 22.25 ? 67  HIS A CB  1 
ATOM   492  C CG  . HIS A 1 67 ? 3.536   14.093  -7.542  1.00 13.93 ? 67  HIS A CG  1 
ATOM   493  N ND1 . HIS A 1 67 ? 4.116   13.668  -8.712  1.00 5.51  ? 67  HIS A ND1 1 
ATOM   494  C CD2 . HIS A 1 67 ? 3.694   15.451  -7.410  1.00 5.00  ? 67  HIS A CD2 1 
ATOM   495  C CE1 . HIS A 1 67 ? 4.707   14.738  -9.177  1.00 5.39  ? 67  HIS A CE1 1 
ATOM   496  N NE2 . HIS A 1 67 ? 4.513   15.843  -8.438  1.00 5.00  ? 67  HIS A NE2 1 
ATOM   497  N N   . PRO A 1 68 ? 3.010   12.865  -3.337  1.00 13.74 ? 68  PRO A N   1 
ATOM   498  C CA  . PRO A 1 68 ? 2.301   12.845  -2.070  1.00 17.04 ? 68  PRO A CA  1 
ATOM   499  C C   . PRO A 1 68 ? 1.612   14.145  -1.659  1.00 25.00 ? 68  PRO A C   1 
ATOM   500  O O   . PRO A 1 68 ? 2.272   15.207  -1.748  1.00 25.00 ? 68  PRO A O   1 
ATOM   501  C CB  . PRO A 1 68 ? 3.499   12.674  -1.026  1.00 11.02 ? 68  PRO A CB  1 
ATOM   502  C CG  . PRO A 1 68 ? 4.458   13.718  -1.587  1.00 17.98 ? 68  PRO A CG  1 
ATOM   503  C CD  . PRO A 1 68 ? 4.344   13.526  -3.114  1.00 10.28 ? 68  PRO A CD  1 
ATOM   504  N N   . PRO A 1 69 ? 0.417   14.008  -1.139  1.00 25.00 ? 69  PRO A N   1 
ATOM   505  C CA  . PRO A 1 69 ? -0.471  14.905  -0.488  1.00 23.25 ? 69  PRO A CA  1 
ATOM   506  C C   . PRO A 1 69 ? -0.065  16.237  0.086   1.00 17.98 ? 69  PRO A C   1 
ATOM   507  O O   . PRO A 1 69 ? 1.143   16.503  0.287   1.00 17.42 ? 69  PRO A O   1 
ATOM   508  C CB  . PRO A 1 69 ? -0.921  14.032  0.802   1.00 25.00 ? 69  PRO A CB  1 
ATOM   509  C CG  . PRO A 1 69 ? -0.294  12.631  0.558   1.00 21.39 ? 69  PRO A CG  1 
ATOM   510  C CD  . PRO A 1 69 ? -0.313  12.641  -1.004  1.00 23.11 ? 69  PRO A CD  1 
ATOM   511  N N   . LYS A 1 70 ? -1.080  16.847  0.649   1.00 19.08 ? 70  LYS A N   1 
ATOM   512  C CA  . LYS A 1 70 ? -1.241  18.163  1.259   1.00 14.70 ? 70  LYS A CA  1 
ATOM   513  C C   . LYS A 1 70 ? -0.526  19.103  0.356   1.00 9.85  ? 70  LYS A C   1 
ATOM   514  O O   . LYS A 1 70 ? -1.103  19.023  -0.797  1.00 11.26 ? 70  LYS A O   1 
ATOM   515  C CB  . LYS A 1 70 ? -1.246  18.398  2.669   1.00 19.85 ? 70  LYS A CB  1 
ATOM   516  C CG  . LYS A 1 70 ? -2.476  18.319  3.528   1.00 5.39  ? 70  LYS A CG  1 
ATOM   517  C CD  . LYS A 1 70 ? -2.050  18.635  4.999   1.00 5.00  ? 70  LYS A CD  1 
ATOM   518  C CE  . LYS A 1 70 ? -2.064  20.118  5.208   1.00 5.00  ? 70  LYS A CE  1 
ATOM   519  N NZ  . LYS A 1 70 ? -2.299  20.724  3.845   1.00 5.00  ? 70  LYS A NZ  1 
ATOM   520  N N   . ARG A 1 71 ? 0.522   19.846  0.548   1.00 9.79  ? 71  ARG A N   1 
ATOM   521  C CA  . ARG A 1 71 ? 1.013   20.504  -0.693  1.00 14.59 ? 71  ARG A CA  1 
ATOM   522  C C   . ARG A 1 71 ? 0.291   21.746  -1.185  1.00 19.79 ? 71  ARG A C   1 
ATOM   523  O O   . ARG A 1 71 ? -0.540  22.432  -0.601  1.00 16.45 ? 71  ARG A O   1 
ATOM   524  C CB  . ARG A 1 71 ? 1.161   19.481  -1.822  1.00 22.74 ? 71  ARG A CB  1 
ATOM   525  C CG  . ARG A 1 71 ? 2.220   18.383  -1.677  1.00 25.00 ? 71  ARG A CG  1 
ATOM   526  C CD  . ARG A 1 71 ? 2.412   17.695  -2.995  1.00 25.00 ? 71  ARG A CD  1 
ATOM   527  N NE  . ARG A 1 71 ? 3.715   17.578  -3.546  1.00 25.00 ? 71  ARG A NE  1 
ATOM   528  C CZ  . ARG A 1 71 ? 4.792   16.949  -3.063  1.00 25.00 ? 71  ARG A CZ  1 
ATOM   529  N NH1 . ARG A 1 71 ? 5.845   16.652  -3.867  1.00 25.00 ? 71  ARG A NH1 1 
ATOM   530  N NH2 . ARG A 1 71 ? 4.886   16.648  -1.761  1.00 25.00 ? 71  ARG A NH2 1 
ATOM   531  N N   . GLN A 1 72 ? 0.844   22.164  -2.350  1.00 25.00 ? 72  GLN A N   1 
ATOM   532  C CA  . GLN A 1 72 ? 0.777   23.481  -2.960  1.00 25.00 ? 72  GLN A CA  1 
ATOM   533  C C   . GLN A 1 72 ? 0.965   23.483  -4.487  1.00 25.00 ? 72  GLN A C   1 
ATOM   534  O O   . GLN A 1 72 ? 2.137   23.257  -4.945  1.00 25.00 ? 72  GLN A O   1 
ATOM   535  C CB  . GLN A 1 72 ? 2.149   24.195  -2.490  1.00 25.00 ? 72  GLN A CB  1 
ATOM   536  C CG  . GLN A 1 72 ? 1.830   24.920  -1.159  1.00 17.51 ? 72  GLN A CG  1 
ATOM   537  C CD  . GLN A 1 72 ? 0.471   25.606  -1.363  1.00 6.13  ? 72  GLN A CD  1 
ATOM   538  O OE1 . GLN A 1 72 ? -0.422  25.040  -1.987  1.00 5.00  ? 72  GLN A OE1 1 
ATOM   539  N NE2 . GLN A 1 72 ? 0.504   26.805  -0.798  1.00 5.00  ? 72  GLN A NE2 1 
ATOM   540  N N   . PRO A 1 73 ? -0.077  23.984  -5.096  1.00 25.00 ? 73  PRO A N   1 
ATOM   541  C CA  . PRO A 1 73 ? -0.391  24.088  -6.483  1.00 25.00 ? 73  PRO A CA  1 
ATOM   542  C C   . PRO A 1 73 ? 0.674   23.901  -7.499  1.00 25.00 ? 73  PRO A C   1 
ATOM   543  O O   . PRO A 1 73 ? 0.889   24.586  -8.539  1.00 25.00 ? 73  PRO A O   1 
ATOM   544  C CB  . PRO A 1 73 ? -1.347  25.261  -6.519  1.00 25.00 ? 73  PRO A CB  1 
ATOM   545  C CG  . PRO A 1 73 ? -2.249  25.042  -5.267  1.00 25.00 ? 73  PRO A CG  1 
ATOM   546  C CD  . PRO A 1 73 ? -1.363  24.317  -4.283  1.00 25.00 ? 73  PRO A CD  1 
ATOM   547  N N   . GLY A 1 74 ? 1.360   22.763  -7.321  1.00 25.00 ? 74  GLY A N   1 
ATOM   548  C CA  . GLY A 1 74 ? 2.442   22.252  -8.187  1.00 25.00 ? 74  GLY A CA  1 
ATOM   549  C C   . GLY A 1 74 ? 3.346   21.250  -7.445  1.00 25.00 ? 74  GLY A C   1 
ATOM   550  O O   . GLY A 1 74 ? 3.261   19.985  -7.762  1.00 13.79 ? 74  GLY A O   1 
ATOM   551  O OXT . GLY A 1 74 ? 4.078   21.636  -6.442  1.00 22.33 ? 74  GLY A OXT 1 
ATOM   552  N N   . ILE B 1 1  ? -7.078  -3.096  18.120  1.00 5.00  ? 1   ILE B N   1 
ATOM   553  C CA  . ILE B 1 1  ? -7.825  -1.957  17.612  1.00 5.58  ? 1   ILE B CA  1 
ATOM   554  C C   . ILE B 1 1  ? -7.382  -1.596  16.194  1.00 7.32  ? 1   ILE B C   1 
ATOM   555  O O   . ILE B 1 1  ? -7.222  -0.466  15.698  1.00 5.64  ? 1   ILE B O   1 
ATOM   556  C CB  . ILE B 1 1  ? -8.091  -0.812  18.516  1.00 5.00  ? 1   ILE B CB  1 
ATOM   557  C CG1 . ILE B 1 1  ? -7.498  0.496   18.054  1.00 5.00  ? 1   ILE B CG1 1 
ATOM   558  C CG2 . ILE B 1 1  ? -7.943  -1.119  19.969  1.00 5.00  ? 1   ILE B CG2 1 
ATOM   559  C CD1 . ILE B 1 1  ? -8.550  1.385   17.405  1.00 5.00  ? 1   ILE B CD1 1 
ATOM   560  N N   . VAL B 1 2  ? -7.345  -2.744  15.508  1.00 7.75  ? 2   VAL B N   1 
ATOM   561  C CA  . VAL B 1 2  ? -7.098  -2.791  14.054  1.00 10.50 ? 2   VAL B CA  1 
ATOM   562  C C   . VAL B 1 2  ? -8.484  -2.753  13.382  1.00 17.45 ? 2   VAL B C   1 
ATOM   563  O O   . VAL B 1 2  ? -9.525  -2.703  14.122  1.00 25.00 ? 2   VAL B O   1 
ATOM   564  C CB  . VAL B 1 2  ? -6.238  -4.027  13.819  1.00 13.35 ? 2   VAL B CB  1 
ATOM   565  C CG1 . VAL B 1 2  ? -5.006  -3.942  12.968  1.00 5.00  ? 2   VAL B CG1 1 
ATOM   566  C CG2 . VAL B 1 2  ? -5.856  -4.562  15.212  1.00 25.00 ? 2   VAL B CG2 1 
ATOM   567  N N   . CYS B 1 3  ? -8.526  -2.509  12.146  1.00 11.23 ? 3   CYS B N   1 
ATOM   568  C CA  . CYS B 1 3  ? -9.385  -2.435  11.022  1.00 5.00  ? 3   CYS B CA  1 
ATOM   569  C C   . CYS B 1 3  ? -10.810 -2.901  11.279  1.00 5.00  ? 3   CYS B C   1 
ATOM   570  O O   . CYS B 1 3  ? -10.829 -4.170  11.386  1.00 17.54 ? 3   CYS B O   1 
ATOM   571  C CB  . CYS B 1 3  ? -8.825  -3.777  10.279  1.00 5.00  ? 3   CYS B CB  1 
ATOM   572  S SG  . CYS B 1 3  ? -7.010  -3.647  10.658  1.00 12.48 ? 3   CYS B SG  1 
ATOM   573  N N   . HIS B 1 4  ? -11.820 -2.098  11.158  1.00 9.65  ? 4   HIS B N   1 
ATOM   574  C CA  . HIS B 1 4  ? -13.232 -2.586  11.283  1.00 18.69 ? 4   HIS B CA  1 
ATOM   575  C C   . HIS B 1 4  ? -13.791 -2.676  9.853   1.00 13.40 ? 4   HIS B C   1 
ATOM   576  O O   . HIS B 1 4  ? -14.396 -1.778  9.231   1.00 9.09  ? 4   HIS B O   1 
ATOM   577  C CB  . HIS B 1 4  ? -14.118 -1.791  12.210  1.00 25.00 ? 4   HIS B CB  1 
ATOM   578  C CG  . HIS B 1 4  ? -15.527 -2.216  12.500  1.00 25.00 ? 4   HIS B CG  1 
ATOM   579  N ND1 . HIS B 1 4  ? -16.582 -1.970  11.619  1.00 25.00 ? 4   HIS B ND1 1 
ATOM   580  C CD2 . HIS B 1 4  ? -16.075 -2.818  13.593  1.00 25.00 ? 4   HIS B CD2 1 
ATOM   581  C CE1 . HIS B 1 4  ? -17.673 -2.506  12.117  1.00 5.05  ? 4   HIS B CE1 1 
ATOM   582  N NE2 . HIS B 1 4  ? -17.414 -3.029  13.318  1.00 25.00 ? 4   HIS B NE2 1 
ATOM   583  N N   . THR B 1 5  ? -13.618 -3.888  9.379   1.00 10.71 ? 5   THR B N   1 
ATOM   584  C CA  . THR B 1 5  ? -14.140 -4.220  8.037   1.00 11.02 ? 5   THR B CA  1 
ATOM   585  C C   . THR B 1 5  ? -14.031 -5.774  7.993   1.00 8.01  ? 5   THR B C   1 
ATOM   586  O O   . THR B 1 5  ? -14.293 -6.383  9.027   1.00 5.00  ? 5   THR B O   1 
ATOM   587  C CB  . THR B 1 5  ? -13.275 -3.578  6.972   1.00 17.42 ? 5   THR B CB  1 
ATOM   588  O OG1 . THR B 1 5  ? -11.945 -4.223  7.204   1.00 5.00  ? 5   THR B OG1 1 
ATOM   589  C CG2 . THR B 1 5  ? -13.108 -2.069  7.078   1.00 5.00  ? 5   THR B CG2 1 
ATOM   590  N N   . THR B 1 6  ? -13.727 -6.221  6.798   1.00 7.38  ? 6   THR B N   1 
ATOM   591  C CA  . THR B 1 6  ? -13.378 -7.627  6.608   1.00 9.76  ? 6   THR B CA  1 
ATOM   592  C C   . THR B 1 6  ? -11.936 -7.692  7.247   1.00 7.61  ? 6   THR B C   1 
ATOM   593  O O   . THR B 1 6  ? -11.226 -6.674  7.367   1.00 6.75  ? 6   THR B O   1 
ATOM   594  C CB  . THR B 1 6  ? -13.382 -8.061  5.153   1.00 14.14 ? 6   THR B CB  1 
ATOM   595  O OG1 . THR B 1 6  ? -13.705 -9.473  5.224   1.00 25.00 ? 6   THR B OG1 1 
ATOM   596  C CG2 . THR B 1 6  ? -12.056 -7.916  4.429   1.00 5.00  ? 6   THR B CG2 1 
ATOM   597  N N   . ALA B 1 7  ? -11.648 -8.843  7.692   1.00 5.00  ? 7   ALA B N   1 
ATOM   598  C CA  . ALA B 1 7  ? -10.418 -9.285  8.323   1.00 5.99  ? 7   ALA B CA  1 
ATOM   599  C C   . ALA B 1 7  ? -10.910 -10.653 8.866   1.00 8.95  ? 7   ALA B C   1 
ATOM   600  O O   . ALA B 1 7  ? -11.182 -10.851 10.041  1.00 5.00  ? 7   ALA B O   1 
ATOM   601  C CB  . ALA B 1 7  ? -9.808  -8.393  9.272   1.00 5.00  ? 7   ALA B CB  1 
ATOM   602  N N   . THR B 1 8  ? -11.289 -11.342 7.758   1.00 12.72 ? 8   THR B N   1 
ATOM   603  C CA  . THR B 1 8  ? -11.770 -12.690 7.755   1.00 22.78 ? 8   THR B CA  1 
ATOM   604  C C   . THR B 1 8  ? -13.260 -12.918 7.881   1.00 24.65 ? 8   THR B C   1 
ATOM   605  O O   . THR B 1 8  ? -14.099 -12.416 8.589   1.00 12.32 ? 8   THR B O   1 
ATOM   606  C CB  . THR B 1 8  ? -10.763 -13.578 8.503   1.00 25.00 ? 8   THR B CB  1 
ATOM   607  O OG1 . THR B 1 8  ? -9.737  -13.850 7.589   1.00 19.90 ? 8   THR B OG1 1 
ATOM   608  C CG2 . THR B 1 8  ? -11.313 -14.831 9.144   1.00 25.00 ? 8   THR B CG2 1 
ATOM   609  N N   . ILE B 1 9  ? -13.629 -13.756 6.935   1.00 25.00 ? 9   ILE B N   1 
ATOM   610  C CA  . ILE B 1 9  ? -14.848 -14.322 6.469   1.00 21.49 ? 9   ILE B CA  1 
ATOM   611  C C   . ILE B 1 9  ? -15.988 -13.444 6.916   1.00 24.86 ? 9   ILE B C   1 
ATOM   612  O O   . ILE B 1 9  ? -15.710 -12.214 7.090   1.00 23.88 ? 9   ILE B O   1 
ATOM   613  C CB  . ILE B 1 9  ? -15.029 -15.765 6.851   1.00 20.03 ? 9   ILE B CB  1 
ATOM   614  C CG1 . ILE B 1 9  ? -14.115 -16.083 8.027   1.00 5.00  ? 9   ILE B CG1 1 
ATOM   615  C CG2 . ILE B 1 9  ? -14.677 -16.574 5.562   1.00 5.00  ? 9   ILE B CG2 1 
ATOM   616  C CD1 . ILE B 1 9  ? -14.574 -17.057 9.098   1.00 5.00  ? 9   ILE B CD1 1 
ATOM   617  N N   . PRO B 1 10 ? -17.155 -14.025 6.944   1.00 24.66 ? 10  PRO B N   1 
ATOM   618  C CA  . PRO B 1 10 ? -18.342 -13.158 7.268   1.00 24.08 ? 10  PRO B CA  1 
ATOM   619  C C   . PRO B 1 10 ? -17.699 -11.976 7.968   1.00 25.00 ? 10  PRO B C   1 
ATOM   620  O O   . PRO B 1 10 ? -17.290 -11.835 9.145   1.00 22.63 ? 10  PRO B O   1 
ATOM   621  C CB  . PRO B 1 10 ? -19.371 -14.061 7.753   1.00 24.57 ? 10  PRO B CB  1 
ATOM   622  C CG  . PRO B 1 10 ? -18.877 -15.510 7.553   1.00 25.00 ? 10  PRO B CG  1 
ATOM   623  C CD  . PRO B 1 10 ? -17.615 -15.399 6.701   1.00 11.84 ? 10  PRO B CD  1 
ATOM   624  N N   . SER B 1 11 ? -17.272 -11.158 6.975   1.00 19.07 ? 11  SER B N   1 
ATOM   625  C CA  . SER B 1 11 ? -16.636 -9.887  7.344   1.00 19.73 ? 11  SER B CA  1 
ATOM   626  C C   . SER B 1 11 ? -17.562 -9.137  8.308   1.00 24.29 ? 11  SER B C   1 
ATOM   627  O O   . SER B 1 11 ? -18.694 -8.773  7.920   1.00 25.00 ? 11  SER B O   1 
ATOM   628  C CB  . SER B 1 11 ? -16.513 -9.128  5.980   1.00 25.00 ? 11  SER B CB  1 
ATOM   629  O OG  . SER B 1 11 ? -15.694 -9.993  5.154   1.00 11.95 ? 11  SER B OG  1 
ATOM   630  N N   . SER B 1 12 ? -17.119 -8.941  9.521   1.00 25.00 ? 12  SER B N   1 
ATOM   631  C CA  . SER B 1 12 ? -17.800 -8.109  10.538  1.00 20.02 ? 12  SER B CA  1 
ATOM   632  C C   . SER B 1 12 ? -16.804 -7.686  11.670  1.00 25.00 ? 12  SER B C   1 
ATOM   633  O O   . SER B 1 12 ? -16.958 -8.093  12.844  1.00 25.00 ? 12  SER B O   1 
ATOM   634  C CB  . SER B 1 12 ? -18.937 -8.904  11.123  1.00 12.54 ? 12  SER B CB  1 
ATOM   635  O OG  . SER B 1 12 ? -18.662 -10.244 10.818  1.00 11.25 ? 12  SER B OG  1 
ATOM   636  N N   . ALA B 1 13 ? -15.860 -6.841  11.290  1.00 18.39 ? 13  ALA B N   1 
ATOM   637  C CA  . ALA B 1 13 ? -14.723 -6.190  11.745  1.00 7.71  ? 13  ALA B CA  1 
ATOM   638  C C   . ALA B 1 13 ? -13.548 -7.049  12.250  1.00 5.00  ? 13  ALA B C   1 
ATOM   639  O O   . ALA B 1 13 ? -12.477 -6.527  11.852  1.00 6.34  ? 13  ALA B O   1 
ATOM   640  C CB  . ALA B 1 13 ? -14.892 -5.021  12.670  1.00 5.00  ? 13  ALA B CB  1 
ATOM   641  N N   . VAL B 1 14 ? -13.609 -8.063  13.035  1.00 10.08 ? 14  VAL B N   1 
ATOM   642  C CA  . VAL B 1 14 ? -12.657 -8.959  13.669  1.00 13.15 ? 14  VAL B CA  1 
ATOM   643  C C   . VAL B 1 14 ? -11.910 -8.309  14.843  1.00 19.74 ? 14  VAL B C   1 
ATOM   644  O O   . VAL B 1 14 ? -11.907 -8.843  15.978  1.00 23.91 ? 14  VAL B O   1 
ATOM   645  C CB  . VAL B 1 14 ? -11.677 -9.727  12.783  1.00 11.92 ? 14  VAL B CB  1 
ATOM   646  C CG1 . VAL B 1 14 ? -10.546 -10.383 13.565  1.00 5.00  ? 14  VAL B CG1 1 
ATOM   647  C CG2 . VAL B 1 14 ? -12.271 -10.704 11.805  1.00 24.58 ? 14  VAL B CG2 1 
ATOM   648  N N   . THR B 1 15 ? -11.177 -7.211  14.553  1.00 13.24 ? 15  THR B N   1 
ATOM   649  C CA  . THR B 1 15 ? -10.382 -6.508  15.584  1.00 16.89 ? 15  THR B CA  1 
ATOM   650  C C   . THR B 1 15 ? -9.137  -7.303  15.949  1.00 13.25 ? 15  THR B C   1 
ATOM   651  O O   . THR B 1 15 ? -8.541  -7.229  17.097  1.00 7.41  ? 15  THR B O   1 
ATOM   652  C CB  . THR B 1 15 ? -11.294 -6.148  16.755  1.00 25.00 ? 15  THR B CB  1 
ATOM   653  O OG1 . THR B 1 15 ? -12.601 -5.974  16.218  1.00 25.00 ? 15  THR B OG1 1 
ATOM   654  C CG2 . THR B 1 15 ? -10.804 -4.958  17.577  1.00 8.54  ? 15  THR B CG2 1 
ATOM   655  N N   . CYS B 1 16 ? -8.685  -8.027  14.955  1.00 8.78  ? 16  CYS B N   1 
ATOM   656  C CA  . CYS B 1 16 ? -7.568  -8.925  14.887  1.00 12.14 ? 16  CYS B CA  1 
ATOM   657  C C   . CYS B 1 16 ? -7.514  -10.018 15.936  1.00 10.19 ? 16  CYS B C   1 
ATOM   658  O O   . CYS B 1 16 ? -8.605  -10.475 16.356  1.00 9.26  ? 16  CYS B O   1 
ATOM   659  C CB  . CYS B 1 16 ? -6.247  -8.321  14.422  1.00 13.87 ? 16  CYS B CB  1 
ATOM   660  S SG  . CYS B 1 16 ? -6.561  -7.037  13.181  1.00 8.74  ? 16  CYS B SG  1 
ATOM   661  N N   . PRO B 1 17 ? -6.366  -10.548 16.145  1.00 7.59  ? 17  PRO B N   1 
ATOM   662  C CA  . PRO B 1 17 ? -5.853  -11.656 17.018  1.00 5.00  ? 17  PRO B CA  1 
ATOM   663  C C   . PRO B 1 17 ? -4.816  -10.754 17.757  1.00 5.00  ? 17  PRO B C   1 
ATOM   664  O O   . PRO B 1 17 ? -4.981  -9.552  17.510  1.00 6.18  ? 17  PRO B O   1 
ATOM   665  C CB  . PRO B 1 17 ? -5.014  -12.496 16.083  1.00 5.00  ? 17  PRO B CB  1 
ATOM   666  C CG  . PRO B 1 17 ? -4.739  -11.591 14.903  1.00 5.00  ? 17  PRO B CG  1 
ATOM   667  C CD  . PRO B 1 17 ? -5.075  -10.144 15.442  1.00 5.00  ? 17  PRO B CD  1 
ATOM   668  N N   . PRO B 1 18 ? -3.825  -11.392 18.272  1.00 12.52 ? 18  PRO B N   1 
ATOM   669  C CA  . PRO B 1 18 ? -2.840  -10.626 19.116  1.00 17.01 ? 18  PRO B CA  1 
ATOM   670  C C   . PRO B 1 18 ? -2.193  -9.572  18.261  1.00 13.57 ? 18  PRO B C   1 
ATOM   671  O O   . PRO B 1 18 ? -2.224  -9.684  16.999  1.00 11.24 ? 18  PRO B O   1 
ATOM   672  C CB  . PRO B 1 18 ? -1.975  -11.682 19.725  1.00 21.79 ? 18  PRO B CB  1 
ATOM   673  C CG  . PRO B 1 18 ? -2.434  -13.060 19.359  1.00 5.00  ? 18  PRO B CG  1 
ATOM   674  C CD  . PRO B 1 18 ? -3.632  -12.873 18.415  1.00 18.49 ? 18  PRO B CD  1 
ATOM   675  N N   . GLY B 1 19 ? -1.661  -8.518  18.868  1.00 17.15 ? 19  GLY B N   1 
ATOM   676  C CA  . GLY B 1 19 ? -0.926  -7.543  18.017  1.00 22.38 ? 19  GLY B CA  1 
ATOM   677  C C   . GLY B 1 19 ? -0.990  -6.099  18.418  1.00 25.00 ? 19  GLY B C   1 
ATOM   678  O O   . GLY B 1 19 ? -0.367  -5.700  19.411  1.00 25.00 ? 19  GLY B O   1 
ATOM   679  N N   . GLU B 1 20 ? -1.816  -5.328  17.638  1.00 25.00 ? 20  GLU B N   1 
ATOM   680  C CA  . GLU B 1 20 ? -1.966  -3.886  17.810  1.00 22.15 ? 20  GLU B CA  1 
ATOM   681  C C   . GLU B 1 20 ? -1.141  -3.208  16.683  1.00 25.00 ? 20  GLU B C   1 
ATOM   682  O O   . GLU B 1 20 ? 0.098   -3.404  16.495  1.00 12.50 ? 20  GLU B O   1 
ATOM   683  C CB  . GLU B 1 20 ? -1.532  -3.319  19.131  1.00 17.38 ? 20  GLU B CB  1 
ATOM   684  C CG  . GLU B 1 20 ? -2.172  -3.530  20.479  1.00 9.64  ? 20  GLU B CG  1 
ATOM   685  C CD  . GLU B 1 20 ? -2.566  -4.858  21.061  1.00 17.33 ? 20  GLU B CD  1 
ATOM   686  O OE1 . GLU B 1 20 ? -3.264  -5.724  20.460  1.00 11.02 ? 20  GLU B OE1 1 
ATOM   687  O OE2 . GLU B 1 20 ? -2.165  -5.047  22.294  1.00 14.48 ? 20  GLU B OE2 1 
ATOM   688  N N   . ASN B 1 21 ? -1.899  -2.447  15.889  1.00 25.00 ? 21  ASN B N   1 
ATOM   689  C CA  . ASN B 1 21 ? -1.338  -1.737  14.739  1.00 20.36 ? 21  ASN B CA  1 
ATOM   690  C C   . ASN B 1 21 ? -1.233  -2.685  13.511  1.00 19.16 ? 21  ASN B C   1 
ATOM   691  O O   . ASN B 1 21 ? -0.920  -3.869  13.629  1.00 21.09 ? 21  ASN B O   1 
ATOM   692  C CB  . ASN B 1 21 ? -0.003  -1.063  15.083  1.00 12.30 ? 21  ASN B CB  1 
ATOM   693  C CG  . ASN B 1 21 ? 1.153   -1.791  14.386  1.00 14.44 ? 21  ASN B CG  1 
ATOM   694  O OD1 . ASN B 1 21 ? 1.114   -1.860  13.094  1.00 5.00  ? 21  ASN B OD1 1 
ATOM   695  N ND2 . ASN B 1 21 ? 2.052   -2.299  15.206  1.00 5.00  ? 21  ASN B ND2 1 
ATOM   696  N N   . LEU B 1 22 ? -1.508  -2.133  12.410  1.00 14.44 ? 22  LEU B N   1 
ATOM   697  C CA  . LEU B 1 22 ? -1.645  -2.379  11.027  1.00 19.55 ? 22  LEU B CA  1 
ATOM   698  C C   . LEU B 1 22 ? -2.686  -3.351  10.517  1.00 24.71 ? 22  LEU B C   1 
ATOM   699  O O   . LEU B 1 22 ? -2.855  -4.567  11.032  1.00 25.00 ? 22  LEU B O   1 
ATOM   700  C CB  . LEU B 1 22 ? -0.330  -2.441  10.285  1.00 18.96 ? 22  LEU B CB  1 
ATOM   701  C CG  . LEU B 1 22 ? 0.468   -3.699  10.085  1.00 5.55  ? 22  LEU B CG  1 
ATOM   702  C CD1 . LEU B 1 22 ? 1.771   -3.594  10.832  1.00 17.23 ? 22  LEU B CD1 1 
ATOM   703  C CD2 . LEU B 1 22 ? -0.310  -4.936  10.423  1.00 25.00 ? 22  LEU B CD2 1 
ATOM   704  N N   . CYS B 1 23 ? -3.292  -2.905  9.465   1.00 14.85 ? 23  CYS B N   1 
ATOM   705  C CA  . CYS B 1 23 ? -4.283  -3.679  8.682   1.00 6.82  ? 23  CYS B CA  1 
ATOM   706  C C   . CYS B 1 23 ? -3.618  -4.047  7.345   1.00 5.00  ? 23  CYS B C   1 
ATOM   707  O O   . CYS B 1 23 ? -3.520  -3.092  6.562   1.00 12.65 ? 23  CYS B O   1 
ATOM   708  C CB  . CYS B 1 23 ? -5.450  -2.749  8.357   1.00 9.55  ? 23  CYS B CB  1 
ATOM   709  S SG  . CYS B 1 23 ? -6.345  -2.036  9.707   1.00 15.79 ? 23  CYS B SG  1 
ATOM   710  N N   . TYR B 1 24 ? -3.309  -5.292  7.014   1.00 7.19  ? 24  TYR B N   1 
ATOM   711  C CA  . TYR B 1 24 ? -2.679  -5.490  5.674   1.00 13.75 ? 24  TYR B CA  1 
ATOM   712  C C   . TYR B 1 24 ? -3.535  -6.081  4.588   1.00 19.37 ? 24  TYR B C   1 
ATOM   713  O O   . TYR B 1 24 ? -4.335  -7.070  4.728   1.00 20.41 ? 24  TYR B O   1 
ATOM   714  C CB  . TYR B 1 24 ? -1.278  -6.064  5.955   1.00 9.64  ? 24  TYR B CB  1 
ATOM   715  C CG  . TYR B 1 24 ? -1.211  -7.578  5.994   1.00 25.00 ? 24  TYR B CG  1 
ATOM   716  C CD1 . TYR B 1 24 ? -0.740  -8.336  4.888   1.00 25.00 ? 24  TYR B CD1 1 
ATOM   717  C CD2 . TYR B 1 24 ? -1.572  -8.261  7.140   1.00 25.00 ? 24  TYR B CD2 1 
ATOM   718  C CE1 . TYR B 1 24 ? -0.731  -9.716  4.941   1.00 20.78 ? 24  TYR B CE1 1 
ATOM   719  C CE2 . TYR B 1 24 ? -1.557  -9.644  7.229   1.00 25.00 ? 24  TYR B CE2 1 
ATOM   720  C CZ  . TYR B 1 24 ? -1.156  -10.377 6.099   1.00 25.00 ? 24  TYR B CZ  1 
ATOM   721  O OH  . TYR B 1 24 ? -1.097  -11.717 6.261   1.00 19.17 ? 24  TYR B OH  1 
ATOM   722  N N   . ARG B 1 25 ? -3.407  -5.512  3.358   1.00 19.20 ? 25  ARG B N   1 
ATOM   723  C CA  . ARG B 1 25 ? -4.165  -5.831  2.169   1.00 13.38 ? 25  ARG B CA  1 
ATOM   724  C C   . ARG B 1 25 ? -3.334  -6.320  0.944   1.00 9.19  ? 25  ARG B C   1 
ATOM   725  O O   . ARG B 1 25 ? -2.174  -6.037  0.889   1.00 5.00  ? 25  ARG B O   1 
ATOM   726  C CB  . ARG B 1 25 ? -5.084  -4.702  1.676   1.00 11.45 ? 25  ARG B CB  1 
ATOM   727  C CG  . ARG B 1 25 ? -5.887  -3.894  2.643   1.00 8.95  ? 25  ARG B CG  1 
ATOM   728  C CD  . ARG B 1 25 ? -6.372  -2.582  2.134   1.00 20.53 ? 25  ARG B CD  1 
ATOM   729  N NE  . ARG B 1 25 ? -7.025  -2.464  0.837   1.00 5.00  ? 25  ARG B NE  1 
ATOM   730  C CZ  . ARG B 1 25 ? -6.425  -1.907  -0.229  1.00 5.00  ? 25  ARG B CZ  1 
ATOM   731  N NH1 . ARG B 1 25 ? -5.190  -1.396  -0.043  1.00 25.00 ? 25  ARG B NH1 1 
ATOM   732  N NH2 . ARG B 1 25 ? -6.863  -1.758  -1.461  1.00 5.00  ? 25  ARG B NH2 1 
ATOM   733  N N   . LYS B 1 26 ? -3.991  -7.002  -0.005  1.00 7.09  ? 26  LYS B N   1 
ATOM   734  C CA  . LYS B 1 26 ? -3.429  -7.531  -1.244  1.00 7.94  ? 26  LYS B CA  1 
ATOM   735  C C   . LYS B 1 26 ? -4.483  -7.948  -2.264  1.00 5.00  ? 26  LYS B C   1 
ATOM   736  O O   . LYS B 1 26 ? -5.580  -8.371  -1.870  1.00 5.59  ? 26  LYS B O   1 
ATOM   737  C CB  . LYS B 1 26 ? -2.462  -8.723  -1.030  1.00 12.36 ? 26  LYS B CB  1 
ATOM   738  C CG  . LYS B 1 26 ? -1.760  -9.243  -2.284  1.00 5.00  ? 26  LYS B CG  1 
ATOM   739  C CD  . LYS B 1 26 ? -0.827  -10.431 -2.048  1.00 5.00  ? 26  LYS B CD  1 
ATOM   740  C CE  . LYS B 1 26 ? -0.122  -10.845 -3.300  1.00 19.45 ? 26  LYS B CE  1 
ATOM   741  N NZ  . LYS B 1 26 ? 1.029   -11.752 -3.316  1.00 5.00  ? 26  LYS B NZ  1 
ATOM   742  N N   . MET B 1 27 ? -4.129  -7.906  -3.508  1.00 8.37  ? 27  MET B N   1 
ATOM   743  C CA  . MET B 1 27 ? -4.728  -8.301  -4.790  1.00 12.46 ? 27  MET B CA  1 
ATOM   744  C C   . MET B 1 27 ? -5.797  -7.359  -5.337  1.00 8.73  ? 27  MET B C   1 
ATOM   745  O O   . MET B 1 27 ? -6.507  -6.720  -4.544  1.00 5.00  ? 27  MET B O   1 
ATOM   746  C CB  . MET B 1 27 ? -5.027  -9.819  -4.902  1.00 18.73 ? 27  MET B CB  1 
ATOM   747  C CG  . MET B 1 27 ? -5.652  -10.672 -3.873  1.00 5.00  ? 27  MET B CG  1 
ATOM   748  S SD  . MET B 1 27 ? -7.130  -11.614 -4.177  1.00 5.00  ? 27  MET B SD  1 
ATOM   749  C CE  . MET B 1 27 ? -6.682  -12.724 -5.469  1.00 5.00  ? 27  MET B CE  1 
ATOM   750  N N   . TRP B 1 28 ? -5.947  -7.234  -6.666  1.00 9.55  ? 28  TRP B N   1 
ATOM   751  C CA  . TRP B 1 28 ? -6.942  -6.401  -7.348  1.00 14.10 ? 28  TRP B CA  1 
ATOM   752  C C   . TRP B 1 28 ? -7.604  -6.998  -8.614  1.00 9.60  ? 28  TRP B C   1 
ATOM   753  O O   . TRP B 1 28 ? -8.840  -7.080  -8.708  1.00 5.00  ? 28  TRP B O   1 
ATOM   754  C CB  . TRP B 1 28 ? -6.521  -4.902  -7.578  1.00 19.55 ? 28  TRP B CB  1 
ATOM   755  C CG  . TRP B 1 28 ? -7.782  -4.079  -7.305  1.00 25.00 ? 28  TRP B CG  1 
ATOM   756  C CD1 . TRP B 1 28 ? -8.903  -4.066  -8.043  1.00 24.35 ? 28  TRP B CD1 1 
ATOM   757  C CD2 . TRP B 1 28 ? -7.983  -3.217  -6.202  1.00 25.00 ? 28  TRP B CD2 1 
ATOM   758  N NE1 . TRP B 1 28 ? -9.839  -3.214  -7.376  1.00 7.51  ? 28  TRP B NE1 1 
ATOM   759  C CE2 . TRP B 1 28 ? -9.283  -2.739  -6.290  1.00 25.00 ? 28  TRP B CE2 1 
ATOM   760  C CE3 . TRP B 1 28 ? -7.177  -2.818  -5.134  1.00 25.00 ? 28  TRP B CE3 1 
ATOM   761  C CZ2 . TRP B 1 28 ? -9.851  -1.891  -5.334  1.00 25.00 ? 28  TRP B CZ2 1 
ATOM   762  C CZ3 . TRP B 1 28 ? -7.751  -1.947  -4.185  1.00 25.00 ? 28  TRP B CZ3 1 
ATOM   763  C CH2 . TRP B 1 28 ? -9.027  -1.511  -4.279  1.00 25.00 ? 28  TRP B CH2 1 
ATOM   764  N N   . CYS B 1 29 ? -6.868  -7.414  -9.609  1.00 7.39  ? 29  CYS B N   1 
ATOM   765  C CA  . CYS B 1 29 ? -7.509  -8.082  -10.761 1.00 11.68 ? 29  CYS B CA  1 
ATOM   766  C C   . CYS B 1 29 ? -7.050  -9.533  -10.774 1.00 16.67 ? 29  CYS B C   1 
ATOM   767  O O   . CYS B 1 29 ? -5.896  -9.831  -11.115 1.00 21.28 ? 29  CYS B O   1 
ATOM   768  C CB  . CYS B 1 29 ? -7.133  -7.425  -12.089 1.00 7.97  ? 29  CYS B CB  1 
ATOM   769  S SG  . CYS B 1 29 ? -7.812  -8.357  -13.549 1.00 8.06  ? 29  CYS B SG  1 
ATOM   770  N N   . ASP B 1 30 ? -7.996  -10.359 -10.385 1.00 12.66 ? 30  ASP B N   1 
ATOM   771  C CA  . ASP B 1 30 ? -7.846  -11.813 -10.250 1.00 7.48  ? 30  ASP B CA  1 
ATOM   772  C C   . ASP B 1 30 ? -6.782  -12.372 -11.161 1.00 11.26 ? 30  ASP B C   1 
ATOM   773  O O   . ASP B 1 30 ? -6.023  -13.275 -10.782 1.00 5.63  ? 30  ASP B O   1 
ATOM   774  C CB  . ASP B 1 30 ? -9.147  -12.504 -10.621 1.00 5.00  ? 30  ASP B CB  1 
ATOM   775  C CG  . ASP B 1 30 ? -9.956  -11.692 -11.623 1.00 21.79 ? 30  ASP B CG  1 
ATOM   776  O OD1 . ASP B 1 30 ? -9.924  -10.402 -11.580 1.00 5.00  ? 30  ASP B OD1 1 
ATOM   777  O OD2 . ASP B 1 30 ? -10.672 -12.291 -12.511 1.00 6.20  ? 30  ASP B OD2 1 
ATOM   778  N N   . ALA B 1 31 ? -6.716  -11.866 -12.339 1.00 10.02 ? 31  ALA B N   1 
ATOM   779  C CA  . ALA B 1 31 ? -5.733  -12.378 -13.258 1.00 14.93 ? 31  ALA B CA  1 
ATOM   780  C C   . ALA B 1 31 ? -6.339  -12.558 -14.613 1.00 11.59 ? 31  ALA B C   1 
ATOM   781  O O   . ALA B 1 31 ? -5.651  -12.918 -15.578 1.00 10.18 ? 31  ALA B O   1 
ATOM   782  C CB  . ALA B 1 31 ? -5.223  -13.734 -12.768 1.00 24.78 ? 31  ALA B CB  1 
ATOM   783  N N   . PHE B 1 32 ? -7.609  -12.306 -14.687 1.00 7.59  ? 32  PHE B N   1 
ATOM   784  C CA  . PHE B 1 32 ? -8.321  -12.377 -15.959 1.00 10.18 ? 32  PHE B CA  1 
ATOM   785  C C   . PHE B 1 32 ? -9.083  -10.998 -16.190 1.00 17.59 ? 32  PHE B C   1 
ATOM   786  O O   . PHE B 1 32 ? -10.325 -10.928 -16.139 1.00 21.48 ? 32  PHE B O   1 
ATOM   787  C CB  . PHE B 1 32 ? -9.232  -13.633 -15.965 1.00 5.09  ? 32  PHE B CB  1 
ATOM   788  C CG  . PHE B 1 32 ? -8.850  -14.780 -14.972 1.00 14.89 ? 32  PHE B CG  1 
ATOM   789  C CD1 . PHE B 1 32 ? -9.132  -14.651 -13.601 1.00 10.23 ? 32  PHE B CD1 1 
ATOM   790  C CD2 . PHE B 1 32 ? -8.253  -15.976 -15.429 1.00 7.20  ? 32  PHE B CD2 1 
ATOM   791  C CE1 . PHE B 1 32 ? -8.846  -15.699 -12.710 1.00 13.46 ? 32  PHE B CE1 1 
ATOM   792  C CE2 . PHE B 1 32 ? -7.971  -17.029 -14.533 1.00 8.31  ? 32  PHE B CE2 1 
ATOM   793  C CZ  . PHE B 1 32 ? -8.277  -16.889 -13.178 1.00 18.95 ? 32  PHE B CZ  1 
ATOM   794  N N   . CYS B 1 33 ? -8.200  -10.013 -16.443 1.00 25.00 ? 33  CYS B N   1 
ATOM   795  C CA  . CYS B 1 33 ? -8.461  -8.568  -16.652 1.00 20.17 ? 33  CYS B CA  1 
ATOM   796  C C   . CYS B 1 33 ? -9.145  -8.367  -18.013 1.00 20.94 ? 33  CYS B C   1 
ATOM   797  O O   . CYS B 1 33 ? -8.498  -8.354  -19.074 1.00 25.00 ? 33  CYS B O   1 
ATOM   798  C CB  . CYS B 1 33 ? -7.128  -7.959  -16.339 1.00 12.92 ? 33  CYS B CB  1 
ATOM   799  S SG  . CYS B 1 33 ? -6.371  -9.110  -15.099 1.00 16.75 ? 33  CYS B SG  1 
ATOM   800  N N   . SER B 1 34 ? -10.382 -8.259  -17.675 1.00 15.60 ? 34  SER B N   1 
ATOM   801  C CA  . SER B 1 34 ? -11.516 -8.083  -18.481 1.00 11.86 ? 34  SER B CA  1 
ATOM   802  C C   . SER B 1 34 ? -12.689 -7.776  -17.504 1.00 11.00 ? 34  SER B C   1 
ATOM   803  O O   . SER B 1 34 ? -13.759 -8.377  -17.609 1.00 8.40  ? 34  SER B O   1 
ATOM   804  C CB  . SER B 1 34 ? -11.767 -9.366  -19.288 1.00 8.43  ? 34  SER B CB  1 
ATOM   805  O OG  . SER B 1 34 ? -10.536 -9.894  -19.760 1.00 5.00  ? 34  SER B OG  1 
ATOM   806  N N   . SER B 1 35 ? -12.400 -6.855  -16.538 1.00 17.70 ? 35  SER B N   1 
ATOM   807  C CA  . SER B 1 35 ? -13.341 -6.161  -15.506 1.00 24.75 ? 35  SER B CA  1 
ATOM   808  C C   . SER B 1 35 ? -14.213 -6.973  -14.436 1.00 25.00 ? 35  SER B C   1 
ATOM   809  O O   . SER B 1 35 ? -15.222 -7.626  -14.784 1.00 25.00 ? 35  SER B O   1 
ATOM   810  C CB  . SER B 1 35 ? -14.369 -5.322  -16.244 1.00 25.00 ? 35  SER B CB  1 
ATOM   811  O OG  . SER B 1 35 ? -13.758 -4.694  -17.360 1.00 19.95 ? 35  SER B OG  1 
ATOM   812  N N   . ARG B 1 36 ? -13.724 -6.790  -13.152 1.00 25.00 ? 36  ARG B N   1 
ATOM   813  C CA  . ARG B 1 36 ? -14.306 -7.288  -11.828 1.00 25.00 ? 36  ARG B CA  1 
ATOM   814  C C   . ARG B 1 36 ? -13.511 -6.616  -10.668 1.00 25.00 ? 36  ARG B C   1 
ATOM   815  O O   . ARG B 1 36 ? -13.610 -5.400  -10.447 1.00 23.24 ? 36  ARG B O   1 
ATOM   816  C CB  . ARG B 1 36 ? -14.354 -8.824  -11.811 1.00 25.00 ? 36  ARG B CB  1 
ATOM   817  C CG  . ARG B 1 36 ? -15.530 -9.297  -12.691 1.00 25.00 ? 36  ARG B CG  1 
ATOM   818  C CD  . ARG B 1 36 ? -15.987 -10.775 -12.541 1.00 22.29 ? 36  ARG B CD  1 
ATOM   819  N NE  . ARG B 1 36 ? -14.956 -11.471 -13.164 1.00 18.43 ? 36  ARG B NE  1 
ATOM   820  C CZ  . ARG B 1 36 ? -14.903 -11.965 -14.363 1.00 17.37 ? 36  ARG B CZ  1 
ATOM   821  N NH1 . ARG B 1 36 ? -15.961 -12.273 -15.147 1.00 21.16 ? 36  ARG B NH1 1 
ATOM   822  N NH2 . ARG B 1 36 ? -13.794 -11.910 -14.964 1.00 5.00  ? 36  ARG B NH2 1 
ATOM   823  N N   . GLY B 1 37 ? -12.758 -7.442  -9.926  1.00 18.43 ? 37  GLY B N   1 
ATOM   824  C CA  . GLY B 1 37 ? -11.891 -6.968  -8.813  1.00 8.52  ? 37  GLY B CA  1 
ATOM   825  C C   . GLY B 1 37 ? -12.368 -7.421  -7.401  1.00 6.76  ? 37  GLY B C   1 
ATOM   826  O O   . GLY B 1 37 ? -11.728 -7.117  -6.383  1.00 17.76 ? 37  GLY B O   1 
ATOM   827  N N   . LYS B 1 38 ? -13.481 -8.140  -7.331  1.00 10.05 ? 38  LYS B N   1 
ATOM   828  C CA  . LYS B 1 38 ? -14.049 -8.617  -6.031  1.00 17.74 ? 38  LYS B CA  1 
ATOM   829  C C   . LYS B 1 38 ? -13.592 -10.085 -5.737  1.00 23.15 ? 38  LYS B C   1 
ATOM   830  O O   . LYS B 1 38 ? -14.306 -11.085 -5.595  1.00 11.57 ? 38  LYS B O   1 
ATOM   831  C CB  . LYS B 1 38 ? -15.583 -8.613  -6.101  1.00 14.02 ? 38  LYS B CB  1 
ATOM   832  C CG  . LYS B 1 38 ? -16.242 -7.438  -5.373  1.00 9.61  ? 38  LYS B CG  1 
ATOM   833  C CD  . LYS B 1 38 ? -17.772 -7.525  -5.385  1.00 5.27  ? 38  LYS B CD  1 
ATOM   834  C CE  . LYS B 1 38 ? -18.295 -8.933  -5.070  1.00 23.02 ? 38  LYS B CE  1 
ATOM   835  N NZ  . LYS B 1 38 ? -18.739 -9.661  -6.268  1.00 12.97 ? 38  LYS B NZ  1 
ATOM   836  N N   . VAL B 1 39 ? -12.307 -10.174 -5.480  1.00 14.27 ? 39  VAL B N   1 
ATOM   837  C CA  . VAL B 1 39 ? -11.584 -11.380 -5.128  1.00 20.71 ? 39  VAL B CA  1 
ATOM   838  C C   . VAL B 1 39 ? -10.146 -10.839 -4.681  1.00 25.00 ? 39  VAL B C   1 
ATOM   839  O O   . VAL B 1 39 ? -9.288  -10.676 -5.567  1.00 12.50 ? 39  VAL B O   1 
ATOM   840  C CB  . VAL B 1 39 ? -11.391 -12.373 -6.280  1.00 25.00 ? 39  VAL B CB  1 
ATOM   841  C CG1 . VAL B 1 39 ? -12.216 -13.646 -6.116  1.00 12.38 ? 39  VAL B CG1 1 
ATOM   842  C CG2 . VAL B 1 39 ? -11.654 -11.627 -7.592  1.00 25.00 ? 39  VAL B CG2 1 
ATOM   843  N N   . VAL B 1 40 ? -10.236 -10.673 -3.402  1.00 19.05 ? 40  VAL B N   1 
ATOM   844  C CA  . VAL B 1 40 ? -9.477  -10.053 -2.379  1.00 23.32 ? 40  VAL B CA  1 
ATOM   845  C C   . VAL B 1 40 ? -9.176  -10.797 -1.061  1.00 25.00 ? 40  VAL B C   1 
ATOM   846  O O   . VAL B 1 40 ? -9.497  -11.892 -0.629  1.00 12.50 ? 40  VAL B O   1 
ATOM   847  C CB  . VAL B 1 40 ? -10.174 -8.657  -2.110  1.00 24.24 ? 40  VAL B CB  1 
ATOM   848  C CG1 . VAL B 1 40 ? -9.554  -7.503  -3.015  1.00 10.04 ? 40  VAL B CG1 1 
ATOM   849  C CG2 . VAL B 1 40 ? -11.659 -8.635  -2.487  1.00 5.00  ? 40  VAL B CG2 1 
ATOM   850  N N   . GLU B 1 41 ? -8.371  -10.021 -0.284  1.00 25.00 ? 41  GLU B N   1 
ATOM   851  C CA  . GLU B 1 41 ? -7.899  -10.481 1.048   1.00 25.00 ? 41  GLU B CA  1 
ATOM   852  C C   . GLU B 1 41 ? -7.396  -9.250  1.769   1.00 25.00 ? 41  GLU B C   1 
ATOM   853  O O   . GLU B 1 41 ? -6.555  -8.493  1.231   1.00 12.50 ? 41  GLU B O   1 
ATOM   854  C CB  . GLU B 1 41 ? -6.748  -11.436 0.900   1.00 25.00 ? 41  GLU B CB  1 
ATOM   855  C CG  . GLU B 1 41 ? -6.057  -11.943 2.174   1.00 25.00 ? 41  GLU B CG  1 
ATOM   856  C CD  . GLU B 1 41 ? -5.295  -13.217 1.898   1.00 25.00 ? 41  GLU B CD  1 
ATOM   857  O OE1 . GLU B 1 41 ? -4.893  -13.951 2.798   1.00 25.00 ? 41  GLU B OE1 1 
ATOM   858  O OE2 . GLU B 1 41 ? -5.143  -13.276 0.586   1.00 21.02 ? 41  GLU B OE2 1 
ATOM   859  N N   . LEU B 1 42 ? -8.061  -8.981  2.866   1.00 25.00 ? 42  LEU B N   1 
ATOM   860  C CA  . LEU B 1 42 ? -8.078  -7.882  3.784   1.00 20.00 ? 42  LEU B CA  1 
ATOM   861  C C   . LEU B 1 42 ? -8.254  -8.270  5.264   1.00 25.00 ? 42  LEU B C   1 
ATOM   862  O O   . LEU B 1 42 ? -9.334  -8.730  5.669   1.00 22.31 ? 42  LEU B O   1 
ATOM   863  C CB  . LEU B 1 42 ? -9.373  -7.054  3.511   1.00 12.50 ? 42  LEU B CB  1 
ATOM   864  C CG  . LEU B 1 42 ? -9.931  -6.950  2.152   1.00 9.62  ? 42  LEU B CG  1 
ATOM   865  C CD1 . LEU B 1 42 ? -9.895  -8.236  1.437   1.00 12.82 ? 42  LEU B CD1 1 
ATOM   866  C CD2 . LEU B 1 42 ? -11.257 -6.238  2.010   1.00 7.27  ? 42  LEU B CD2 1 
ATOM   867  N N   . GLY B 1 43 ? -7.325  -7.736  6.096   1.00 25.00 ? 43  GLY B N   1 
ATOM   868  C CA  . GLY B 1 43 ? -7.335  -7.875  7.491   1.00 22.32 ? 43  GLY B CA  1 
ATOM   869  C C   . GLY B 1 43 ? -6.154  -7.711  8.373   1.00 19.48 ? 43  GLY B C   1 
ATOM   870  O O   . GLY B 1 43 ? -5.753  -6.596  8.849   1.00 9.74  ? 43  GLY B O   1 
ATOM   871  N N   . CYS B 1 44 ? -5.671  -8.888  8.767   1.00 15.35 ? 44  CYS B N   1 
ATOM   872  C CA  . CYS B 1 44 ? -4.617  -8.938  9.822   1.00 18.33 ? 44  CYS B CA  1 
ATOM   873  C C   . CYS B 1 44 ? -4.691  -10.249 10.620  1.00 20.71 ? 44  CYS B C   1 
ATOM   874  O O   . CYS B 1 44 ? -5.751  -10.761 11.040  1.00 25.00 ? 44  CYS B O   1 
ATOM   875  C CB  . CYS B 1 44 ? -4.816  -7.725  10.760  1.00 13.16 ? 44  CYS B CB  1 
ATOM   876  S SG  . CYS B 1 44 ? -6.542  -7.628  11.368  1.00 5.00  ? 44  CYS B SG  1 
ATOM   877  N N   . ALA B 1 45 ? -3.565  -10.877 10.783  1.00 16.61 ? 45  ALA B N   1 
ATOM   878  C CA  . ALA B 1 45 ? -3.341  -12.120 11.520  1.00 11.63 ? 45  ALA B CA  1 
ATOM   879  C C   . ALA B 1 45 ? -1.835  -12.094 11.517  1.00 7.31  ? 45  ALA B C   1 
ATOM   880  O O   . ALA B 1 45 ? -1.156  -12.823 10.784  1.00 9.07  ? 45  ALA B O   1 
ATOM   881  C CB  . ALA B 1 45 ? -4.015  -13.328 10.947  1.00 11.22 ? 45  ALA B CB  1 
ATOM   882  N N   . ALA B 1 46 ? -1.347  -11.166 12.278  1.00 16.16 ? 46  ALA B N   1 
ATOM   883  C CA  . ALA B 1 46 ? 0.066   -11.041 12.424  1.00 16.85 ? 46  ALA B CA  1 
ATOM   884  C C   . ALA B 1 46 ? 0.729   -9.905  11.595  1.00 10.42 ? 46  ALA B C   1 
ATOM   885  O O   . ALA B 1 46 ? 0.048   -9.104  10.938  1.00 5.21  ? 46  ALA B O   1 
ATOM   886  C CB  . ALA B 1 46 ? 0.741   -12.344 11.991  1.00 13.27 ? 46  ALA B CB  1 
ATOM   887  N N   . THR B 1 47 ? 2.040   -10.038 11.785  1.00 13.75 ? 47  THR B N   1 
ATOM   888  C CA  . THR B 1 47 ? 3.204   -9.111  11.525  1.00 16.13 ? 47  THR B CA  1 
ATOM   889  C C   . THR B 1 47 ? 3.383   -8.524  10.112  1.00 25.00 ? 47  THR B C   1 
ATOM   890  O O   . THR B 1 47 ? 4.404   -8.795  9.422   1.00 25.00 ? 47  THR B O   1 
ATOM   891  C CB  . THR B 1 47 ? 4.434   -9.853  12.088  1.00 10.56 ? 47  THR B CB  1 
ATOM   892  O OG1 . THR B 1 47 ? 5.115   -10.549 11.057  1.00 15.14 ? 47  THR B OG1 1 
ATOM   893  C CG2 . THR B 1 47 ? 4.059   -10.871 13.170  1.00 5.00  ? 47  THR B CG2 1 
ATOM   894  N N   . CYS B 1 48 ? 2.393   -7.652  9.786   1.00 25.00 ? 48  CYS B N   1 
ATOM   895  C CA  . CYS B 1 48 ? 2.263   -7.165  8.423   1.00 25.00 ? 48  CYS B CA  1 
ATOM   896  C C   . CYS B 1 48 ? 3.177   -8.054  7.677   1.00 25.00 ? 48  CYS B C   1 
ATOM   897  O O   . CYS B 1 48 ? 4.220   -7.622  7.152   1.00 12.50 ? 48  CYS B O   1 
ATOM   898  C CB  . CYS B 1 48 ? 2.628   -5.712  8.229   1.00 25.00 ? 48  CYS B CB  1 
ATOM   899  S SG  . CYS B 1 48 ? 2.610   -5.304  6.422   1.00 10.55 ? 48  CYS B SG  1 
ATOM   900  N N   . PRO B 1 49 ? 2.745   -9.265  7.611   1.00 25.00 ? 49  PRO B N   1 
ATOM   901  C CA  . PRO B 1 49 ? 3.579   -10.296 7.094   1.00 24.49 ? 49  PRO B CA  1 
ATOM   902  C C   . PRO B 1 49 ? 4.375   -9.711  5.946   1.00 22.96 ? 49  PRO B C   1 
ATOM   903  O O   . PRO B 1 49 ? 5.588   -10.056 5.803   1.00 13.25 ? 49  PRO B O   1 
ATOM   904  C CB  . PRO B 1 49 ? 2.556   -11.374 6.795   1.00 25.00 ? 49  PRO B CB  1 
ATOM   905  C CG  . PRO B 1 49 ? 1.211   -10.904 7.340   1.00 25.00 ? 49  PRO B CG  1 
ATOM   906  C CD  . PRO B 1 49 ? 1.409   -9.613  8.078   1.00 25.00 ? 49  PRO B CD  1 
ATOM   907  N N   . SER B 1 50 ? 3.607   -8.860  5.288   1.00 16.93 ? 50  SER B N   1 
ATOM   908  C CA  . SER B 1 50 ? 3.856   -8.166  4.011   1.00 7.05  ? 50  SER B CA  1 
ATOM   909  C C   . SER B 1 50 ? 3.226   -9.035  2.961   1.00 7.31  ? 50  SER B C   1 
ATOM   910  O O   . SER B 1 50 ? 2.019   -8.937  2.693   1.00 5.00  ? 50  SER B O   1 
ATOM   911  C CB  . SER B 1 50 ? 5.338   -8.058  3.619   1.00 5.00  ? 50  SER B CB  1 
ATOM   912  O OG  . SER B 1 50 ? 6.048   -7.275  4.565   1.00 5.00  ? 50  SER B OG  1 
ATOM   913  N N   . LYS B 1 51 ? 4.096   -9.852  2.410   1.00 8.22  ? 51  LYS B N   1 
ATOM   914  C CA  . LYS B 1 51 ? 3.767   -10.824 1.369   1.00 10.34 ? 51  LYS B CA  1 
ATOM   915  C C   . LYS B 1 51 ? 4.730   -10.680 0.197   1.00 16.62 ? 51  LYS B C   1 
ATOM   916  O O   . LYS B 1 51 ? 5.795   -10.057 0.310   1.00 25.00 ? 51  LYS B O   1 
ATOM   917  C CB  . LYS B 1 51 ? 2.326   -10.659 0.925   1.00 7.77  ? 51  LYS B CB  1 
ATOM   918  C CG  . LYS B 1 51 ? 1.398   -11.624 1.662   1.00 25.00 ? 51  LYS B CG  1 
ATOM   919  C CD  . LYS B 1 51 ? -0.038  -11.578 1.148   1.00 25.00 ? 51  LYS B CD  1 
ATOM   920  C CE  . LYS B 1 51 ? -1.012  -12.365 2.023   1.00 25.00 ? 51  LYS B CE  1 
ATOM   921  N NZ  . LYS B 1 51 ? -1.424  -13.640 1.416   1.00 18.11 ? 51  LYS B NZ  1 
ATOM   922  N N   . LYS B 1 52 ? 4.370   -11.258 -0.914  1.00 25.00 ? 52  LYS B N   1 
ATOM   923  C CA  . LYS B 1 52 ? 5.259   -11.237 -2.065  1.00 18.71 ? 52  LYS B CA  1 
ATOM   924  C C   . LYS B 1 52 ? 4.483   -11.127 -3.371  1.00 21.04 ? 52  LYS B C   1 
ATOM   925  O O   . LYS B 1 52 ? 4.015   -10.036 -3.691  1.00 16.35 ? 52  LYS B O   1 
ATOM   926  C CB  . LYS B 1 52 ? 6.087   -12.518 -2.088  1.00 12.56 ? 52  LYS B CB  1 
ATOM   927  C CG  . LYS B 1 52 ? 6.261   -13.140 -0.704  1.00 21.76 ? 52  LYS B CG  1 
ATOM   928  C CD  . LYS B 1 52 ? 7.478   -14.060 -0.610  1.00 9.83  ? 52  LYS B CD  1 
ATOM   929  C CE  . LYS B 1 52 ? 8.712   -13.320 -0.107  1.00 14.74 ? 52  LYS B CE  1 
ATOM   930  N NZ  . LYS B 1 52 ? 8.529   -11.860 -0.087  1.00 23.46 ? 52  LYS B NZ  1 
ATOM   931  N N   . PRO B 1 53 ? 4.344   -12.285 -3.966  1.00 13.55 ? 53  PRO B N   1 
ATOM   932  C CA  . PRO B 1 53 ? 3.812   -12.573 -5.218  1.00 22.14 ? 53  PRO B CA  1 
ATOM   933  C C   . PRO B 1 53 ? 3.175   -11.828 -6.295  1.00 25.00 ? 53  PRO B C   1 
ATOM   934  O O   . PRO B 1 53 ? 3.810   -11.892 -7.407  1.00 25.00 ? 53  PRO B O   1 
ATOM   935  C CB  . PRO B 1 53 ? 3.347   -14.047 -5.034  1.00 25.00 ? 53  PRO B CB  1 
ATOM   936  C CG  . PRO B 1 53 ? 4.648   -14.668 -4.433  1.00 25.00 ? 53  PRO B CG  1 
ATOM   937  C CD  . PRO B 1 53 ? 5.017   -13.558 -3.416  1.00 6.21  ? 53  PRO B CD  1 
ATOM   938  N N   . TYR B 1 54 ? 2.033   -11.166 -6.182  1.00 25.00 ? 54  TYR B N   1 
ATOM   939  C CA  . TYR B 1 54 ? 1.233   -10.610 -7.304  1.00 25.00 ? 54  TYR B CA  1 
ATOM   940  C C   . TYR B 1 54 ? 1.259   -9.127  -7.480  1.00 25.00 ? 54  TYR B C   1 
ATOM   941  O O   . TYR B 1 54 ? 2.360   -8.484  -7.488  1.00 25.00 ? 54  TYR B O   1 
ATOM   942  C CB  . TYR B 1 54 ? -0.162  -11.275 -7.277  1.00 25.00 ? 54  TYR B CB  1 
ATOM   943  C CG  . TYR B 1 54 ? -0.614  -12.215 -8.362  1.00 25.00 ? 54  TYR B CG  1 
ATOM   944  C CD1 . TYR B 1 54 ? -1.099  -11.750 -9.584  1.00 25.00 ? 54  TYR B CD1 1 
ATOM   945  C CD2 . TYR B 1 54 ? -0.706  -13.600 -8.197  1.00 25.00 ? 54  TYR B CD2 1 
ATOM   946  C CE1 . TYR B 1 54 ? -1.685  -12.521 -10.580 1.00 16.51 ? 54  TYR B CE1 1 
ATOM   947  C CE2 . TYR B 1 54 ? -1.269  -14.455 -9.188  1.00 17.44 ? 54  TYR B CE2 1 
ATOM   948  C CZ  . TYR B 1 54 ? -1.781  -13.903 -10.355 1.00 17.32 ? 54  TYR B CZ  1 
ATOM   949  O OH  . TYR B 1 54 ? -2.290  -14.680 -11.355 1.00 5.17  ? 54  TYR B OH  1 
ATOM   950  N N   . GLU B 1 55 ? 0.095   -8.481  -7.781  1.00 18.44 ? 55  GLU B N   1 
ATOM   951  C CA  . GLU B 1 55 ? 0.115   -7.030  -7.947  1.00 8.60  ? 55  GLU B CA  1 
ATOM   952  C C   . GLU B 1 55 ? -0.011  -6.271  -6.640  1.00 6.80  ? 55  GLU B C   1 
ATOM   953  O O   . GLU B 1 55 ? 0.787   -6.579  -5.664  1.00 5.35  ? 55  GLU B O   1 
ATOM   954  C CB  . GLU B 1 55 ? -0.427  -6.405  -9.107  1.00 9.26  ? 55  GLU B CB  1 
ATOM   955  C CG  . GLU B 1 55 ? -0.705  -6.400  -10.561 1.00 25.00 ? 55  GLU B CG  1 
ATOM   956  C CD  . GLU B 1 55 ? -1.738  -5.315  -10.968 1.00 25.00 ? 55  GLU B CD  1 
ATOM   957  O OE1 . GLU B 1 55 ? -2.508  -5.371  -11.937 1.00 10.55 ? 55  GLU B OE1 1 
ATOM   958  O OE2 . GLU B 1 55 ? -1.651  -4.299  -10.114 1.00 25.00 ? 55  GLU B OE2 1 
ATOM   959  N N   . GLU B 1 56 ? -0.750  -5.175  -6.595  1.00 8.04  ? 56  GLU B N   1 
ATOM   960  C CA  . GLU B 1 56 ? -0.839  -4.219  -5.465  1.00 6.47  ? 56  GLU B CA  1 
ATOM   961  C C   . GLU B 1 56 ? -0.783  -4.764  -4.066  1.00 5.65  ? 56  GLU B C   1 
ATOM   962  O O   . GLU B 1 56 ? -1.144  -5.913  -3.688  1.00 5.00  ? 56  GLU B O   1 
ATOM   963  C CB  . GLU B 1 56 ? -2.000  -3.241  -5.631  1.00 5.00  ? 56  GLU B CB  1 
ATOM   964  C CG  . GLU B 1 56 ? -1.883  -1.978  -6.426  1.00 5.00  ? 56  GLU B CG  1 
ATOM   965  C CD  . GLU B 1 56 ? -3.143  -1.234  -6.863  1.00 5.00  ? 56  GLU B CD  1 
ATOM   966  O OE1 . GLU B 1 56 ? -3.589  -1.133  -8.006  1.00 5.00  ? 56  GLU B OE1 1 
ATOM   967  O OE2 . GLU B 1 56 ? -3.777  -0.683  -5.862  1.00 5.00  ? 56  GLU B OE2 1 
ATOM   968  N N   . VAL B 1 57 ? -0.212  -3.958  -3.127  1.00 5.00  ? 57  VAL B N   1 
ATOM   969  C CA  . VAL B 1 57 ? -0.275  -4.517  -1.713  1.00 5.00  ? 57  VAL B CA  1 
ATOM   970  C C   . VAL B 1 57 ? -0.489  -3.393  -0.791  1.00 5.00  ? 57  VAL B C   1 
ATOM   971  O O   . VAL B 1 57 ? -1.115  -2.351  -1.255  1.00 5.00  ? 57  VAL B O   1 
ATOM   972  C CB  . VAL B 1 57 ? 0.339   -5.850  -1.738  1.00 5.00  ? 57  VAL B CB  1 
ATOM   973  C CG1 . VAL B 1 57 ? 1.688   -5.944  -2.532  1.00 5.00  ? 57  VAL B CG1 1 
ATOM   974  C CG2 . VAL B 1 57 ? 0.403   -6.778  -0.564  1.00 5.00  ? 57  VAL B CG2 1 
ATOM   975  N N   . THR B 1 58 ? -0.224  -3.402  0.497   1.00 5.38  ? 58  THR B N   1 
ATOM   976  C CA  . THR B 1 58 ? -0.560  -2.343  1.495   1.00 6.63  ? 58  THR B CA  1 
ATOM   977  C C   . THR B 1 58 ? -0.388  -2.864  2.938   1.00 5.67  ? 58  THR B C   1 
ATOM   978  O O   . THR B 1 58 ? -0.657  -4.050  3.234   1.00 5.00  ? 58  THR B O   1 
ATOM   979  C CB  . THR B 1 58 ? -1.992  -1.814  1.200   1.00 5.00  ? 58  THR B CB  1 
ATOM   980  O OG1 . THR B 1 58 ? -1.887  -0.394  1.076   1.00 5.00  ? 58  THR B OG1 1 
ATOM   981  C CG2 . THR B 1 58 ? -3.054  -2.210  2.142   1.00 5.00  ? 58  THR B CG2 1 
ATOM   982  N N   . CYS B 1 59 ? 0.195   -1.999  3.745   1.00 15.34 ? 59  CYS B N   1 
ATOM   983  C CA  . CYS B 1 59 ? 0.557   -2.144  5.182   1.00 15.00 ? 59  CYS B CA  1 
ATOM   984  C C   . CYS B 1 59 ? -0.119  -0.849  5.768   1.00 10.00 ? 59  CYS B C   1 
ATOM   985  O O   . CYS B 1 59 ? 0.665   0.009   6.003   1.00 10.17 ? 59  CYS B O   1 
ATOM   986  C CB  . CYS B 1 59 ? 1.981   -2.206  5.592   1.00 10.00 ? 59  CYS B CB  1 
ATOM   987  S SG  . CYS B 1 59 ? 3.127   -3.523  5.921   1.00 13.95 ? 59  CYS B SG  1 
ATOM   988  N N   . CYS B 1 60 ? -1.416  -0.839  5.606   1.00 7.50  ? 60  CYS B N   1 
ATOM   989  C CA  . CYS B 1 60 ? -2.299  0.260   6.093   1.00 5.78  ? 60  CYS B CA  1 
ATOM   990  C C   . CYS B 1 60 ? -1.946  0.558   7.552   1.00 5.00  ? 60  CYS B C   1 
ATOM   991  O O   . CYS B 1 60 ? -0.823  0.364   8.007   1.00 5.00  ? 60  CYS B O   1 
ATOM   992  C CB  . CYS B 1 60 ? -3.704  -0.374  5.985   1.00 8.13  ? 60  CYS B CB  1 
ATOM   993  S SG  . CYS B 1 60 ? -4.686  -0.071  7.565   1.00 7.32  ? 60  CYS B SG  1 
ATOM   994  N N   . SER B 1 61 ? -2.944  0.907   8.352   1.00 7.59  ? 61  SER B N   1 
ATOM   995  C CA  . SER B 1 61 ? -2.770  1.100   9.813   1.00 15.36 ? 61  SER B CA  1 
ATOM   996  C C   . SER B 1 61 ? -3.113  2.514   10.253  1.00 21.18 ? 61  SER B C   1 
ATOM   997  O O   . SER B 1 61 ? -2.377  3.195   11.006  1.00 10.59 ? 61  SER B O   1 
ATOM   998  C CB  . SER B 1 61 ? -1.379  0.676   10.191  1.00 25.00 ? 61  SER B CB  1 
ATOM   999  O OG  . SER B 1 61 ? -1.054  0.764   11.571  1.00 25.00 ? 61  SER B OG  1 
ATOM   1000 N N   . THR B 1 62 ? -4.312  2.910   9.841   1.00 16.08 ? 62  THR B N   1 
ATOM   1001 C CA  . THR B 1 62 ? -4.782  4.289   10.141  1.00 13.23 ? 62  THR B CA  1 
ATOM   1002 C C   . THR B 1 62 ? -6.180  4.352   10.723  1.00 20.66 ? 62  THR B C   1 
ATOM   1003 O O   . THR B 1 62 ? -6.686  5.473   11.035  1.00 20.04 ? 62  THR B O   1 
ATOM   1004 C CB  . THR B 1 62 ? -4.596  5.011   8.763   1.00 9.11  ? 62  THR B CB  1 
ATOM   1005 O OG1 . THR B 1 62 ? -5.460  4.264   7.925   1.00 5.00  ? 62  THR B OG1 1 
ATOM   1006 C CG2 . THR B 1 62 ? -3.154  4.886   8.274   1.00 5.00  ? 62  THR B CG2 1 
ATOM   1007 N N   . ASP B 1 63 ? -6.777  3.207   10.964  1.00 15.45 ? 63  ASP B N   1 
ATOM   1008 C CA  . ASP B 1 63 ? -8.165  3.088   11.497  1.00 22.61 ? 63  ASP B CA  1 
ATOM   1009 C C   . ASP B 1 63 ? -8.833  1.761   11.031  1.00 25.00 ? 63  ASP B C   1 
ATOM   1010 O O   . ASP B 1 63 ? -8.646  0.661   11.599  1.00 25.00 ? 63  ASP B O   1 
ATOM   1011 C CB  . ASP B 1 63 ? -8.967  4.179   10.774  1.00 25.00 ? 63  ASP B CB  1 
ATOM   1012 C CG  . ASP B 1 63 ? -9.314  5.353   11.615  1.00 24.37 ? 63  ASP B CG  1 
ATOM   1013 O OD1 . ASP B 1 63 ? -8.858  6.442   11.265  1.00 20.37 ? 63  ASP B OD1 1 
ATOM   1014 O OD2 . ASP B 1 63 ? -10.140 5.023   12.575  1.00 12.78 ? 63  ASP B OD2 1 
ATOM   1015 N N   . LYS B 1 64 ? -9.679  1.937   10.042  1.00 15.23 ? 64  LYS B N   1 
ATOM   1016 C CA  . LYS B 1 64 ? -10.434 0.830   9.343   1.00 9.67  ? 64  LYS B CA  1 
ATOM   1017 C C   . LYS B 1 64 ? -9.494  0.610   8.169   1.00 7.34  ? 64  LYS B C   1 
ATOM   1018 O O   . LYS B 1 64 ? -8.305  0.651   8.617   1.00 17.23 ? 64  LYS B O   1 
ATOM   1019 C CB  . LYS B 1 64 ? -11.804 1.251   8.969   1.00 7.34  ? 64  LYS B CB  1 
ATOM   1020 C CG  . LYS B 1 64 ? -12.693 0.272   8.230   1.00 5.00  ? 64  LYS B CG  1 
ATOM   1021 C CD  . LYS B 1 64 ? -14.186 0.851   8.305   1.00 5.00  ? 64  LYS B CD  1 
ATOM   1022 C CE  . LYS B 1 64 ? -14.427 1.226   9.724   1.00 5.00  ? 64  LYS B CE  1 
ATOM   1023 N NZ  . LYS B 1 64 ? -14.850 0.148   10.536  1.00 19.92 ? 64  LYS B NZ  1 
ATOM   1024 N N   . CYS B 1 65 ? -9.831  0.549   6.900   1.00 5.20  ? 65  CYS B N   1 
ATOM   1025 C CA  . CYS B 1 65 ? -8.765  0.470   5.892   1.00 6.59  ? 65  CYS B CA  1 
ATOM   1026 C C   . CYS B 1 65 ? -9.013  0.097   4.481   1.00 5.00  ? 65  CYS B C   1 
ATOM   1027 O O   . CYS B 1 65 ? -8.775  0.928   3.560   1.00 9.25  ? 65  CYS B O   1 
ATOM   1028 C CB  . CYS B 1 65 ? -7.474  -0.175  6.419   1.00 8.88  ? 65  CYS B CB  1 
ATOM   1029 S SG  . CYS B 1 65 ? -6.199  1.100   6.743   1.00 9.96  ? 65  CYS B SG  1 
ATOM   1030 N N   . ASN B 1 66 ? -9.376  -1.104  4.216   1.00 7.45  ? 66  ASN B N   1 
ATOM   1031 C CA  . ASN B 1 66 ? -9.524  -1.822  2.968   1.00 9.90  ? 66  ASN B CA  1 
ATOM   1032 C C   . ASN B 1 66 ? -10.816 -2.047  2.273   1.00 13.66 ? 66  ASN B C   1 
ATOM   1033 O O   . ASN B 1 66 ? -11.171 -3.221  1.826   1.00 6.83  ? 66  ASN B O   1 
ATOM   1034 C CB  . ASN B 1 66 ? -8.884  -3.197  3.477   1.00 12.16 ? 66  ASN B CB  1 
ATOM   1035 C CG  . ASN B 1 66 ? -9.670  -3.606  4.728   1.00 20.86 ? 66  ASN B CG  1 
ATOM   1036 O OD1 . ASN B 1 66 ? -9.594  -4.744  5.251   1.00 5.19  ? 66  ASN B OD1 1 
ATOM   1037 N ND2 . ASN B 1 66 ? -10.377 -2.620  5.257   1.00 25.00 ? 66  ASN B ND2 1 
ATOM   1038 N N   . HIS B 1 67 ? -11.674 -1.045  2.013   1.00 22.02 ? 67  HIS B N   1 
ATOM   1039 C CA  . HIS B 1 67 ? -12.936 -1.476  1.304   1.00 22.17 ? 67  HIS B CA  1 
ATOM   1040 C C   . HIS B 1 67 ? -12.623 -1.287  -0.197  1.00 23.10 ? 67  HIS B C   1 
ATOM   1041 O O   . HIS B 1 67 ? -12.317 -0.166  -0.620  1.00 25.00 ? 67  HIS B O   1 
ATOM   1042 C CB  . HIS B 1 67 ? -14.228 -0.873  1.683   1.00 18.57 ? 67  HIS B CB  1 
ATOM   1043 C CG  . HIS B 1 67 ? -15.055 -1.452  2.783   1.00 17.83 ? 67  HIS B CG  1 
ATOM   1044 N ND1 . HIS B 1 67 ? -14.502 -1.889  3.957   1.00 25.00 ? 67  HIS B ND1 1 
ATOM   1045 C CD2 . HIS B 1 67 ? -16.428 -1.563  2.883   1.00 19.11 ? 67  HIS B CD2 1 
ATOM   1046 C CE1 . HIS B 1 67 ? -15.527 -2.248  4.725   1.00 25.00 ? 67  HIS B CE1 1 
ATOM   1047 N NE2 . HIS B 1 67 ? -16.717 -2.068  4.130   1.00 10.80 ? 67  HIS B NE2 1 
ATOM   1048 N N   . PRO B 1 68 ? -12.614 -2.429  -0.827  1.00 16.63 ? 68  PRO B N   1 
ATOM   1049 C CA  . PRO B 1 68 ? -12.302 -2.565  -2.262  1.00 6.29  ? 68  PRO B CA  1 
ATOM   1050 C C   . PRO B 1 68 ? -13.211 -1.599  -2.994  1.00 5.00  ? 68  PRO B C   1 
ATOM   1051 O O   . PRO B 1 68 ? -14.369 -1.981  -3.278  1.00 13.40 ? 68  PRO B O   1 
ATOM   1052 C CB  . PRO B 1 68 ? -12.471 -4.029  -2.558  1.00 5.00  ? 68  PRO B CB  1 
ATOM   1053 C CG  . PRO B 1 68 ? -12.068 -4.671  -1.219  1.00 11.52 ? 68  PRO B CG  1 
ATOM   1054 C CD  . PRO B 1 68 ? -12.833 -3.779  -0.206  1.00 5.44  ? 68  PRO B CD  1 
ATOM   1055 N N   . PRO B 1 69 ? -12.703 -0.440  -3.281  1.00 7.94  ? 69  PRO B N   1 
ATOM   1056 C CA  . PRO B 1 69 ? -13.440 0.613   -3.995  1.00 16.78 ? 69  PRO B CA  1 
ATOM   1057 C C   . PRO B 1 69 ? -14.643 0.156   -4.794  1.00 25.00 ? 69  PRO B C   1 
ATOM   1058 O O   . PRO B 1 69 ? -15.844 0.363   -4.293  1.00 25.00 ? 69  PRO B O   1 
ATOM   1059 C CB  . PRO B 1 69 ? -12.355 1.376   -4.757  1.00 13.86 ? 69  PRO B CB  1 
ATOM   1060 C CG  . PRO B 1 69 ? -11.010 1.091   -4.068  1.00 5.00  ? 69  PRO B CG  1 
ATOM   1061 C CD  . PRO B 1 69 ? -11.307 0.077   -2.997  1.00 5.00  ? 69  PRO B CD  1 
ATOM   1062 N N   . LYS B 1 70 ? -14.479 -0.623  -5.860  1.00 25.00 ? 70  LYS B N   1 
ATOM   1063 C CA  . LYS B 1 70 ? -15.425 -1.006  -6.888  1.00 19.33 ? 70  LYS B CA  1 
ATOM   1064 C C   . LYS B 1 70 ? -16.822 -1.470  -6.418  1.00 22.28 ? 70  LYS B C   1 
ATOM   1065 O O   . LYS B 1 70 ? -17.877 -1.312  -7.027  1.00 11.14 ? 70  LYS B O   1 
ATOM   1066 C CB  . LYS B 1 70 ? -15.038 -2.199  -7.799  1.00 12.17 ? 70  LYS B CB  1 
ATOM   1067 C CG  . LYS B 1 70 ? -15.278 -1.952  -9.299  1.00 5.00  ? 70  LYS B CG  1 
ATOM   1068 C CD  . LYS B 1 70 ? -13.902 -1.707  -9.928  1.00 5.00  ? 70  LYS B CD  1 
ATOM   1069 C CE  . LYS B 1 70 ? -13.865 -1.804  -11.422 1.00 5.00  ? 70  LYS B CE  1 
ATOM   1070 N NZ  . LYS B 1 70 ? -15.272 -1.622  -12.039 1.00 5.00  ? 70  LYS B NZ  1 
ATOM   1071 N N   . ARG B 1 71 ? -16.665 -2.134  -5.297  1.00 13.47 ? 71  ARG B N   1 
ATOM   1072 C CA  . ARG B 1 71 ? -17.735 -2.983  -4.773  1.00 22.12 ? 71  ARG B CA  1 
ATOM   1073 C C   . ARG B 1 71 ? -17.558 -2.920  -3.248  1.00 25.00 ? 71  ARG B C   1 
ATOM   1074 O O   . ARG B 1 71 ? -17.638 -1.782  -2.679  1.00 25.00 ? 71  ARG B O   1 
ATOM   1075 C CB  . ARG B 1 71 ? -17.388 -4.402  -5.297  1.00 25.00 ? 71  ARG B CB  1 
ATOM   1076 C CG  . ARG B 1 71 ? -18.242 -5.052  -6.340  1.00 25.00 ? 71  ARG B CG  1 
ATOM   1077 C CD  . ARG B 1 71 ? -19.714 -4.818  -6.332  1.00 10.40 ? 71  ARG B CD  1 
ATOM   1078 N NE  . ARG B 1 71 ? -20.188 -5.031  -4.953  1.00 25.00 ? 71  ARG B NE  1 
ATOM   1079 C CZ  . ARG B 1 71 ? -21.470 -4.923  -4.595  1.00 25.00 ? 71  ARG B CZ  1 
ATOM   1080 N NH1 . ARG B 1 71 ? -22.493 -5.402  -5.318  1.00 25.00 ? 71  ARG B NH1 1 
ATOM   1081 N NH2 . ARG B 1 71 ? -21.755 -3.933  -3.684  1.00 25.00 ? 71  ARG B NH2 1 
ATOM   1082 N N   . GLN B 1 72 ? -17.292 -4.078  -2.698  1.00 25.00 ? 72  GLN B N   1 
ATOM   1083 C CA  . GLN B 1 72 ? -17.067 -4.409  -1.319  1.00 20.88 ? 72  GLN B CA  1 
ATOM   1084 C C   . GLN B 1 72 ? -17.424 -5.933  -1.178  1.00 25.00 ? 72  GLN B C   1 
ATOM   1085 O O   . GLN B 1 72 ? -18.651 -6.183  -1.334  1.00 25.00 ? 72  GLN B O   1 
ATOM   1086 C CB  . GLN B 1 72 ? -17.920 -3.715  -0.258  1.00 14.69 ? 72  GLN B CB  1 
ATOM   1087 C CG  . GLN B 1 72 ? -19.337 -4.258  -0.115  1.00 25.00 ? 72  GLN B CG  1 
ATOM   1088 C CD  . GLN B 1 72 ? -20.242 -3.407  0.739   1.00 25.00 ? 72  GLN B CD  1 
ATOM   1089 O OE1 . GLN B 1 72 ? -20.150 -3.402  1.964   1.00 25.00 ? 72  GLN B OE1 1 
ATOM   1090 N NE2 . GLN B 1 72 ? -21.128 -2.637  0.089   1.00 24.93 ? 72  GLN B NE2 1 
ATOM   1091 N N   . PRO B 1 73 ? -16.434 -6.716  -0.908  1.00 25.00 ? 73  PRO B N   1 
ATOM   1092 C CA  . PRO B 1 73 ? -16.436 -8.128  -0.593  1.00 25.00 ? 73  PRO B CA  1 
ATOM   1093 C C   . PRO B 1 73 ? -17.770 -8.670  -0.066  1.00 25.00 ? 73  PRO B C   1 
ATOM   1094 O O   . PRO B 1 73 ? -18.251 -9.615  -0.750  1.00 25.00 ? 73  PRO B O   1 
ATOM   1095 C CB  . PRO B 1 73 ? -15.374 -8.276  0.538   1.00 25.00 ? 73  PRO B CB  1 
ATOM   1096 C CG  . PRO B 1 73 ? -14.696 -6.910  0.633   1.00 25.00 ? 73  PRO B CG  1 
ATOM   1097 C CD  . PRO B 1 73 ? -14.971 -6.301  -0.753  1.00 25.00 ? 73  PRO B CD  1 
ATOM   1098 N N   . GLY B 1 74 ? -18.339 -8.109  1.008   1.00 25.00 ? 74  GLY B N   1 
ATOM   1099 C CA  . GLY B 1 74 ? -19.628 -8.709  1.515   1.00 25.00 ? 74  GLY B CA  1 
ATOM   1100 C C   . GLY B 1 74 ? -20.517 -7.848  2.392   1.00 25.00 ? 74  GLY B C   1 
ATOM   1101 O O   . GLY B 1 74 ? -21.338 -7.080  1.815   1.00 25.00 ? 74  GLY B O   1 
ATOM   1102 O OXT . GLY B 1 74 ? -20.785 -8.194  3.604   1.00 19.24 ? 74  GLY B OXT 1 
HETATM 1103 O O   . HOH C 2 .  ? 10.719  14.021  1.570   1.00 5.00  ? 200 HOH A O   1 
HETATM 1104 O O   . HOH C 2 .  ? 3.369   3.343   13.780  1.00 5.00  ? 201 HOH A O   1 
HETATM 1105 O O   . HOH C 2 .  ? 13.706  6.345   -18.710 1.00 6.03  ? 202 HOH A O   1 
HETATM 1106 O O   . HOH C 2 .  ? 12.181  10.973  8.813   1.00 5.00  ? 205 HOH A O   1 
HETATM 1107 O O   . HOH C 2 .  ? 14.306  9.978   -3.702  1.00 8.11  ? 209 HOH A O   1 
HETATM 1108 O O   . HOH C 2 .  ? 6.567   26.458  -12.402 1.00 8.07  ? 211 HOH A O   1 
HETATM 1109 O O   . HOH C 2 .  ? 7.950   17.186  -14.520 1.00 7.50  ? 214 HOH A O   1 
HETATM 1110 O O   . HOH C 2 .  ? -7.062  6.595   -9.261  1.00 5.00  ? 215 HOH A O   1 
HETATM 1111 O O   . HOH C 2 .  ? 7.463   -5.098  10.979  1.00 5.00  ? 217 HOH A O   1 
HETATM 1112 O O   . HOH C 2 .  ? 4.704   -4.727  1.703   1.00 5.00  ? 500 HOH A O   1 
HETATM 1113 O O   . HOH D 2 .  ? -6.077  3.899   1.521   1.00 5.00  ? 207 HOH B O   1 
HETATM 1114 O O   . HOH D 2 .  ? -6.065  2.068   -2.834  1.00 10.84 ? 208 HOH B O   1 
HETATM 1115 O O   . HOH D 2 .  ? -2.864  -9.947  -12.357 1.00 5.00  ? 210 HOH B O   1 
HETATM 1116 O O   . HOH D 2 .  ? -0.610  -7.208  -14.021 1.00 25.01 ? 212 HOH B O   1 
HETATM 1117 O O   . HOH D 2 .  ? -4.193  0.228   17.028  1.00 5.00  ? 213 HOH B O   1 
HETATM 1118 O O   . HOH D 2 .  ? -22.589 -6.197  -1.054  1.00 5.00  ? 218 HOH B O   1 
# 
